data_7JHB
# 
_entry.id   7JHB 
# 
_audit_conform.dict_name       mmcif_pdbx.dic 
_audit_conform.dict_version    5.380 
_audit_conform.dict_location   http://mmcif.pdb.org/dictionaries/ascii/mmcif_pdbx.dic 
# 
loop_
_database_2.database_id 
_database_2.database_code 
_database_2.pdbx_database_accession 
_database_2.pdbx_DOI 
PDB   7JHB         pdb_00007jhb 10.2210/pdb7jhb/pdb 
WWPDB D_1000250248 ?            ?                   
# 
_pdbx_database_status.status_code                     REL 
_pdbx_database_status.status_code_sf                  REL 
_pdbx_database_status.status_code_mr                  ? 
_pdbx_database_status.entry_id                        7JHB 
_pdbx_database_status.recvd_initial_deposition_date   2020-07-20 
_pdbx_database_status.SG_entry                        N 
_pdbx_database_status.deposit_site                    RCSB 
_pdbx_database_status.process_site                    RCSB 
_pdbx_database_status.status_code_cs                  ? 
_pdbx_database_status.status_code_nmr_data            ? 
_pdbx_database_status.methods_development_category    ? 
_pdbx_database_status.pdb_format_compatible           Y 
# 
loop_
_audit_author.name 
_audit_author.pdbx_ordinal 
_audit_author.identifier_ORCID 
'Simmons, C.R.'      1 0000-0002-2290-6132 
'MacCulloch, T.'     2 0000-0001-5875-3361 
'Stephanopoulos, N.' 3 0000-0001-7859-410X 
'Yan, H.'            4 0000-0001-7397-9852 
# 
_citation.abstract                  ? 
_citation.abstract_id_CAS           ? 
_citation.book_id_ISBN              ? 
_citation.book_publisher            ? 
_citation.book_publisher_city       ? 
_citation.book_title                ? 
_citation.coordinate_linkage        ? 
_citation.country                   UK 
_citation.database_id_Medline       ? 
_citation.details                   ? 
_citation.id                        primary 
_citation.journal_abbrev            'Nat Commun' 
_citation.journal_id_ASTM           ? 
_citation.journal_id_CSD            ? 
_citation.journal_id_ISSN           2041-1723 
_citation.journal_full              ? 
_citation.journal_issue             ? 
_citation.journal_volume            13 
_citation.language                  ? 
_citation.page_first                3112 
_citation.page_last                 3112 
_citation.title                     'The influence of Holliday junction sequence and dynamics on DNA crystal self-assembly.' 
_citation.year                      2022 
_citation.database_id_CSD           ? 
_citation.pdbx_database_id_DOI      10.1038/s41467-022-30779-6 
_citation.pdbx_database_id_PubMed   35662248 
_citation.unpublished_flag          ? 
# 
loop_
_citation_author.citation_id 
_citation_author.name 
_citation_author.ordinal 
_citation_author.identifier_ORCID 
primary 'Simmons, C.R.'      1  ?                   
primary 'MacCulloch, T.'     2  ?                   
primary 'Krepl, M.'          3  0000-0002-9833-4281 
primary 'Matthies, M.'       4  ?                   
primary 'Buchberger, A.'     5  ?                   
primary 'Crawford, I.'       6  ?                   
primary 'Sponer, J.'         7  0000-0001-6558-6186 
primary 'Sulc, P.'           8  0000-0003-1565-6769 
primary 'Stephanopoulos, N.' 9  0000-0001-7859-410X 
primary 'Yan, H.'            10 0000-0001-7397-9852 
# 
_cell.angle_alpha                  90.000 
_cell.angle_alpha_esd              ? 
_cell.angle_beta                   90.000 
_cell.angle_beta_esd               ? 
_cell.angle_gamma                  120.000 
_cell.angle_gamma_esd              ? 
_cell.entry_id                     7JHB 
_cell.details                      ? 
_cell.formula_units_Z              ? 
_cell.length_a                     68.104 
_cell.length_a_esd                 ? 
_cell.length_b                     68.104 
_cell.length_b_esd                 ? 
_cell.length_c                     57.304 
_cell.length_c_esd                 ? 
_cell.volume                       ? 
_cell.volume_esd                   ? 
_cell.Z_PDB                        3 
_cell.reciprocal_angle_alpha       ? 
_cell.reciprocal_angle_beta        ? 
_cell.reciprocal_angle_gamma       ? 
_cell.reciprocal_angle_alpha_esd   ? 
_cell.reciprocal_angle_beta_esd    ? 
_cell.reciprocal_angle_gamma_esd   ? 
_cell.reciprocal_length_a          ? 
_cell.reciprocal_length_b          ? 
_cell.reciprocal_length_c          ? 
_cell.reciprocal_length_a_esd      ? 
_cell.reciprocal_length_b_esd      ? 
_cell.reciprocal_length_c_esd      ? 
_cell.pdbx_unique_axis             ? 
# 
_symmetry.entry_id                         7JHB 
_symmetry.cell_setting                     ? 
_symmetry.Int_Tables_number                145 
_symmetry.space_group_name_Hall            ? 
_symmetry.space_group_name_H-M             'P 32' 
_symmetry.pdbx_full_space_group_name_H-M   ? 
# 
loop_
_entity.id 
_entity.type 
_entity.src_method 
_entity.pdbx_description 
_entity.formula_weight 
_entity.pdbx_number_of_molecules 
_entity.pdbx_ec 
_entity.pdbx_mutation 
_entity.pdbx_fragment 
_entity.details 
1 polymer     syn 
;DNA (5'-D(*GP*AP*GP*CP*AP*GP*AP*CP*CP*AP*GP*A)-3')
;
3705.445 1 ? ? ? ? 
2 polymer     syn 
;DNA (5'-D(P*CP*GP*TP*CP*AP*CP*TP*CP*A)-3')
;
2675.775 1 ? ? ? ? 
3 polymer     syn 
;DNA (5'-D(P*TP*CP*TP*AP*CP*G)-3')
;
1784.204 1 ? ? ? ? 
4 polymer     syn 
;DNA (5'-D(*TP*CP*TP*GP*AP*GP*TP*GP*GP*GP*TP*CP*TP*GP*C)-3')
;
4631.993 1 ? ? ? ? 
5 non-polymer syn 'CACODYLATE ION'                                              136.989  2 ? ? ? ? 
# 
loop_
_entity_poly.entity_id 
_entity_poly.type 
_entity_poly.nstd_linkage 
_entity_poly.nstd_monomer 
_entity_poly.pdbx_seq_one_letter_code 
_entity_poly.pdbx_seq_one_letter_code_can 
_entity_poly.pdbx_strand_id 
_entity_poly.pdbx_target_identifier 
1 polydeoxyribonucleotide no no '(DG)(DA)(DG)(DC)(DA)(DG)(DA)(DC)(DC)(DA)(DG)(DA)'             GAGCAGACCAGA    A ? 
2 polydeoxyribonucleotide no no '(DC)(DG)(DT)(DC)(DA)(DC)(DT)(DC)(DA)'                         CGTCACTCA       B ? 
3 polydeoxyribonucleotide no no '(DT)(DC)(DT)(DA)(DC)(DG)'                                     TCTACG          C ? 
4 polydeoxyribonucleotide no no '(DT)(DC)(DT)(DG)(DA)(DG)(DT)(DG)(DG)(DG)(DT)(DC)(DT)(DG)(DC)' TCTGAGTGGGTCTGC D ? 
# 
loop_
_entity_poly_seq.entity_id 
_entity_poly_seq.num 
_entity_poly_seq.mon_id 
_entity_poly_seq.hetero 
1 1  DG n 
1 2  DA n 
1 3  DG n 
1 4  DC n 
1 5  DA n 
1 6  DG n 
1 7  DA n 
1 8  DC n 
1 9  DC n 
1 10 DA n 
1 11 DG n 
1 12 DA n 
2 1  DC n 
2 2  DG n 
2 3  DT n 
2 4  DC n 
2 5  DA n 
2 6  DC n 
2 7  DT n 
2 8  DC n 
2 9  DA n 
3 1  DT n 
3 2  DC n 
3 3  DT n 
3 4  DA n 
3 5  DC n 
3 6  DG n 
4 1  DT n 
4 2  DC n 
4 3  DT n 
4 4  DG n 
4 5  DA n 
4 6  DG n 
4 7  DT n 
4 8  DG n 
4 9  DG n 
4 10 DG n 
4 11 DT n 
4 12 DC n 
4 13 DT n 
4 14 DG n 
4 15 DC n 
# 
loop_
_pdbx_entity_src_syn.entity_id 
_pdbx_entity_src_syn.pdbx_src_id 
_pdbx_entity_src_syn.pdbx_alt_source_flag 
_pdbx_entity_src_syn.pdbx_beg_seq_num 
_pdbx_entity_src_syn.pdbx_end_seq_num 
_pdbx_entity_src_syn.organism_scientific 
_pdbx_entity_src_syn.organism_common_name 
_pdbx_entity_src_syn.ncbi_taxonomy_id 
_pdbx_entity_src_syn.details 
1 1 sample 1 12 'synthetic construct' ? 32630 ? 
2 1 sample 1 9  'synthetic construct' ? 32630 ? 
3 1 sample 1 6  'synthetic construct' ? 32630 ? 
4 1 sample 1 15 'synthetic construct' ? 32630 ? 
# 
loop_
_struct_ref.id 
_struct_ref.db_name 
_struct_ref.db_code 
_struct_ref.pdbx_db_accession 
_struct_ref.pdbx_db_isoform 
_struct_ref.entity_id 
_struct_ref.pdbx_seq_one_letter_code 
_struct_ref.pdbx_align_begin 
1 PDB 7JHB 7JHB ? 1 ? 1 
2 PDB 7JHB 7JHB ? 2 ? 1 
3 PDB 7JHB 7JHB ? 3 ? 1 
4 PDB 7JHB 7JHB ? 4 ? 1 
# 
loop_
_struct_ref_seq.align_id 
_struct_ref_seq.ref_id 
_struct_ref_seq.pdbx_PDB_id_code 
_struct_ref_seq.pdbx_strand_id 
_struct_ref_seq.seq_align_beg 
_struct_ref_seq.pdbx_seq_align_beg_ins_code 
_struct_ref_seq.seq_align_end 
_struct_ref_seq.pdbx_seq_align_end_ins_code 
_struct_ref_seq.pdbx_db_accession 
_struct_ref_seq.db_align_beg 
_struct_ref_seq.pdbx_db_align_beg_ins_code 
_struct_ref_seq.db_align_end 
_struct_ref_seq.pdbx_db_align_end_ins_code 
_struct_ref_seq.pdbx_auth_seq_align_beg 
_struct_ref_seq.pdbx_auth_seq_align_end 
1 1 7JHB A 1 ? 12 ? 7JHB 1  ? 12 ? 1  12 
2 2 7JHB B 1 ? 9  ? 7JHB 12 ? 20 ? 12 20 
3 3 7JHB C 1 ? 6  ? 7JHB 0  ? 5  ? 0  5  
4 4 7JHB D 1 ? 15 ? 7JHB 2  ? 16 ? 2  16 
# 
loop_
_chem_comp.id 
_chem_comp.type 
_chem_comp.mon_nstd_flag 
_chem_comp.name 
_chem_comp.pdbx_synonyms 
_chem_comp.formula 
_chem_comp.formula_weight 
CAC non-polymer   . 'CACODYLATE ION'                     dimethylarsinate 'C2 H6 As O2 -1'  136.989 
DA  'DNA linking' y "2'-DEOXYADENOSINE-5'-MONOPHOSPHATE" ?                'C10 H14 N5 O6 P' 331.222 
DC  'DNA linking' y "2'-DEOXYCYTIDINE-5'-MONOPHOSPHATE"  ?                'C9 H14 N3 O7 P'  307.197 
DG  'DNA linking' y "2'-DEOXYGUANOSINE-5'-MONOPHOSPHATE" ?                'C10 H14 N5 O7 P' 347.221 
DT  'DNA linking' y "THYMIDINE-5'-MONOPHOSPHATE"         ?                'C10 H15 N2 O8 P' 322.208 
# 
_exptl.absorpt_coefficient_mu     ? 
_exptl.absorpt_correction_T_max   ? 
_exptl.absorpt_correction_T_min   ? 
_exptl.absorpt_correction_type    ? 
_exptl.absorpt_process_details    ? 
_exptl.entry_id                   7JHB 
_exptl.crystals_number            1 
_exptl.details                    ? 
_exptl.method                     'X-RAY DIFFRACTION' 
_exptl.method_details             ? 
# 
_exptl_crystal.colour                      ? 
_exptl_crystal.density_diffrn              ? 
_exptl_crystal.density_Matthews            6.00 
_exptl_crystal.density_method              ? 
_exptl_crystal.density_percent_sol         79.48 
_exptl_crystal.description                 ? 
_exptl_crystal.F_000                       ? 
_exptl_crystal.id                          1 
_exptl_crystal.preparation                 ? 
_exptl_crystal.size_max                    ? 
_exptl_crystal.size_mid                    ? 
_exptl_crystal.size_min                    ? 
_exptl_crystal.size_rad                    ? 
_exptl_crystal.colour_lustre               ? 
_exptl_crystal.colour_modifier             ? 
_exptl_crystal.colour_primary              ? 
_exptl_crystal.density_meas                ? 
_exptl_crystal.density_meas_esd            ? 
_exptl_crystal.density_meas_gt             ? 
_exptl_crystal.density_meas_lt             ? 
_exptl_crystal.density_meas_temp           ? 
_exptl_crystal.density_meas_temp_esd       ? 
_exptl_crystal.density_meas_temp_gt        ? 
_exptl_crystal.density_meas_temp_lt        ? 
_exptl_crystal.pdbx_crystal_image_url      ? 
_exptl_crystal.pdbx_crystal_image_format   ? 
_exptl_crystal.pdbx_mosaicity              ? 
_exptl_crystal.pdbx_mosaicity_esd          ? 
# 
_exptl_crystal_grow.apparatus       ? 
_exptl_crystal_grow.atmosphere      ? 
_exptl_crystal_grow.crystal_id      1 
_exptl_crystal_grow.details         ? 
_exptl_crystal_grow.method          'VAPOR DIFFUSION, SITTING DROP' 
_exptl_crystal_grow.method_ref      ? 
_exptl_crystal_grow.pH              ? 
_exptl_crystal_grow.pressure        ? 
_exptl_crystal_grow.pressure_esd    ? 
_exptl_crystal_grow.seeding         ? 
_exptl_crystal_grow.seeding_ref     ? 
_exptl_crystal_grow.temp            298 
_exptl_crystal_grow.temp_details    'temperature gradient generated from 60 to 25 C at 0.3 degrees per hour' 
_exptl_crystal_grow.temp_esd        ? 
_exptl_crystal_grow.time            ? 
_exptl_crystal_grow.pdbx_details    
;0.5 mL of 0.05 M Cacodylate pH 6.0 with 15 mM MgCl2, 5.0 mM spermidine, and 2.0 M Li2SO4 was added to the reservoir with 2 uL added to the drop containing 4 uL of DNA stock
;
_exptl_crystal_grow.pdbx_pH_range   ? 
# 
_diffrn.ambient_environment              ? 
_diffrn.ambient_temp                     100 
_diffrn.ambient_temp_details             ? 
_diffrn.ambient_temp_esd                 ? 
_diffrn.crystal_id                       1 
_diffrn.crystal_support                  ? 
_diffrn.crystal_treatment                ? 
_diffrn.details                          ? 
_diffrn.id                               1 
_diffrn.ambient_pressure                 ? 
_diffrn.ambient_pressure_esd             ? 
_diffrn.ambient_pressure_gt              ? 
_diffrn.ambient_pressure_lt              ? 
_diffrn.ambient_temp_gt                  ? 
_diffrn.ambient_temp_lt                  ? 
_diffrn.pdbx_serial_crystal_experiment   N 
# 
_diffrn_detector.details                      ? 
_diffrn_detector.detector                     CCD 
_diffrn_detector.diffrn_id                    1 
_diffrn_detector.type                         'ADSC QUANTUM 210r' 
_diffrn_detector.area_resol_mean              ? 
_diffrn_detector.dtime                        ? 
_diffrn_detector.pdbx_frames_total            ? 
_diffrn_detector.pdbx_collection_time_total   ? 
_diffrn_detector.pdbx_collection_date         2017-08-15 
_diffrn_detector.pdbx_frequency               ? 
# 
_diffrn_radiation.collimation                      ? 
_diffrn_radiation.diffrn_id                        1 
_diffrn_radiation.filter_edge                      ? 
_diffrn_radiation.inhomogeneity                    ? 
_diffrn_radiation.monochromator                    ? 
_diffrn_radiation.polarisn_norm                    ? 
_diffrn_radiation.polarisn_ratio                   ? 
_diffrn_radiation.probe                            ? 
_diffrn_radiation.type                             ? 
_diffrn_radiation.xray_symbol                      ? 
_diffrn_radiation.wavelength_id                    1 
_diffrn_radiation.pdbx_monochromatic_or_laue_m_l   M 
_diffrn_radiation.pdbx_wavelength_list             ? 
_diffrn_radiation.pdbx_wavelength                  ? 
_diffrn_radiation.pdbx_diffrn_protocol             'SINGLE WAVELENGTH' 
_diffrn_radiation.pdbx_analyzer                    ? 
_diffrn_radiation.pdbx_scattering_type             x-ray 
# 
_diffrn_radiation_wavelength.id           1 
_diffrn_radiation_wavelength.wavelength   1 
_diffrn_radiation_wavelength.wt           1.0 
# 
_diffrn_source.current                     ? 
_diffrn_source.details                     ? 
_diffrn_source.diffrn_id                   1 
_diffrn_source.power                       ? 
_diffrn_source.size                        ? 
_diffrn_source.source                      SYNCHROTRON 
_diffrn_source.target                      ? 
_diffrn_source.type                        'APS BEAMLINE 19-BM' 
_diffrn_source.voltage                     ? 
_diffrn_source.take-off_angle              ? 
_diffrn_source.pdbx_wavelength_list        1 
_diffrn_source.pdbx_wavelength             ? 
_diffrn_source.pdbx_synchrotron_beamline   19-BM 
_diffrn_source.pdbx_synchrotron_site       APS 
# 
_reflns.B_iso_Wilson_estimate            91.980 
_reflns.entry_id                         7JHB 
_reflns.data_reduction_details           ? 
_reflns.data_reduction_method            ? 
_reflns.d_resolution_high                3.100 
_reflns.d_resolution_low                 50.000 
_reflns.details                          ? 
_reflns.limit_h_max                      ? 
_reflns.limit_h_min                      ? 
_reflns.limit_k_max                      ? 
_reflns.limit_k_min                      ? 
_reflns.limit_l_max                      ? 
_reflns.limit_l_min                      ? 
_reflns.number_all                       ? 
_reflns.number_obs                       4353 
_reflns.observed_criterion               ? 
_reflns.observed_criterion_F_max         ? 
_reflns.observed_criterion_F_min         ? 
_reflns.observed_criterion_I_max         ? 
_reflns.observed_criterion_I_min         ? 
_reflns.observed_criterion_sigma_F       ? 
_reflns.observed_criterion_sigma_I       ? 
_reflns.percent_possible_obs             81.800 
_reflns.R_free_details                   ? 
_reflns.Rmerge_F_all                     ? 
_reflns.Rmerge_F_obs                     ? 
_reflns.Friedel_coverage                 ? 
_reflns.number_gt                        ? 
_reflns.threshold_expression             ? 
_reflns.pdbx_redundancy                  6.100 
_reflns.pdbx_Rmerge_I_obs                0.115 
_reflns.pdbx_Rmerge_I_all                ? 
_reflns.pdbx_Rsym_value                  ? 
_reflns.pdbx_netI_over_av_sigmaI         ? 
_reflns.pdbx_netI_over_sigmaI            7.300 
_reflns.pdbx_res_netI_over_av_sigmaI_2   ? 
_reflns.pdbx_res_netI_over_sigmaI_2      ? 
_reflns.pdbx_chi_squared                 2.072 
_reflns.pdbx_scaling_rejects             ? 
_reflns.pdbx_d_res_high_opt              ? 
_reflns.pdbx_d_res_low_opt               ? 
_reflns.pdbx_d_res_opt_method            ? 
_reflns.phase_calculation_details        ? 
_reflns.pdbx_Rrim_I_all                  0.125 
_reflns.pdbx_Rpim_I_all                  0.047 
_reflns.pdbx_d_opt                       ? 
_reflns.pdbx_number_measured_all         ? 
_reflns.pdbx_diffrn_id                   1 
_reflns.pdbx_ordinal                     1 
_reflns.pdbx_CC_half                     0.997 
_reflns.pdbx_CC_star                     ? 
_reflns.pdbx_R_split                     ? 
# 
loop_
_reflns_shell.d_res_high 
_reflns_shell.d_res_low 
_reflns_shell.meanI_over_sigI_all 
_reflns_shell.meanI_over_sigI_obs 
_reflns_shell.number_measured_all 
_reflns_shell.number_measured_obs 
_reflns_shell.number_possible 
_reflns_shell.number_unique_all 
_reflns_shell.number_unique_obs 
_reflns_shell.percent_possible_all 
_reflns_shell.percent_possible_obs 
_reflns_shell.Rmerge_F_all 
_reflns_shell.Rmerge_F_obs 
_reflns_shell.Rmerge_I_all 
_reflns_shell.Rmerge_I_obs 
_reflns_shell.meanI_over_sigI_gt 
_reflns_shell.meanI_over_uI_all 
_reflns_shell.meanI_over_uI_gt 
_reflns_shell.number_measured_gt 
_reflns_shell.number_unique_gt 
_reflns_shell.percent_possible_gt 
_reflns_shell.Rmerge_F_gt 
_reflns_shell.Rmerge_I_gt 
_reflns_shell.pdbx_redundancy 
_reflns_shell.pdbx_Rsym_value 
_reflns_shell.pdbx_chi_squared 
_reflns_shell.pdbx_netI_over_sigmaI_all 
_reflns_shell.pdbx_netI_over_sigmaI_obs 
_reflns_shell.pdbx_Rrim_I_all 
_reflns_shell.pdbx_Rpim_I_all 
_reflns_shell.pdbx_rejects 
_reflns_shell.pdbx_ordinal 
_reflns_shell.pdbx_diffrn_id 
_reflns_shell.pdbx_CC_half 
_reflns_shell.pdbx_CC_star 
_reflns_shell.pdbx_R_split 
3.100 3.150  ? ? ? ? ? ? 131 50.000  ? ? ? ? 0.617 ? ? ? ? ? ? ? ? 4.000 ? 1.305 ? ? 0.676 0.268 ? 1  1 0.861 ? ? 
3.150 3.210  ? ? ? ? ? ? 149 56.200  ? ? ? ? 0.239 ? ? ? ? ? ? ? ? 4.400 ? 2.072 ? ? 0.262 0.104 ? 2  1 0.978 ? ? 
3.210 3.270  ? ? ? ? ? ? 154 57.700  ? ? ? ? 0.263 ? ? ? ? ? ? ? ? 3.800 ? 1.724 ? ? 0.289 0.117 ? 3  1 0.984 ? ? 
3.270 3.340  ? ? ? ? ? ? 173 64.600  ? ? ? ? 0.258 ? ? ? ? ? ? ? ? 4.600 ? 1.764 ? ? 0.282 0.112 ? 4  1 0.958 ? ? 
3.340 3.410  ? ? ? ? ? ? 174 63.000  ? ? ? ? 0.270 ? ? ? ? ? ? ? ? 4.500 ? 1.797 ? ? 0.295 0.117 ? 5  1 0.983 ? ? 
3.410 3.490  ? ? ? ? ? ? 167 67.600  ? ? ? ? 0.657 ? ? ? ? ? ? ? ? 5.100 ? 1.395 ? ? 0.716 0.280 ? 6  1 0.840 ? ? 
3.490 3.580  ? ? ? ? ? ? 187 69.500  ? ? ? ? 0.672 ? ? ? ? ? ? ? ? 5.100 ? 1.359 ? ? 0.732 0.285 ? 7  1 0.840 ? ? 
3.580 3.680  ? ? ? ? ? ? 201 73.600  ? ? ? ? 0.773 ? ? ? ? ? ? ? ? 5.100 ? 1.666 ? ? 0.845 0.333 ? 8  1 0.762 ? ? 
3.680 3.780  ? ? ? ? ? ? 210 79.800  ? ? ? ? 0.831 ? ? ? ? ? ? ? ? 5.400 ? 1.485 ? ? 0.904 0.349 ? 9  1 0.808 ? ? 
3.780 3.910  ? ? ? ? ? ? 203 77.200  ? ? ? ? 0.890 ? ? ? ? ? ? ? ? 5.700 ? 1.378 ? ? 0.966 0.370 ? 10 1 0.808 ? ? 
3.910 4.040  ? ? ? ? ? ? 230 88.100  ? ? ? ? 0.818 ? ? ? ? ? ? ? ? 5.700 ? 1.378 ? ? 0.887 0.339 ? 11 1 0.857 ? ? 
4.040 4.210  ? ? ? ? ? ? 267 92.700  ? ? ? ? 0.668 ? ? ? ? ? ? ? ? 6.000 ? 1.572 ? ? 0.725 0.277 ? 12 1 0.810 ? ? 
4.210 4.400  ? ? ? ? ? ? 251 98.800  ? ? ? ? 0.570 ? ? ? ? ? ? ? ? 6.200 ? 1.634 ? ? 0.618 0.235 ? 13 1 0.846 ? ? 
4.400 4.630  ? ? ? ? ? ? 260 99.600  ? ? ? ? 0.661 ? ? ? ? ? ? ? ? 6.700 ? 1.438 ? ? 0.715 0.268 ? 14 1 0.867 ? ? 
4.630 4.920  ? ? ? ? ? ? 281 100.000 ? ? ? ? 0.383 ? ? ? ? ? ? ? ? 7.200 ? 1.525 ? ? 0.413 0.153 ? 15 1 0.964 ? ? 
4.920 5.300  ? ? ? ? ? ? 253 100.000 ? ? ? ? 0.262 ? ? ? ? ? ? ? ? 7.500 ? 1.940 ? ? 0.281 0.102 ? 16 1 0.981 ? ? 
5.300 5.830  ? ? ? ? ? ? 257 100.000 ? ? ? ? 0.153 ? ? ? ? ? ? ? ? 7.700 ? 1.971 ? ? 0.164 0.059 ? 17 1 0.993 ? ? 
5.830 6.670  ? ? ? ? ? ? 269 100.000 ? ? ? ? 0.125 ? ? ? ? ? ? ? ? 7.800 ? 2.043 ? ? 0.134 0.048 ? 18 1 0.995 ? ? 
6.670 8.400  ? ? ? ? ? ? 273 100.000 ? ? ? ? 0.071 ? ? ? ? ? ? ? ? 7.800 ? 3.099 ? ? 0.076 0.027 ? 19 1 0.998 ? ? 
8.400 50.000 ? ? ? ? ? ? 263 97.400  ? ? ? ? 0.057 ? ? ? ? ? ? ? ? 7.400 ? 5.503 ? ? 0.061 0.023 ? 20 1 0.995 ? ? 
# 
_refine.aniso_B[1][1]                            ? 
_refine.aniso_B[1][2]                            ? 
_refine.aniso_B[1][3]                            ? 
_refine.aniso_B[2][2]                            ? 
_refine.aniso_B[2][3]                            ? 
_refine.aniso_B[3][3]                            ? 
_refine.B_iso_max                                195.550 
_refine.B_iso_mean                               99.0017 
_refine.B_iso_min                                44.870 
_refine.correlation_coeff_Fo_to_Fc               ? 
_refine.correlation_coeff_Fo_to_Fc_free          ? 
_refine.details                                  ? 
_refine.diff_density_max                         ? 
_refine.diff_density_max_esd                     ? 
_refine.diff_density_min                         ? 
_refine.diff_density_min_esd                     ? 
_refine.diff_density_rms                         ? 
_refine.diff_density_rms_esd                     ? 
_refine.entry_id                                 7JHB 
_refine.pdbx_refine_id                           'X-RAY DIFFRACTION' 
_refine.ls_abs_structure_details                 ? 
_refine.ls_abs_structure_Flack                   ? 
_refine.ls_abs_structure_Flack_esd               ? 
_refine.ls_abs_structure_Rogers                  ? 
_refine.ls_abs_structure_Rogers_esd              ? 
_refine.ls_d_res_high                            3.1140 
_refine.ls_d_res_low                             34.0520 
_refine.ls_extinction_coef                       ? 
_refine.ls_extinction_coef_esd                   ? 
_refine.ls_extinction_expression                 ? 
_refine.ls_extinction_method                     ? 
_refine.ls_goodness_of_fit_all                   ? 
_refine.ls_goodness_of_fit_all_esd               ? 
_refine.ls_goodness_of_fit_obs                   ? 
_refine.ls_goodness_of_fit_obs_esd               ? 
_refine.ls_hydrogen_treatment                    ? 
_refine.ls_matrix_type                           ? 
_refine.ls_number_constraints                    ? 
_refine.ls_number_parameters                     ? 
_refine.ls_number_reflns_all                     ? 
_refine.ls_number_reflns_obs                     4228 
_refine.ls_number_reflns_R_free                  211 
_refine.ls_number_reflns_R_work                  4017 
_refine.ls_number_restraints                     ? 
_refine.ls_percent_reflns_obs                    79.6100 
_refine.ls_percent_reflns_R_free                 4.9900 
_refine.ls_R_factor_all                          ? 
_refine.ls_R_factor_obs                          0.2724 
_refine.ls_R_factor_R_free                       0.2981 
_refine.ls_R_factor_R_free_error                 ? 
_refine.ls_R_factor_R_free_error_details         ? 
_refine.ls_R_factor_R_work                       0.2709 
_refine.ls_R_Fsqd_factor_obs                     ? 
_refine.ls_R_I_factor_obs                        ? 
_refine.ls_redundancy_reflns_all                 ? 
_refine.ls_redundancy_reflns_obs                 ? 
_refine.ls_restrained_S_all                      ? 
_refine.ls_restrained_S_obs                      ? 
_refine.ls_shift_over_esd_max                    ? 
_refine.ls_shift_over_esd_mean                   ? 
_refine.ls_structure_factor_coef                 ? 
_refine.ls_weighting_details                     ? 
_refine.ls_weighting_scheme                      ? 
_refine.ls_wR_factor_all                         ? 
_refine.ls_wR_factor_obs                         ? 
_refine.ls_wR_factor_R_free                      ? 
_refine.ls_wR_factor_R_work                      ? 
_refine.occupancy_max                            ? 
_refine.occupancy_min                            ? 
_refine.solvent_model_details                    'FLAT BULK SOLVENT MODEL' 
_refine.solvent_model_param_bsol                 ? 
_refine.solvent_model_param_ksol                 ? 
_refine.pdbx_R_complete                          ? 
_refine.ls_R_factor_gt                           ? 
_refine.ls_goodness_of_fit_gt                    ? 
_refine.ls_goodness_of_fit_ref                   ? 
_refine.ls_shift_over_su_max                     ? 
_refine.ls_shift_over_su_max_lt                  ? 
_refine.ls_shift_over_su_mean                    ? 
_refine.ls_shift_over_su_mean_lt                 ? 
_refine.pdbx_ls_sigma_I                          ? 
_refine.pdbx_ls_sigma_F                          1.960 
_refine.pdbx_ls_sigma_Fsqd                       ? 
_refine.pdbx_data_cutoff_high_absF               ? 
_refine.pdbx_data_cutoff_high_rms_absF           ? 
_refine.pdbx_data_cutoff_low_absF                ? 
_refine.pdbx_isotropic_thermal_model             ? 
_refine.pdbx_ls_cross_valid_method               THROUGHOUT 
_refine.pdbx_method_to_determine_struct          'MOLECULAR REPLACEMENT' 
_refine.pdbx_starting_model                      6XNA 
_refine.pdbx_stereochemistry_target_values       ML 
_refine.pdbx_R_Free_selection_details            ? 
_refine.pdbx_stereochem_target_val_spec_case     ? 
_refine.pdbx_overall_ESU_R                       ? 
_refine.pdbx_overall_ESU_R_Free                  ? 
_refine.pdbx_solvent_vdw_probe_radii             1.1100 
_refine.pdbx_solvent_ion_probe_radii             ? 
_refine.pdbx_solvent_shrinkage_radii             0.9000 
_refine.pdbx_real_space_R                        ? 
_refine.pdbx_density_correlation                 ? 
_refine.pdbx_pd_number_of_powder_patterns        ? 
_refine.pdbx_pd_number_of_points                 ? 
_refine.pdbx_pd_meas_number_of_points            ? 
_refine.pdbx_pd_proc_ls_prof_R_factor            ? 
_refine.pdbx_pd_proc_ls_prof_wR_factor           ? 
_refine.pdbx_pd_Marquardt_correlation_coeff      ? 
_refine.pdbx_pd_Fsqrd_R_factor                   ? 
_refine.pdbx_pd_ls_matrix_band_width             ? 
_refine.pdbx_overall_phase_error                 39.3800 
_refine.pdbx_overall_SU_R_free_Cruickshank_DPI   ? 
_refine.pdbx_overall_SU_R_free_Blow_DPI          ? 
_refine.pdbx_overall_SU_R_Blow_DPI               ? 
_refine.pdbx_TLS_residual_ADP_flag               ? 
_refine.pdbx_diffrn_id                           1 
_refine.overall_SU_B                             ? 
_refine.overall_SU_ML                            0.7800 
_refine.overall_SU_R_Cruickshank_DPI             ? 
_refine.overall_SU_R_free                        ? 
_refine.overall_FOM_free_R_set                   ? 
_refine.overall_FOM_work_R_set                   ? 
_refine.pdbx_average_fsc_overall                 ? 
_refine.pdbx_average_fsc_work                    ? 
_refine.pdbx_average_fsc_free                    ? 
# 
_refine_hist.pdbx_refine_id                   'X-RAY DIFFRACTION' 
_refine_hist.cycle_id                         final 
_refine_hist.details                          ? 
_refine_hist.d_res_high                       3.1140 
_refine_hist.d_res_low                        34.0520 
_refine_hist.number_atoms_solvent             0 
_refine_hist.number_atoms_total               857 
_refine_hist.number_reflns_all                ? 
_refine_hist.number_reflns_obs                ? 
_refine_hist.number_reflns_R_free             ? 
_refine_hist.number_reflns_R_work             ? 
_refine_hist.R_factor_all                     ? 
_refine_hist.R_factor_obs                     ? 
_refine_hist.R_factor_R_free                  ? 
_refine_hist.R_factor_R_work                  ? 
_refine_hist.pdbx_number_residues_total       42 
_refine_hist.pdbx_B_iso_mean_ligand           151.68 
_refine_hist.pdbx_B_iso_mean_solvent          ? 
_refine_hist.pdbx_number_atoms_protein        0 
_refine_hist.pdbx_number_atoms_nucleic_acid   855 
_refine_hist.pdbx_number_atoms_ligand         2 
_refine_hist.pdbx_number_atoms_lipid          ? 
_refine_hist.pdbx_number_atoms_carb           ? 
_refine_hist.pdbx_pseudo_atom_details         ? 
# 
loop_
_refine_ls_restr.pdbx_refine_id 
_refine_ls_restr.criterion 
_refine_ls_restr.dev_ideal 
_refine_ls_restr.dev_ideal_target 
_refine_ls_restr.number 
_refine_ls_restr.rejects 
_refine_ls_restr.type 
_refine_ls_restr.weight 
_refine_ls_restr.pdbx_restraint_function 
'X-RAY DIFFRACTION' ? 0.005  ? 956  ? f_bond_d           ? ? 
'X-RAY DIFFRACTION' ? 0.621  ? 1467 ? f_angle_d          ? ? 
'X-RAY DIFFRACTION' ? 0.029  ? 166  ? f_chiral_restr     ? ? 
'X-RAY DIFFRACTION' ? 0.003  ? 42   ? f_plane_restr      ? ? 
'X-RAY DIFFRACTION' ? 34.119 ? 406  ? f_dihedral_angle_d ? ? 
# 
loop_
_refine_ls_shell.pdbx_refine_id 
_refine_ls_shell.d_res_high 
_refine_ls_shell.d_res_low 
_refine_ls_shell.number_reflns_all 
_refine_ls_shell.number_reflns_obs 
_refine_ls_shell.number_reflns_R_free 
_refine_ls_shell.number_reflns_R_work 
_refine_ls_shell.percent_reflns_obs 
_refine_ls_shell.percent_reflns_R_free 
_refine_ls_shell.R_factor_all 
_refine_ls_shell.R_factor_obs 
_refine_ls_shell.R_factor_R_free 
_refine_ls_shell.R_factor_R_free_error 
_refine_ls_shell.R_factor_R_work 
_refine_ls_shell.redundancy_reflns_all 
_refine_ls_shell.redundancy_reflns_obs 
_refine_ls_shell.wR_factor_all 
_refine_ls_shell.wR_factor_obs 
_refine_ls_shell.wR_factor_R_free 
_refine_ls_shell.wR_factor_R_work 
_refine_ls_shell.pdbx_R_complete 
_refine_ls_shell.pdbx_total_number_of_bins_used 
_refine_ls_shell.pdbx_phase_error 
_refine_ls_shell.pdbx_fsc_work 
_refine_ls_shell.pdbx_fsc_free 
'X-RAY DIFFRACTION' 3.1144 3.9229 . . 78  1565 62.0000 . . . 0.4879 0.0000 0.3775 . . . . . . . . . . . 
'X-RAY DIFFRACTION' 3.9229 34.052 . . 133 2452 97.0000 . . . 0.2698 0.0000 0.2470 . . . . . . . . . . . 
# 
_struct.entry_id                     7JHB 
_struct.title                        
'Self-assembly of a 3D DNA crystal lattice (4x6 junction version) containing the J24 immobile Holliday junction' 
_struct.pdbx_model_details           ? 
_struct.pdbx_formula_weight          ? 
_struct.pdbx_formula_weight_method   ? 
_struct.pdbx_model_type_details      ? 
_struct.pdbx_CASP_flag               N 
# 
_struct_keywords.entry_id        7JHB 
_struct_keywords.text            
'Structural DNA nanotechnology, immobile Holliday junctions, 3D DNA self-assembly, designer DNA crystals, DNA' 
_struct_keywords.pdbx_keywords   DNA 
# 
loop_
_struct_asym.id 
_struct_asym.pdbx_blank_PDB_chainid_flag 
_struct_asym.pdbx_modified 
_struct_asym.entity_id 
_struct_asym.details 
A N N 1 ? 
B N N 2 ? 
C N N 3 ? 
D N N 4 ? 
E N N 5 ? 
F N N 5 ? 
# 
loop_
_struct_conn.id 
_struct_conn.conn_type_id 
_struct_conn.pdbx_leaving_atom_flag 
_struct_conn.pdbx_PDB_id 
_struct_conn.ptnr1_label_asym_id 
_struct_conn.ptnr1_label_comp_id 
_struct_conn.ptnr1_label_seq_id 
_struct_conn.ptnr1_label_atom_id 
_struct_conn.pdbx_ptnr1_label_alt_id 
_struct_conn.pdbx_ptnr1_PDB_ins_code 
_struct_conn.pdbx_ptnr1_standard_comp_id 
_struct_conn.ptnr1_symmetry 
_struct_conn.ptnr2_label_asym_id 
_struct_conn.ptnr2_label_comp_id 
_struct_conn.ptnr2_label_seq_id 
_struct_conn.ptnr2_label_atom_id 
_struct_conn.pdbx_ptnr2_label_alt_id 
_struct_conn.pdbx_ptnr2_PDB_ins_code 
_struct_conn.ptnr1_auth_asym_id 
_struct_conn.ptnr1_auth_comp_id 
_struct_conn.ptnr1_auth_seq_id 
_struct_conn.ptnr2_auth_asym_id 
_struct_conn.ptnr2_auth_comp_id 
_struct_conn.ptnr2_auth_seq_id 
_struct_conn.ptnr2_symmetry 
_struct_conn.pdbx_ptnr3_label_atom_id 
_struct_conn.pdbx_ptnr3_label_seq_id 
_struct_conn.pdbx_ptnr3_label_comp_id 
_struct_conn.pdbx_ptnr3_label_asym_id 
_struct_conn.pdbx_ptnr3_label_alt_id 
_struct_conn.pdbx_ptnr3_PDB_ins_code 
_struct_conn.details 
_struct_conn.pdbx_dist_value 
_struct_conn.pdbx_value_order 
_struct_conn.pdbx_role 
hydrog1  hydrog ? ? A DG 3  N1 ? ? ? 1_555 D DC 15 N3 ? ? A DG 3  D DC 16 1_555 ? ? ? ? ? ? WATSON-CRICK ? ? ? 
hydrog2  hydrog ? ? A DG 3  N2 ? ? ? 1_555 D DC 15 O2 ? ? A DG 3  D DC 16 1_555 ? ? ? ? ? ? WATSON-CRICK ? ? ? 
hydrog3  hydrog ? ? A DG 3  O6 ? ? ? 1_555 D DC 15 N4 ? ? A DG 3  D DC 16 1_555 ? ? ? ? ? ? WATSON-CRICK ? ? ? 
hydrog4  hydrog ? ? A DC 4  O2 ? ? ? 1_555 D DG 14 N2 ? ? A DC 4  D DG 15 1_555 ? ? ? ? ? ? 'DC-DG PAIR' ? ? ? 
hydrog5  hydrog ? ? A DA 5  N1 ? ? ? 1_555 D DT 13 N3 ? ? A DA 5  D DT 14 1_555 ? ? ? ? ? ? WATSON-CRICK ? ? ? 
hydrog6  hydrog ? ? A DA 5  N6 ? ? ? 1_555 D DT 13 O4 ? ? A DA 5  D DT 14 1_555 ? ? ? ? ? ? WATSON-CRICK ? ? ? 
hydrog7  hydrog ? ? A DG 6  O6 ? ? ? 1_555 D DC 12 N4 ? ? A DG 6  D DC 13 1_555 ? ? ? ? ? ? 'DG-DC PAIR' ? ? ? 
hydrog8  hydrog ? ? A DC 8  N3 ? ? ? 1_555 D DG 10 N1 ? ? A DC 8  D DG 11 1_555 ? ? ? ? ? ? WATSON-CRICK ? ? ? 
hydrog9  hydrog ? ? A DC 8  N4 ? ? ? 1_555 D DG 10 O6 ? ? A DC 8  D DG 11 1_555 ? ? ? ? ? ? WATSON-CRICK ? ? ? 
hydrog10 hydrog ? ? A DC 8  O2 ? ? ? 1_555 D DG 10 N2 ? ? A DC 8  D DG 11 1_555 ? ? ? ? ? ? WATSON-CRICK ? ? ? 
hydrog11 hydrog ? ? A DC 9  N3 ? ? ? 1_555 D DG 9  N1 ? ? A DC 9  D DG 10 1_555 ? ? ? ? ? ? WATSON-CRICK ? ? ? 
hydrog12 hydrog ? ? A DC 9  N4 ? ? ? 1_555 D DG 9  O6 ? ? A DC 9  D DG 10 1_555 ? ? ? ? ? ? WATSON-CRICK ? ? ? 
hydrog13 hydrog ? ? A DC 9  O2 ? ? ? 1_555 D DG 9  N2 ? ? A DC 9  D DG 10 1_555 ? ? ? ? ? ? WATSON-CRICK ? ? ? 
hydrog14 hydrog ? ? A DA 10 N1 ? ? ? 1_555 C DT 3  N3 ? ? A DA 10 C DT 2  1_555 ? ? ? ? ? ? WATSON-CRICK ? ? ? 
hydrog15 hydrog ? ? A DA 10 N6 ? ? ? 1_555 C DT 3  O4 ? ? A DA 10 C DT 2  1_555 ? ? ? ? ? ? WATSON-CRICK ? ? ? 
hydrog16 hydrog ? ? A DG 11 N1 ? ? ? 1_555 C DC 2  N3 ? ? A DG 11 C DC 1  1_555 ? ? ? ? ? ? WATSON-CRICK ? ? ? 
hydrog17 hydrog ? ? A DG 11 N2 ? ? ? 1_555 C DC 2  O2 ? ? A DG 11 C DC 1  1_555 ? ? ? ? ? ? WATSON-CRICK ? ? ? 
hydrog18 hydrog ? ? A DG 11 O6 ? ? ? 1_555 C DC 2  N4 ? ? A DG 11 C DC 1  1_555 ? ? ? ? ? ? WATSON-CRICK ? ? ? 
hydrog19 hydrog ? ? A DA 12 N1 ? ? ? 1_555 C DT 1  N3 ? ? A DA 12 C DT 0  1_555 ? ? ? ? ? ? WATSON-CRICK ? ? ? 
hydrog20 hydrog ? ? A DA 12 N6 ? ? ? 1_555 C DT 1  O4 ? ? A DA 12 C DT 0  1_555 ? ? ? ? ? ? WATSON-CRICK ? ? ? 
hydrog21 hydrog ? ? B DC 1  N3 ? ? ? 1_555 C DG 6  N1 ? ? B DC 12 C DG 5  1_555 ? ? ? ? ? ? WATSON-CRICK ? ? ? 
hydrog22 hydrog ? ? B DC 1  N4 ? ? ? 1_555 C DG 6  O6 ? ? B DC 12 C DG 5  1_555 ? ? ? ? ? ? WATSON-CRICK ? ? ? 
hydrog23 hydrog ? ? B DC 1  O2 ? ? ? 1_555 C DG 6  N2 ? ? B DC 12 C DG 5  1_555 ? ? ? ? ? ? WATSON-CRICK ? ? ? 
hydrog24 hydrog ? ? B DG 2  N1 ? ? ? 1_555 C DC 5  N3 ? ? B DG 13 C DC 4  1_555 ? ? ? ? ? ? WATSON-CRICK ? ? ? 
hydrog25 hydrog ? ? B DG 2  N2 ? ? ? 1_555 C DC 5  O2 ? ? B DG 13 C DC 4  1_555 ? ? ? ? ? ? WATSON-CRICK ? ? ? 
hydrog26 hydrog ? ? B DG 2  O6 ? ? ? 1_555 C DC 5  N4 ? ? B DG 13 C DC 4  1_555 ? ? ? ? ? ? WATSON-CRICK ? ? ? 
hydrog27 hydrog ? ? B DT 3  N3 ? ? ? 1_555 C DA 4  N1 ? ? B DT 14 C DA 3  1_555 ? ? ? ? ? ? WATSON-CRICK ? ? ? 
hydrog28 hydrog ? ? B DT 3  O4 ? ? ? 1_555 C DA 4  N6 ? ? B DT 14 C DA 3  1_555 ? ? ? ? ? ? WATSON-CRICK ? ? ? 
hydrog29 hydrog ? ? B DC 4  N3 ? ? ? 1_555 D DG 8  N1 ? ? B DC 15 D DG 9  1_555 ? ? ? ? ? ? WATSON-CRICK ? ? ? 
hydrog30 hydrog ? ? B DC 4  N4 ? ? ? 1_555 D DG 8  O6 ? ? B DC 15 D DG 9  1_555 ? ? ? ? ? ? WATSON-CRICK ? ? ? 
hydrog31 hydrog ? ? B DC 4  O2 ? ? ? 1_555 D DG 8  N2 ? ? B DC 15 D DG 9  1_555 ? ? ? ? ? ? WATSON-CRICK ? ? ? 
hydrog32 hydrog ? ? B DA 5  N1 ? ? ? 1_555 D DT 7  N3 ? ? B DA 16 D DT 8  1_555 ? ? ? ? ? ? WATSON-CRICK ? ? ? 
hydrog33 hydrog ? ? B DA 5  N6 ? ? ? 1_555 D DT 7  O4 ? ? B DA 16 D DT 8  1_555 ? ? ? ? ? ? WATSON-CRICK ? ? ? 
hydrog34 hydrog ? ? B DC 6  N3 ? ? ? 1_555 D DG 6  N1 ? ? B DC 17 D DG 7  1_555 ? ? ? ? ? ? WATSON-CRICK ? ? ? 
hydrog35 hydrog ? ? B DC 6  N4 ? ? ? 1_555 D DG 6  O6 ? ? B DC 17 D DG 7  1_555 ? ? ? ? ? ? WATSON-CRICK ? ? ? 
hydrog36 hydrog ? ? B DC 6  O2 ? ? ? 1_555 D DG 6  N2 ? ? B DC 17 D DG 7  1_555 ? ? ? ? ? ? WATSON-CRICK ? ? ? 
hydrog37 hydrog ? ? B DT 7  N3 ? ? ? 1_555 D DA 5  N1 ? ? B DT 18 D DA 6  1_555 ? ? ? ? ? ? WATSON-CRICK ? ? ? 
hydrog38 hydrog ? ? B DT 7  O4 ? ? ? 1_555 D DA 5  N6 ? ? B DT 18 D DA 6  1_555 ? ? ? ? ? ? WATSON-CRICK ? ? ? 
hydrog39 hydrog ? ? B DC 8  N3 ? ? ? 1_555 D DG 4  N1 ? ? B DC 19 D DG 5  1_555 ? ? ? ? ? ? WATSON-CRICK ? ? ? 
hydrog40 hydrog ? ? B DC 8  N4 ? ? ? 1_555 D DG 4  O6 ? ? B DC 19 D DG 5  1_555 ? ? ? ? ? ? WATSON-CRICK ? ? ? 
hydrog41 hydrog ? ? B DC 8  O2 ? ? ? 1_555 D DG 4  N2 ? ? B DC 19 D DG 5  1_555 ? ? ? ? ? ? WATSON-CRICK ? ? ? 
# 
_struct_conn_type.id          hydrog 
_struct_conn_type.criteria    ? 
_struct_conn_type.reference   ? 
# 
_atom_sites.entry_id                    7JHB 
_atom_sites.Cartn_transf_matrix[1][1]   ? 
_atom_sites.Cartn_transf_matrix[1][2]   ? 
_atom_sites.Cartn_transf_matrix[1][3]   ? 
_atom_sites.Cartn_transf_matrix[2][1]   ? 
_atom_sites.Cartn_transf_matrix[2][2]   ? 
_atom_sites.Cartn_transf_matrix[2][3]   ? 
_atom_sites.Cartn_transf_matrix[3][1]   ? 
_atom_sites.Cartn_transf_matrix[3][2]   ? 
_atom_sites.Cartn_transf_matrix[3][3]   ? 
_atom_sites.Cartn_transf_vector[1]      ? 
_atom_sites.Cartn_transf_vector[2]      ? 
_atom_sites.Cartn_transf_vector[3]      ? 
_atom_sites.fract_transf_matrix[1][1]   -0.00479523 
_atom_sites.fract_transf_matrix[1][2]   -0.00813909 
_atom_sites.fract_transf_matrix[1][3]   -0.01407874 
_atom_sites.fract_transf_matrix[2][1]   -0.01176831 
_atom_sites.fract_transf_matrix[2][2]   0.00680346 
_atom_sites.fract_transf_matrix[2][3]   -0.01013370 
_atom_sites.fract_transf_matrix[3][1]   0.01249596 
_atom_sites.fract_transf_matrix[3][2]   0.00820778 
_atom_sites.fract_transf_matrix[3][3]   -0.00900115 
_atom_sites.fract_transf_vector[1]      0.179710 
_atom_sites.fract_transf_vector[2]      -0.135790 
_atom_sites.fract_transf_vector[3]      -0.106210 
_atom_sites.solution_primary            ? 
_atom_sites.solution_secondary          ? 
_atom_sites.solution_hydrogens          ? 
_atom_sites.special_details             ? 
# 
loop_
_atom_type.symbol 
AS 
C  
N  
O  
P  
# 
loop_
_atom_site.group_PDB 
_atom_site.id 
_atom_site.type_symbol 
_atom_site.label_atom_id 
_atom_site.label_alt_id 
_atom_site.label_comp_id 
_atom_site.label_asym_id 
_atom_site.label_entity_id 
_atom_site.label_seq_id 
_atom_site.pdbx_PDB_ins_code 
_atom_site.Cartn_x 
_atom_site.Cartn_y 
_atom_site.Cartn_z 
_atom_site.occupancy 
_atom_site.B_iso_or_equiv 
_atom_site.pdbx_formal_charge 
_atom_site.auth_seq_id 
_atom_site.auth_comp_id 
_atom_site.auth_asym_id 
_atom_site.auth_atom_id 
_atom_site.pdbx_PDB_model_num 
ATOM   1   O  "O5'" . DG  A 1 1  ? 7.517   -5.062  -23.177 1.00 119.64 ? 1   DG  A "O5'" 1 
ATOM   2   C  "C5'" . DG  A 1 1  ? 6.507   -5.612  -24.013 1.00 110.98 ? 1   DG  A "C5'" 1 
ATOM   3   C  "C4'" . DG  A 1 1  ? 5.979   -6.907  -23.426 1.00 114.38 ? 1   DG  A "C4'" 1 
ATOM   4   O  "O4'" . DG  A 1 1  ? 7.075   -7.819  -23.241 1.00 111.50 ? 1   DG  A "O4'" 1 
ATOM   5   C  "C3'" . DG  A 1 1  ? 5.350   -6.768  -22.053 1.00 116.34 ? 1   DG  A "C3'" 1 
ATOM   6   O  "O3'" . DG  A 1 1  ? 3.965   -6.487  -22.191 1.00 124.50 ? 1   DG  A "O3'" 1 
ATOM   7   C  "C2'" . DG  A 1 1  ? 5.572   -8.144  -21.420 1.00 104.62 ? 1   DG  A "C2'" 1 
ATOM   8   C  "C1'" . DG  A 1 1  ? 6.772   -8.710  -22.191 1.00 103.86 ? 1   DG  A "C1'" 1 
ATOM   9   N  N9    . DG  A 1 1  ? 7.971   -8.889  -21.376 1.00 101.49 ? 1   DG  A N9    1 
ATOM   10  C  C8    . DG  A 1 1  ? 9.217   -8.357  -21.607 1.00 96.75  ? 1   DG  A C8    1 
ATOM   11  N  N7    . DG  A 1 1  ? 10.099  -8.696  -20.710 1.00 89.86  ? 1   DG  A N7    1 
ATOM   12  C  C5    . DG  A 1 1  ? 9.396   -9.506  -19.828 1.00 99.65  ? 1   DG  A C5    1 
ATOM   13  C  C6    . DG  A 1 1  ? 9.826   -10.168 -18.654 1.00 99.52  ? 1   DG  A C6    1 
ATOM   14  O  O6    . DG  A 1 1  ? 10.955  -10.172 -18.143 1.00 89.54  ? 1   DG  A O6    1 
ATOM   15  N  N1    . DG  A 1 1  ? 8.789   -10.885 -18.060 1.00 104.99 ? 1   DG  A N1    1 
ATOM   16  C  C2    . DG  A 1 1  ? 7.502   -10.952 -18.538 1.00 102.60 ? 1   DG  A C2    1 
ATOM   17  N  N2    . DG  A 1 1  ? 6.638   -11.693 -17.828 1.00 98.83  ? 1   DG  A N2    1 
ATOM   18  N  N3    . DG  A 1 1  ? 7.088   -10.338 -19.636 1.00 100.14 ? 1   DG  A N3    1 
ATOM   19  C  C4    . DG  A 1 1  ? 8.083   -9.635  -20.227 1.00 103.32 ? 1   DG  A C4    1 
ATOM   20  P  P     . DA  A 1 2  ? 3.210   -5.580  -21.100 1.00 114.42 ? 2   DA  A P     1 
ATOM   21  O  OP1   . DA  A 1 2  ? 1.834   -5.356  -21.597 1.00 106.13 ? 2   DA  A OP1   1 
ATOM   22  O  OP2   . DA  A 1 2  ? 4.090   -4.431  -20.794 1.00 119.94 ? 2   DA  A OP2   1 
ATOM   23  O  "O5'" . DA  A 1 2  ? 3.151   -6.508  -19.797 1.00 108.33 ? 2   DA  A "O5'" 1 
ATOM   24  C  "C5'" . DA  A 1 2  ? 2.387   -7.708  -19.811 1.00 101.67 ? 2   DA  A "C5'" 1 
ATOM   25  C  "C4'" . DA  A 1 2  ? 2.586   -8.490  -18.524 1.00 104.02 ? 2   DA  A "C4'" 1 
ATOM   26  O  "O4'" . DA  A 1 2  ? 3.998   -8.770  -18.341 1.00 103.87 ? 2   DA  A "O4'" 1 
ATOM   27  C  "C3'" . DA  A 1 2  ? 2.128   -7.770  -17.251 1.00 115.85 ? 2   DA  A "C3'" 1 
ATOM   28  O  "O3'" . DA  A 1 2  ? 1.470   -8.683  -16.381 1.00 119.16 ? 2   DA  A "O3'" 1 
ATOM   29  C  "C2'" . DA  A 1 2  ? 3.435   -7.271  -16.645 1.00 113.12 ? 2   DA  A "C2'" 1 
ATOM   30  C  "C1'" . DA  A 1 2  ? 4.388   -8.382  -17.044 1.00 105.08 ? 2   DA  A "C1'" 1 
ATOM   31  N  N9    . DA  A 1 2  ? 5.785   -7.961  -17.083 1.00 106.39 ? 2   DA  A N9    1 
ATOM   32  C  C8    . DA  A 1 2  ? 6.363   -7.103  -17.976 1.00 106.42 ? 2   DA  A C8    1 
ATOM   33  N  N7    . DA  A 1 2  ? 7.643   -6.905  -17.765 1.00 100.89 ? 2   DA  A N7    1 
ATOM   34  C  C5    . DA  A 1 2  ? 7.921   -7.689  -16.658 1.00 101.11 ? 2   DA  A C5    1 
ATOM   35  C  C6    . DA  A 1 2  ? 9.105   -7.922  -15.931 1.00 105.38 ? 2   DA  A C6    1 
ATOM   36  N  N6    . DA  A 1 2  ? 10.277  -7.357  -16.233 1.00 98.40  ? 2   DA  A N6    1 
ATOM   37  N  N1    . DA  A 1 2  ? 9.037   -8.760  -14.878 1.00 105.02 ? 2   DA  A N1    1 
ATOM   38  C  C2    . DA  A 1 2  ? 7.861   -9.322  -14.577 1.00 101.30 ? 2   DA  A C2    1 
ATOM   39  N  N3    . DA  A 1 2  ? 6.687   -9.183  -15.184 1.00 102.88 ? 2   DA  A N3    1 
ATOM   40  C  C4    . DA  A 1 2  ? 6.785   -8.345  -16.225 1.00 103.91 ? 2   DA  A C4    1 
ATOM   41  P  P     . DG  A 1 3  ? 0.847   -8.164  -14.993 1.00 120.19 ? 3   DG  A P     1 
ATOM   42  O  OP1   . DG  A 1 3  ? -0.315  -9.023  -14.674 1.00 124.47 ? 3   DG  A OP1   1 
ATOM   43  O  OP2   . DG  A 1 3  ? 0.666   -6.700  -15.102 1.00 100.24 ? 3   DG  A OP2   1 
ATOM   44  O  "O5'" . DG  A 1 3  ? 2.006   -8.428  -13.921 1.00 112.57 ? 3   DG  A "O5'" 1 
ATOM   45  C  "C5'" . DG  A 1 3  ? 2.414   -9.759  -13.625 1.00 114.90 ? 3   DG  A "C5'" 1 
ATOM   46  C  "C4'" . DG  A 1 3  ? 3.236   -9.807  -12.346 1.00 118.42 ? 3   DG  A "C4'" 1 
ATOM   47  O  "O4'" . DG  A 1 3  ? 4.585   -9.346  -12.613 1.00 115.32 ? 3   DG  A "O4'" 1 
ATOM   48  C  "C3'" . DG  A 1 3  ? 2.714   -8.941  -11.204 1.00 121.45 ? 3   DG  A "C3'" 1 
ATOM   49  O  "O3'" . DG  A 1 3  ? 2.934   -9.602  -9.965  1.00 128.39 ? 3   DG  A "O3'" 1 
ATOM   50  C  "C2'" . DG  A 1 3  ? 3.554   -7.670  -11.324 1.00 117.28 ? 3   DG  A "C2'" 1 
ATOM   51  C  "C1'" . DG  A 1 3  ? 4.886   -8.223  -11.808 1.00 111.60 ? 3   DG  A "C1'" 1 
ATOM   52  N  N9    . DG  A 1 3  ? 5.647   -7.284  -12.626 1.00 107.30 ? 3   DG  A N9    1 
ATOM   53  C  C8    . DG  A 1 3  ? 5.179   -6.534  -13.677 1.00 106.31 ? 3   DG  A C8    1 
ATOM   54  N  N7    . DG  A 1 3  ? 6.096   -5.793  -14.236 1.00 107.52 ? 3   DG  A N7    1 
ATOM   55  C  C5    . DG  A 1 3  ? 7.248   -6.076  -13.513 1.00 106.70 ? 3   DG  A C5    1 
ATOM   56  C  C6    . DG  A 1 3  ? 8.563   -5.572  -13.659 1.00 99.30  ? 3   DG  A C6    1 
ATOM   57  O  O6    . DG  A 1 3  ? 8.983   -4.748  -14.484 1.00 98.92  ? 3   DG  A O6    1 
ATOM   58  N  N1    . DG  A 1 3  ? 9.432   -6.122  -12.719 1.00 102.36 ? 3   DG  A N1    1 
ATOM   59  C  C2    . DG  A 1 3  ? 9.074   -7.041  -11.761 1.00 101.02 ? 3   DG  A C2    1 
ATOM   60  N  N2    . DG  A 1 3  ? 10.048  -7.453  -10.940 1.00 100.70 ? 3   DG  A N2    1 
ATOM   61  N  N3    . DG  A 1 3  ? 7.846   -7.521  -11.614 1.00 98.49  ? 3   DG  A N3    1 
ATOM   62  C  C4    . DG  A 1 3  ? 6.988   -6.993  -12.519 1.00 105.17 ? 3   DG  A C4    1 
ATOM   63  P  P     . DC  A 1 4  ? 2.264   -9.048  -8.615  1.00 127.63 ? 4   DC  A P     1 
ATOM   64  O  OP1   . DC  A 1 4  ? 1.631   -10.198 -7.932  1.00 139.74 ? 4   DC  A OP1   1 
ATOM   65  O  OP2   . DC  A 1 4  ? 1.450   -7.860  -8.958  1.00 121.06 ? 4   DC  A OP2   1 
ATOM   66  O  "O5'" . DC  A 1 4  ? 3.515   -8.565  -7.746  1.00 108.24 ? 4   DC  A "O5'" 1 
ATOM   67  C  "C5'" . DC  A 1 4  ? 4.597   -9.459  -7.507  1.00 120.54 ? 4   DC  A "C5'" 1 
ATOM   68  C  "C4'" . DC  A 1 4  ? 5.808   -8.716  -6.976  1.00 122.78 ? 4   DC  A "C4'" 1 
ATOM   69  O  "O4'" . DC  A 1 4  ? 6.421   -7.953  -8.050  1.00 122.26 ? 4   DC  A "O4'" 1 
ATOM   70  C  "C3'" . DC  A 1 4  ? 5.512   -7.715  -5.855  1.00 130.17 ? 4   DC  A "C3'" 1 
ATOM   71  O  "O3'" . DC  A 1 4  ? 6.471   -7.854  -4.811  1.00 132.18 ? 4   DC  A "O3'" 1 
ATOM   72  C  "C2'" . DC  A 1 4  ? 5.632   -6.359  -6.550  1.00 127.15 ? 4   DC  A "C2'" 1 
ATOM   73  C  "C1'" . DC  A 1 4  ? 6.696   -6.651  -7.593  1.00 124.93 ? 4   DC  A "C1'" 1 
ATOM   74  N  N1    . DC  A 1 4  ? 6.663   -5.717  -8.758  1.00 118.52 ? 4   DC  A N1    1 
ATOM   75  C  C2    . DC  A 1 4  ? 7.848   -5.119  -9.199  1.00 108.83 ? 4   DC  A C2    1 
ATOM   76  O  O2    . DC  A 1 4  ? 8.907   -5.381  -8.617  1.00 100.62 ? 4   DC  A O2    1 
ATOM   77  N  N3    . DC  A 1 4  ? 7.801   -4.271  -10.257 1.00 101.13 ? 4   DC  A N3    1 
ATOM   78  C  C4    . DC  A 1 4  ? 6.637   -4.016  -10.856 1.00 105.23 ? 4   DC  A C4    1 
ATOM   79  N  N4    . DC  A 1 4  ? 6.639   -3.173  -11.894 1.00 105.30 ? 4   DC  A N4    1 
ATOM   80  C  C5    . DC  A 1 4  ? 5.419   -4.614  -10.418 1.00 115.11 ? 4   DC  A C5    1 
ATOM   81  C  C6    . DC  A 1 4  ? 5.478   -5.449  -9.375  1.00 116.34 ? 4   DC  A C6    1 
ATOM   82  P  P     . DA  A 1 5  ? 6.171   -7.247  -3.353  1.00 138.55 ? 5   DA  A P     1 
ATOM   83  O  OP1   . DA  A 1 5  ? 5.050   -8.017  -2.767  1.00 136.47 ? 5   DA  A OP1   1 
ATOM   84  O  OP2   . DA  A 1 5  ? 6.052   -5.779  -3.491  1.00 133.66 ? 5   DA  A OP2   1 
ATOM   85  O  "O5'" . DA  A 1 5  ? 7.498   -7.576  -2.513  1.00 137.12 ? 5   DA  A "O5'" 1 
ATOM   86  C  "C5'" . DA  A 1 5  ? 8.778   -7.592  -3.154  1.00 129.59 ? 5   DA  A "C5'" 1 
ATOM   87  C  "C4'" . DA  A 1 5  ? 9.484   -6.254  -3.006  1.00 129.20 ? 5   DA  A "C4'" 1 
ATOM   88  O  "O4'" . DA  A 1 5  ? 9.505   -5.593  -4.282  1.00 121.71 ? 5   DA  A "O4'" 1 
ATOM   89  C  "C3'" . DA  A 1 5  ? 8.802   -5.270  -2.068  1.00 139.69 ? 5   DA  A "C3'" 1 
ATOM   90  O  "O3'" . DA  A 1 5  ? 9.269   -5.414  -0.688  1.00 144.43 ? 5   DA  A "O3'" 1 
ATOM   91  C  "C2'" . DA  A 1 5  ? 9.126   -3.892  -2.664  1.00 130.88 ? 5   DA  A "C2'" 1 
ATOM   92  C  "C1'" . DA  A 1 5  ? 9.622   -4.203  -4.086  1.00 122.58 ? 5   DA  A "C1'" 1 
ATOM   93  N  N9    . DA  A 1 5  ? 8.861   -3.526  -5.133  1.00 121.09 ? 5   DA  A N9    1 
ATOM   94  C  C8    . DA  A 1 5  ? 7.520   -3.635  -5.380  1.00 117.24 ? 5   DA  A C8    1 
ATOM   95  N  N7    . DA  A 1 5  ? 7.108   -2.908  -6.392  1.00 120.31 ? 5   DA  A N7    1 
ATOM   96  C  C5    . DA  A 1 5  ? 8.259   -2.280  -6.840  1.00 123.02 ? 5   DA  A C5    1 
ATOM   97  C  C6    . DA  A 1 5  ? 8.498   -1.373  -7.892  1.00 112.22 ? 5   DA  A C6    1 
ATOM   98  N  N6    . DA  A 1 5  ? 7.542   -0.926  -8.712  1.00 111.26 ? 5   DA  A N6    1 
ATOM   99  N  N1    . DA  A 1 5  ? 9.761   -0.938  -8.069  1.00 107.19 ? 5   DA  A N1    1 
ATOM   100 C  C2    . DA  A 1 5  ? 10.718  -1.388  -7.250  1.00 114.51 ? 5   DA  A C2    1 
ATOM   101 N  N3    . DA  A 1 5  ? 10.616  -2.237  -6.228  1.00 116.76 ? 5   DA  A N3    1 
ATOM   102 C  C4    . DA  A 1 5  ? 9.349   -2.652  -6.078  1.00 121.07 ? 5   DA  A C4    1 
ATOM   103 P  P     . DG  A 1 6  ? 10.824  -5.612  -0.295  1.00 151.27 ? 6   DG  A P     1 
ATOM   104 O  OP1   . DG  A 1 6  ? 11.317  -6.935  -0.738  1.00 153.21 ? 6   DG  A OP1   1 
ATOM   105 O  OP2   . DG  A 1 6  ? 10.912  -5.283  1.143   1.00 128.72 ? 6   DG  A OP2   1 
ATOM   106 O  "O5'" . DG  A 1 6  ? 11.597  -4.446  -1.066  1.00 142.53 ? 6   DG  A "O5'" 1 
ATOM   107 C  "C5'" . DG  A 1 6  ? 11.730  -3.164  -0.459  1.00 136.70 ? 6   DG  A "C5'" 1 
ATOM   108 C  "C4'" . DG  A 1 6  ? 12.578  -2.246  -1.316  1.00 127.56 ? 6   DG  A "C4'" 1 
ATOM   109 O  "O4'" . DG  A 1 6  ? 11.890  -1.963  -2.564  1.00 123.31 ? 6   DG  A "O4'" 1 
ATOM   110 C  "C3'" . DG  A 1 6  ? 12.896  -0.889  -0.686  1.00 132.40 ? 6   DG  A "C3'" 1 
ATOM   111 O  "O3'" . DG  A 1 6  ? 14.265  -0.578  -0.891  1.00 141.50 ? 6   DG  A "O3'" 1 
ATOM   112 C  "C2'" . DG  A 1 6  ? 11.977  0.075   -1.440  1.00 125.08 ? 6   DG  A "C2'" 1 
ATOM   113 C  "C1'" . DG  A 1 6  ? 11.924  -0.576  -2.810  1.00 121.84 ? 6   DG  A "C1'" 1 
ATOM   114 N  N9    . DG  A 1 6  ? 10.747  -0.215  -3.600  1.00 121.71 ? 6   DG  A N9    1 
ATOM   115 C  C8    . DG  A 1 6  ? 9.471   -0.704  -3.455  1.00 121.67 ? 6   DG  A C8    1 
ATOM   116 N  N7    . DG  A 1 6  ? 8.623   -0.210  -4.312  1.00 114.52 ? 6   DG  A N7    1 
ATOM   117 C  C5    . DG  A 1 6  ? 9.382   0.662   -5.078  1.00 118.81 ? 6   DG  A C5    1 
ATOM   118 C  C6    . DG  A 1 6  ? 9.006   1.482   -6.167  1.00 116.39 ? 6   DG  A C6    1 
ATOM   119 O  O6    . DG  A 1 6  ? 7.886   1.609   -6.678  1.00 115.55 ? 6   DG  A O6    1 
ATOM   120 N  N1    . DG  A 1 6  ? 10.085  2.213   -6.662  1.00 114.85 ? 6   DG  A N1    1 
ATOM   121 C  C2    . DG  A 1 6  ? 11.368  2.152   -6.169  1.00 115.75 ? 6   DG  A C2    1 
ATOM   122 N  N2    . DG  A 1 6  ? 12.275  2.931   -6.776  1.00 116.45 ? 6   DG  A N2    1 
ATOM   123 N  N3    . DG  A 1 6  ? 11.735  1.385   -5.149  1.00 119.22 ? 6   DG  A N3    1 
ATOM   124 C  C4    . DG  A 1 6  ? 10.695  0.669   -4.656  1.00 122.93 ? 6   DG  A C4    1 
ATOM   125 P  P     . DA  A 1 7  ? 14.967  0.599   -0.053  1.00 151.87 ? 7   DA  A P     1 
ATOM   126 O  OP1   . DA  A 1 7  ? 16.416  0.303   0.003   1.00 160.84 ? 7   DA  A OP1   1 
ATOM   127 O  OP2   . DA  A 1 7  ? 14.201  0.778   1.199   1.00 134.94 ? 7   DA  A OP2   1 
ATOM   128 O  "O5'" . DA  A 1 7  ? 14.732  1.895   -0.958  1.00 134.28 ? 7   DA  A "O5'" 1 
ATOM   129 C  "C5'" . DA  A 1 7  ? 15.419  3.101   -0.670  1.00 130.24 ? 7   DA  A "C5'" 1 
ATOM   130 C  "C4'" . DA  A 1 7  ? 15.708  3.863   -1.949  1.00 130.00 ? 7   DA  A "C4'" 1 
ATOM   131 O  "O4'" . DA  A 1 7  ? 14.683  3.559   -2.932  1.00 125.57 ? 7   DA  A "O4'" 1 
ATOM   132 C  "C3'" . DA  A 1 7  ? 15.678  5.375   -1.818  1.00 134.94 ? 7   DA  A "C3'" 1 
ATOM   133 O  "O3'" . DA  A 1 7  ? 16.435  5.950   -2.881  1.00 141.28 ? 7   DA  A "O3'" 1 
ATOM   134 C  "C2'" . DA  A 1 7  ? 14.190  5.650   -1.985  1.00 129.91 ? 7   DA  A "C2'" 1 
ATOM   135 C  "C1'" . DA  A 1 7  ? 13.868  4.702   -3.132  1.00 124.86 ? 7   DA  A "C1'" 1 
ATOM   136 N  N9    . DA  A 1 7  ? 12.474  4.268   -3.186  1.00 123.69 ? 7   DA  A N9    1 
ATOM   137 C  C8    . DA  A 1 7  ? 11.872  3.331   -2.395  1.00 124.88 ? 7   DA  A C8    1 
ATOM   138 N  N7    . DA  A 1 7  ? 10.607  3.129   -2.683  1.00 122.44 ? 7   DA  A N7    1 
ATOM   139 C  C5    . DA  A 1 7  ? 10.366  3.988   -3.742  1.00 119.55 ? 7   DA  A C5    1 
ATOM   140 C  C6    . DA  A 1 7  ? 9.212   4.253   -4.510  1.00 118.23 ? 7   DA  A C6    1 
ATOM   141 N  N6    . DA  A 1 7  ? 8.039   3.647   -4.307  1.00 110.07 ? 7   DA  A N6    1 
ATOM   142 N  N1    . DA  A 1 7  ? 9.314   5.170   -5.493  1.00 120.32 ? 7   DA  A N1    1 
ATOM   143 C  C2    . DA  A 1 7  ? 10.489  5.776   -5.693  1.00 117.13 ? 7   DA  A C2    1 
ATOM   144 N  N3    . DA  A 1 7  ? 11.638  5.611   -5.040  1.00 117.60 ? 7   DA  A N3    1 
ATOM   145 C  C4    . DA  A 1 7  ? 11.508  4.695   -4.068  1.00 119.33 ? 7   DA  A C4    1 
ATOM   146 P  P     . DC  A 1 8  ? 16.671  7.538   -2.957  1.00 141.23 ? 8   DC  A P     1 
ATOM   147 O  OP1   . DC  A 1 8  ? 17.810  7.770   -3.873  1.00 136.99 ? 8   DC  A OP1   1 
ATOM   148 O  OP2   . DC  A 1 8  ? 16.730  8.059   -1.573  1.00 139.94 ? 8   DC  A OP2   1 
ATOM   149 O  "O5'" . DC  A 1 8  ? 15.336  8.096   -3.644  1.00 132.37 ? 8   DC  A "O5'" 1 
ATOM   150 C  "C5'" . DC  A 1 8  ? 14.515  9.026   -2.948  1.00 124.63 ? 8   DC  A "C5'" 1 
ATOM   151 C  "C4'" . DC  A 1 8  ? 13.471  9.625   -3.872  1.00 121.38 ? 8   DC  A "C4'" 1 
ATOM   152 O  "O4'" . DC  A 1 8  ? 12.377  8.686   -4.056  1.00 119.80 ? 8   DC  A "O4'" 1 
ATOM   153 C  "C3'" . DC  A 1 8  ? 12.834  10.922  -3.366  1.00 113.43 ? 8   DC  A "C3'" 1 
ATOM   154 O  "O3'" . DC  A 1 8  ? 12.790  11.878  -4.416  1.00 118.02 ? 8   DC  A "O3'" 1 
ATOM   155 C  "C2'" . DC  A 1 8  ? 11.431  10.486  -2.943  1.00 119.96 ? 8   DC  A "C2'" 1 
ATOM   156 C  "C1'" . DC  A 1 8  ? 11.159  9.383   -3.946  1.00 114.68 ? 8   DC  A "C1'" 1 
ATOM   157 N  N1    . DC  A 1 8  ? 10.091  8.426   -3.530  1.00 101.32 ? 8   DC  A N1    1 
ATOM   158 C  C2    . DC  A 1 8  ? 8.879   8.401   -4.229  1.00 102.78 ? 8   DC  A C2    1 
ATOM   159 O  O2    . DC  A 1 8  ? 8.713   9.182   -5.174  1.00 98.79  ? 8   DC  A O2    1 
ATOM   160 N  N3    . DC  A 1 8  ? 7.918   7.526   -3.846  1.00 107.01 ? 8   DC  A N3    1 
ATOM   161 C  C4    . DC  A 1 8  ? 8.135   6.704   -2.819  1.00 109.61 ? 8   DC  A C4    1 
ATOM   162 N  N4    . DC  A 1 8  ? 7.159   5.856   -2.479  1.00 94.71  ? 8   DC  A N4    1 
ATOM   163 C  C5    . DC  A 1 8  ? 9.365   6.712   -2.097  1.00 112.46 ? 8   DC  A C5    1 
ATOM   164 C  C6    . DC  A 1 8  ? 10.305  7.580   -2.483  1.00 105.86 ? 8   DC  A C6    1 
ATOM   165 P  P     . DC  A 1 9  ? 12.805  13.448  -4.078  1.00 139.19 ? 9   DC  A P     1 
ATOM   166 O  OP1   . DC  A 1 9  ? 13.917  14.070  -4.829  1.00 132.15 ? 9   DC  A OP1   1 
ATOM   167 O  OP2   . DC  A 1 9  ? 12.750  13.577  -2.605  1.00 131.97 ? 9   DC  A OP2   1 
ATOM   168 O  "O5'" . DC  A 1 9  ? 11.413  13.980  -4.659  1.00 125.34 ? 9   DC  A "O5'" 1 
ATOM   169 C  "C5'" . DC  A 1 9  ? 11.183  13.998  -6.064  1.00 125.34 ? 9   DC  A "C5'" 1 
ATOM   170 C  "C4'" . DC  A 1 9  ? 9.747   14.394  -6.374  1.00 120.55 ? 9   DC  A "C4'" 1 
ATOM   171 O  "O4'" . DC  A 1 9  ? 8.865   13.276  -6.088  1.00 111.92 ? 9   DC  A "O4'" 1 
ATOM   172 C  "C3'" . DC  A 1 9  ? 9.208   15.571  -5.557  1.00 117.99 ? 9   DC  A "C3'" 1 
ATOM   173 O  "O3'" . DC  A 1 9  ? 8.334   16.371  -6.359  1.00 125.47 ? 9   DC  A "O3'" 1 
ATOM   174 C  "C2'" . DC  A 1 9  ? 8.442   14.871  -4.442  1.00 108.44 ? 9   DC  A "C2'" 1 
ATOM   175 C  "C1'" . DC  A 1 9  ? 7.852   13.697  -5.201  1.00 108.80 ? 9   DC  A "C1'" 1 
ATOM   176 N  N1    . DC  A 1 9  ? 7.485   12.558  -4.328  1.00 105.12 ? 9   DC  A N1    1 
ATOM   177 C  C2    . DC  A 1 9  ? 6.257   11.918  -4.512  1.00 99.50  ? 9   DC  A C2    1 
ATOM   178 O  O2    . DC  A 1 9  ? 5.500   12.313  -5.407  1.00 93.80  ? 9   DC  A O2    1 
ATOM   179 N  N3    . DC  A 1 9  ? 5.933   10.879  -3.703  1.00 99.58  ? 9   DC  A N3    1 
ATOM   180 C  C4    . DC  A 1 9  ? 6.780   10.488  -2.750  1.00 103.32 ? 9   DC  A C4    1 
ATOM   181 N  N4    . DC  A 1 9  ? 6.422   9.461   -1.975  1.00 101.41 ? 9   DC  A N4    1 
ATOM   182 C  C5    . DC  A 1 9  ? 8.035   11.134  -2.548  1.00 100.13 ? 9   DC  A C5    1 
ATOM   183 C  C6    . DC  A 1 9  ? 8.343   12.153  -3.351  1.00 99.32  ? 9   DC  A C6    1 
ATOM   184 P  P     . DA  A 1 10 ? 8.550   17.961  -6.467  1.00 140.47 ? 10  DA  A P     1 
ATOM   185 O  OP1   . DA  A 1 10 ? 8.416   18.324  -7.895  1.00 140.40 ? 10  DA  A OP1   1 
ATOM   186 O  OP2   . DA  A 1 10 ? 9.790   18.303  -5.736  1.00 136.09 ? 10  DA  A OP2   1 
ATOM   187 O  "O5'" . DA  A 1 10 ? 7.308   18.596  -5.676  1.00 125.97 ? 10  DA  A "O5'" 1 
ATOM   188 C  "C5'" . DA  A 1 10 ? 6.795   17.966  -4.508  1.00 118.62 ? 10  DA  A "C5'" 1 
ATOM   189 C  "C4'" . DA  A 1 10 ? 5.521   17.205  -4.828  1.00 106.99 ? 10  DA  A "C4'" 1 
ATOM   190 O  "O4'" . DA  A 1 10 ? 5.481   15.979  -4.070  1.00 103.65 ? 10  DA  A "O4'" 1 
ATOM   191 C  "C3'" . DA  A 1 10 ? 4.218   17.948  -4.502  1.00 107.06 ? 10  DA  A "C3'" 1 
ATOM   192 O  "O3'" . DA  A 1 10 ? 3.512   18.236  -5.703  1.00 116.27 ? 10  DA  A "O3'" 1 
ATOM   193 C  "C2'" . DA  A 1 10 ? 3.433   16.978  -3.600  1.00 107.05 ? 10  DA  A "C2'" 1 
ATOM   194 C  "C1'" . DA  A 1 10 ? 4.140   15.650  -3.836  1.00 107.06 ? 10  DA  A "C1'" 1 
ATOM   195 N  N9    . DA  A 1 10 ? 4.079   14.724  -2.702  1.00 100.19 ? 10  DA  A N9    1 
ATOM   196 C  C8    . DA  A 1 10 ? 5.120   14.327  -1.908  1.00 102.34 ? 10  DA  A C8    1 
ATOM   197 N  N7    . DA  A 1 10 ? 4.778   13.475  -0.970  1.00 95.51  ? 10  DA  A N7    1 
ATOM   198 C  C5    . DA  A 1 10 ? 3.419   13.297  -1.163  1.00 100.94 ? 10  DA  A C5    1 
ATOM   199 C  C6    . DA  A 1 10 ? 2.458   12.512  -0.492  1.00 95.03  ? 10  DA  A C6    1 
ATOM   200 N  N6    . DA  A 1 10 ? 2.746   11.730  0.552   1.00 91.83  ? 10  DA  A N6    1 
ATOM   201 N  N1    . DA  A 1 10 ? 1.188   12.563  -0.937  1.00 89.07  ? 10  DA  A N1    1 
ATOM   202 C  C2    . DA  A 1 10 ? 0.902   13.346  -1.984  1.00 93.80  ? 10  DA  A C2    1 
ATOM   203 N  N3    . DA  A 1 10 ? 1.716   14.128  -2.695  1.00 99.52  ? 10  DA  A N3    1 
ATOM   204 C  C4    . DA  A 1 10 ? 2.971   14.058  -2.228  1.00 99.66  ? 10  DA  A C4    1 
ATOM   205 P  P     . DG  A 1 11 ? 2.529   19.506  -5.782  1.00 132.91 ? 11  DG  A P     1 
ATOM   206 O  OP1   . DG  A 1 11 ? 2.356   19.841  -7.214  1.00 122.96 ? 11  DG  A OP1   1 
ATOM   207 O  OP2   . DG  A 1 11 ? 3.027   20.531  -4.840  1.00 124.93 ? 11  DG  A OP2   1 
ATOM   208 O  "O5'" . DG  A 1 11 ? 1.144   18.956  -5.200  1.00 109.82 ? 11  DG  A "O5'" 1 
ATOM   209 C  "C5'" . DG  A 1 11 ? 0.301   19.814  -4.448  1.00 97.80  ? 11  DG  A "C5'" 1 
ATOM   210 C  "C4'" . DG  A 1 11 ? -0.655  19.006  -3.593  1.00 92.87  ? 11  DG  A "C4'" 1 
ATOM   211 O  "O4'" . DG  A 1 11 ? 0.044   17.898  -3.008  1.00 93.75  ? 11  DG  A "O4'" 1 
ATOM   212 C  "C3'" . DG  A 1 11 ? -1.247  19.754  -2.414  1.00 84.98  ? 11  DG  A "C3'" 1 
ATOM   213 O  "O3'" . DG  A 1 11 ? -2.466  20.375  -2.813  1.00 79.74  ? 11  DG  A "O3'" 1 
ATOM   214 C  "C2'" . DG  A 1 11 ? -1.473  18.653  -1.357  1.00 88.77  ? 11  DG  A "C2'" 1 
ATOM   215 C  "C1'" . DG  A 1 11 ? -0.686  17.451  -1.893  1.00 88.37  ? 11  DG  A "C1'" 1 
ATOM   216 N  N9    . DG  A 1 11 ? 0.252   16.877  -0.931  1.00 84.95  ? 11  DG  A N9    1 
ATOM   217 C  C8    . DG  A 1 11 ? 1.592   17.153  -0.819  1.00 85.59  ? 11  DG  A C8    1 
ATOM   218 N  N7    . DG  A 1 11 ? 2.185   16.480  0.126   1.00 85.59  ? 11  DG  A N7    1 
ATOM   219 C  C5    . DG  A 1 11 ? 1.174   15.705  0.676   1.00 92.24  ? 11  DG  A C5    1 
ATOM   220 C  C6    . DG  A 1 11 ? 1.219   14.770  1.736   1.00 84.16  ? 11  DG  A C6    1 
ATOM   221 O  O6    . DG  A 1 11 ? 2.192   14.438  2.427   1.00 81.70  ? 11  DG  A O6    1 
ATOM   222 N  N1    . DG  A 1 11 ? -0.032  14.207  1.978   1.00 78.14  ? 11  DG  A N1    1 
ATOM   223 C  C2    . DG  A 1 11 ? -1.177  14.504  1.279   1.00 79.27  ? 11  DG  A C2    1 
ATOM   224 N  N2    . DG  A 1 11 ? -2.287  13.854  1.658   1.00 84.13  ? 11  DG  A N2    1 
ATOM   225 N  N3    . DG  A 1 11 ? -1.233  15.375  0.280   1.00 87.96  ? 11  DG  A N3    1 
ATOM   226 C  C4    . DG  A 1 11 ? -0.024  15.936  0.035   1.00 93.22  ? 11  DG  A C4    1 
ATOM   227 P  P     . DA  A 1 12 ? -3.498  20.942  -1.721  1.00 104.66 ? 12  DA  A P     1 
ATOM   228 O  OP1   . DA  A 1 12 ? -4.391  21.904  -2.405  1.00 90.79  ? 12  DA  A OP1   1 
ATOM   229 O  OP2   . DA  A 1 12 ? -2.721  21.385  -0.541  1.00 84.00  ? 12  DA  A OP2   1 
ATOM   230 O  "O5'" . DA  A 1 12 ? -4.351  19.653  -1.311  1.00 89.15  ? 12  DA  A "O5'" 1 
ATOM   231 C  "C5'" . DA  A 1 12 ? -5.591  19.801  -0.658  1.00 71.61  ? 12  DA  A "C5'" 1 
ATOM   232 C  "C4'" . DA  A 1 12 ? -5.456  19.563  0.835   1.00 62.04  ? 12  DA  A "C4'" 1 
ATOM   233 O  "O4'" . DA  A 1 12 ? -4.401  18.624  1.099   1.00 69.18  ? 12  DA  A "O4'" 1 
ATOM   234 C  "C3'" . DA  A 1 12 ? -5.064  20.775  1.650   1.00 66.06  ? 12  DA  A "C3'" 1 
ATOM   235 O  "O3'" . DA  A 1 12 ? -6.214  21.551  1.939   1.00 75.18  ? 12  DA  A "O3'" 1 
ATOM   236 C  "C2'" . DA  A 1 12 ? -4.479  20.146  2.922   1.00 63.84  ? 12  DA  A "C2'" 1 
ATOM   237 C  "C1'" . DA  A 1 12 ? -4.053  18.742  2.465   1.00 72.50  ? 12  DA  A "C1'" 1 
ATOM   238 N  N9    . DA  A 1 12 ? -2.626  18.490  2.622   1.00 83.17  ? 12  DA  A N9    1 
ATOM   239 C  C8    . DA  A 1 12 ? -1.596  19.165  2.028   1.00 83.21  ? 12  DA  A C8    1 
ATOM   240 N  N7    . DA  A 1 12 ? -0.407  18.721  2.368   1.00 79.40  ? 12  DA  A N7    1 
ATOM   241 C  C5    . DA  A 1 12 ? -0.679  17.690  3.251   1.00 82.02  ? 12  DA  A C5    1 
ATOM   242 C  C6    . DA  A 1 12 ? 0.153   16.813  3.973   1.00 86.25  ? 12  DA  A C6    1 
ATOM   243 N  N6    . DA  A 1 12 ? 1.487   16.844  3.907   1.00 89.08  ? 12  DA  A N6    1 
ATOM   244 N  N1    . DA  A 1 12 ? -0.441  15.898  4.766   1.00 90.00  ? 12  DA  A N1    1 
ATOM   245 C  C2    . DA  A 1 12 ? -1.777  15.868  4.828   1.00 91.49  ? 12  DA  A C2    1 
ATOM   246 N  N3    . DA  A 1 12 ? -2.661  16.640  4.200   1.00 85.13  ? 12  DA  A N3    1 
ATOM   247 C  C4    . DA  A 1 12 ? -2.042  17.537  3.420   1.00 84.98  ? 12  DA  A C4    1 
ATOM   248 P  P     . DC  B 2 1  ? -17.877 9.121   17.344  1.00 69.84  ? 12  DC  B P     1 
ATOM   249 O  OP1   . DC  B 2 1  ? -19.001 10.015  16.983  1.00 64.08  ? 12  DC  B OP1   1 
ATOM   250 O  OP2   . DC  B 2 1  ? -17.332 9.132   18.719  1.00 82.12  ? 12  DC  B OP2   1 
ATOM   251 O  "O5'" . DC  B 2 1  ? -18.266 7.613   16.972  1.00 65.02  ? 12  DC  B "O5'" 1 
ATOM   252 C  "C5'" . DC  B 2 1  ? -17.399 6.828   16.161  1.00 71.33  ? 12  DC  B "C5'" 1 
ATOM   253 C  "C4'" . DC  B 2 1  ? -18.162 6.201   15.010  1.00 77.62  ? 12  DC  B "C4'" 1 
ATOM   254 O  "O4'" . DC  B 2 1  ? -17.836 6.882   13.789  1.00 75.88  ? 12  DC  B "O4'" 1 
ATOM   255 C  "C3'" . DC  B 2 1  ? -17.819 4.747   14.731  1.00 90.05  ? 12  DC  B "C3'" 1 
ATOM   256 O  "O3'" . DC  B 2 1  ? -18.670 3.895   15.489  1.00 101.82 ? 12  DC  B "O3'" 1 
ATOM   257 C  "C2'" . DC  B 2 1  ? -18.070 4.597   13.220  1.00 79.68  ? 12  DC  B "C2'" 1 
ATOM   258 C  "C1'" . DC  B 2 1  ? -18.166 6.041   12.710  1.00 65.72  ? 12  DC  B "C1'" 1 
ATOM   259 N  N1    . DC  B 2 1  ? -17.251 6.345   11.569  1.00 76.27  ? 12  DC  B N1    1 
ATOM   260 C  C2    . DC  B 2 1  ? -17.611 5.963   10.271  1.00 84.12  ? 12  DC  B C2    1 
ATOM   261 O  O2    . DC  B 2 1  ? -18.682 5.371   10.092  1.00 92.39  ? 12  DC  B O2    1 
ATOM   262 N  N3    . DC  B 2 1  ? -16.772 6.253   9.244   1.00 87.54  ? 12  DC  B N3    1 
ATOM   263 C  C4    . DC  B 2 1  ? -15.625 6.894   9.481   1.00 91.83  ? 12  DC  B C4    1 
ATOM   264 N  N4    . DC  B 2 1  ? -14.829 7.158   8.439   1.00 88.06  ? 12  DC  B N4    1 
ATOM   265 C  C5    . DC  B 2 1  ? -15.244 7.292   10.795  1.00 82.82  ? 12  DC  B C5    1 
ATOM   266 C  C6    . DC  B 2 1  ? -16.078 6.999   11.797  1.00 87.17  ? 12  DC  B C6    1 
ATOM   267 P  P     . DG  B 2 2  ? -18.223 2.383   15.804  1.00 112.57 ? 13  DG  B P     1 
ATOM   268 O  OP1   . DG  B 2 2  ? -19.146 1.840   16.825  1.00 96.86  ? 13  DG  B OP1   1 
ATOM   269 O  OP2   . DG  B 2 2  ? -16.768 2.390   16.060  1.00 106.23 ? 13  DG  B OP2   1 
ATOM   270 O  "O5'" . DG  B 2 2  ? -18.459 1.614   14.422  1.00 87.32  ? 13  DG  B "O5'" 1 
ATOM   271 C  "C5'" . DG  B 2 2  ? -19.767 1.501   13.880  1.00 93.59  ? 13  DG  B "C5'" 1 
ATOM   272 C  "C4'" . DG  B 2 2  ? -19.715 0.898   12.491  1.00 97.66  ? 13  DG  B "C4'" 1 
ATOM   273 O  "O4'" . DG  B 2 2  ? -19.117 1.841   11.586  1.00 97.49  ? 13  DG  B "O4'" 1 
ATOM   274 C  "C3'" . DG  B 2 2  ? -18.881 -0.375  12.386  1.00 100.63 ? 13  DG  B "C3'" 1 
ATOM   275 O  "O3'" . DG  B 2 2  ? -19.741 -1.502  12.245  1.00 106.97 ? 13  DG  B "O3'" 1 
ATOM   276 C  "C2'" . DG  B 2 2  ? -17.986 -0.171  11.147  1.00 100.14 ? 13  DG  B "C2'" 1 
ATOM   277 C  "C1'" . DG  B 2 2  ? -18.469 1.149   10.553  1.00 94.52  ? 13  DG  B "C1'" 1 
ATOM   278 N  N9    . DG  B 2 2  ? -17.391 2.001   10.062  1.00 85.26  ? 13  DG  B N9    1 
ATOM   279 C  C8    . DG  B 2 2  ? -16.608 2.843   10.810  1.00 78.95  ? 13  DG  B C8    1 
ATOM   280 N  N7    . DG  B 2 2  ? -15.732 3.501   10.108  1.00 83.09  ? 13  DG  B N7    1 
ATOM   281 C  C5    . DG  B 2 2  ? -15.949 3.071   8.809   1.00 83.49  ? 13  DG  B C5    1 
ATOM   282 C  C6    . DG  B 2 2  ? -15.295 3.438   7.611   1.00 83.49  ? 13  DG  B C6    1 
ATOM   283 O  O6    . DG  B 2 2  ? -14.364 4.243   7.462   1.00 88.12  ? 13  DG  B O6    1 
ATOM   284 N  N1    . DG  B 2 2  ? -15.822 2.768   6.511   1.00 76.43  ? 13  DG  B N1    1 
ATOM   285 C  C2    . DG  B 2 2  ? -16.850 1.858   6.563   1.00 83.04  ? 13  DG  B C2    1 
ATOM   286 N  N2    . DG  B 2 2  ? -17.218 1.315   5.394   1.00 87.67  ? 13  DG  B N2    1 
ATOM   287 N  N3    . DG  B 2 2  ? -17.473 1.504   7.681   1.00 89.41  ? 13  DG  B N3    1 
ATOM   288 C  C4    . DG  B 2 2  ? -16.971 2.149   8.760   1.00 82.99  ? 13  DG  B C4    1 
ATOM   289 P  P     . DT  B 2 3  ? -19.132 -2.966  12.001  1.00 114.35 ? 14  DT  B P     1 
ATOM   290 O  OP1   . DT  B 2 3  ? -20.124 -3.950  12.488  1.00 125.31 ? 14  DT  B OP1   1 
ATOM   291 O  OP2   . DT  B 2 3  ? -17.756 -2.987  12.545  1.00 107.00 ? 14  DT  B OP2   1 
ATOM   292 O  "O5'" . DT  B 2 3  ? -19.039 -3.069  10.409  1.00 99.07  ? 14  DT  B "O5'" 1 
ATOM   293 C  "C5'" . DT  B 2 3  ? -18.456 -4.203  9.797   1.00 99.40  ? 14  DT  B "C5'" 1 
ATOM   294 C  "C4'" . DT  B 2 3  ? -18.538 -4.084  8.289   1.00 95.17  ? 14  DT  B "C4'" 1 
ATOM   295 O  "O4'" . DT  B 2 3  ? -18.024 -2.785  7.877   1.00 90.94  ? 14  DT  B "O4'" 1 
ATOM   296 C  "C3'" . DT  B 2 3  ? -17.719 -5.112  7.518   1.00 87.91  ? 14  DT  B "C3'" 1 
ATOM   297 O  "O3'" . DT  B 2 3  ? -18.358 -5.404  6.281   1.00 87.02  ? 14  DT  B "O3'" 1 
ATOM   298 C  "C2'" . DT  B 2 3  ? -16.413 -4.367  7.300   1.00 94.97  ? 14  DT  B "C2'" 1 
ATOM   299 C  "C1'" . DT  B 2 3  ? -16.938 -2.974  6.996   1.00 100.36 ? 14  DT  B "C1'" 1 
ATOM   300 N  N1    . DT  B 2 3  ? -15.931 -1.896  7.216   1.00 94.87  ? 14  DT  B N1    1 
ATOM   301 C  C2    . DT  B 2 3  ? -15.273 -1.363  6.131   1.00 86.69  ? 14  DT  B C2    1 
ATOM   302 O  O2    . DT  B 2 3  ? -15.474 -1.722  4.985   1.00 76.29  ? 14  DT  B O2    1 
ATOM   303 N  N3    . DT  B 2 3  ? -14.364 -0.384  6.436   1.00 87.89  ? 14  DT  B N3    1 
ATOM   304 C  C4    . DT  B 2 3  ? -14.051 0.103   7.692   1.00 90.34  ? 14  DT  B C4    1 
ATOM   305 O  O4    . DT  B 2 3  ? -13.219 0.987   7.866   1.00 90.22  ? 14  DT  B O4    1 
ATOM   306 C  C5    . DT  B 2 3  ? -14.775 -0.500  8.786   1.00 95.77  ? 14  DT  B C5    1 
ATOM   307 C  C7    . DT  B 2 3  ? -14.518 -0.051  10.192  1.00 95.49  ? 14  DT  B C7    1 
ATOM   308 C  C6    . DT  B 2 3  ? -15.669 -1.461  8.499   1.00 90.47  ? 14  DT  B C6    1 
ATOM   309 P  P     . DC  B 2 4  ? -17.918 -6.688  5.420   1.00 111.05 ? 15  DC  B P     1 
ATOM   310 O  OP1   . DC  B 2 4  ? -19.094 -7.580  5.319   1.00 108.48 ? 15  DC  B OP1   1 
ATOM   311 O  OP2   . DC  B 2 4  ? -16.655 -7.214  5.983   1.00 95.36  ? 15  DC  B OP2   1 
ATOM   312 O  "O5'" . DC  B 2 4  ? -17.602 -6.091  3.968   1.00 112.09 ? 15  DC  B "O5'" 1 
ATOM   313 C  "C5'" . DC  B 2 4  ? -16.862 -4.879  3.844   1.00 99.05  ? 15  DC  B "C5'" 1 
ATOM   314 C  "C4'" . DC  B 2 4  ? -15.566 -5.105  3.087   1.00 89.20  ? 15  DC  B "C4'" 1 
ATOM   315 O  "O4'" . DC  B 2 4  ? -14.591 -4.103  3.487   1.00 92.62  ? 15  DC  B "O4'" 1 
ATOM   316 C  "C3'" . DC  B 2 4  ? -14.898 -6.458  3.331   1.00 76.76  ? 15  DC  B "C3'" 1 
ATOM   317 O  "O3'" . DC  B 2 4  ? -14.298 -6.918  2.132   1.00 77.46  ? 15  DC  B "O3'" 1 
ATOM   318 C  "C2'" . DC  B 2 4  ? -13.846 -6.125  4.382   1.00 85.37  ? 15  DC  B "C2'" 1 
ATOM   319 C  "C1'" . DC  B 2 4  ? -13.412 -4.745  3.922   1.00 92.38  ? 15  DC  B "C1'" 1 
ATOM   320 N  N1    . DC  B 2 4  ? -12.786 -3.928  4.998   1.00 92.68  ? 15  DC  B N1    1 
ATOM   321 C  C2    . DC  B 2 4  ? -11.788 -3.005  4.673   1.00 88.09  ? 15  DC  B C2    1 
ATOM   322 O  O2    . DC  B 2 4  ? -11.450 -2.877  3.491   1.00 85.57  ? 15  DC  B O2    1 
ATOM   323 N  N3    . DC  B 2 4  ? -11.223 -2.274  5.664   1.00 87.56  ? 15  DC  B N3    1 
ATOM   324 C  C4    . DC  B 2 4  ? -11.617 -2.445  6.928   1.00 90.41  ? 15  DC  B C4    1 
ATOM   325 N  N4    . DC  B 2 4  ? -11.031 -1.701  7.871   1.00 93.85  ? 15  DC  B N4    1 
ATOM   326 C  C5    . DC  B 2 4  ? -12.630 -3.384  7.277   1.00 92.19  ? 15  DC  B C5    1 
ATOM   327 C  C6    . DC  B 2 4  ? -13.178 -4.100  6.291   1.00 90.81  ? 15  DC  B C6    1 
ATOM   328 P  P     . DA  B 2 5  ? -13.968 -8.477  1.931   1.00 92.98  ? 16  DA  B P     1 
ATOM   329 O  OP1   . DA  B 2 5  ? -15.250 -9.191  1.741   1.00 99.64  ? 16  DA  B OP1   1 
ATOM   330 O  OP2   . DA  B 2 5  ? -13.046 -8.896  3.009   1.00 78.88  ? 16  DA  B OP2   1 
ATOM   331 O  "O5'" . DA  B 2 5  ? -13.142 -8.521  0.561   1.00 89.29  ? 16  DA  B "O5'" 1 
ATOM   332 C  "C5'" . DA  B 2 5  ? -13.051 -7.360  -0.257  1.00 69.28  ? 16  DA  B "C5'" 1 
ATOM   333 C  "C4'" . DA  B 2 5  ? -11.600 -6.983  -0.503  1.00 67.39  ? 16  DA  B "C4'" 1 
ATOM   334 O  "O4'" . DA  B 2 5  ? -11.101 -6.196  0.610   1.00 58.51  ? 16  DA  B "O4'" 1 
ATOM   335 C  "C3'" . DA  B 2 5  ? -10.634 -8.158  -0.650  1.00 70.85  ? 16  DA  B "C3'" 1 
ATOM   336 O  "O3'" . DA  B 2 5  ? -9.666  -7.856  -1.645  1.00 71.53  ? 16  DA  B "O3'" 1 
ATOM   337 C  "C2'" . DA  B 2 5  ? -9.998  -8.248  0.736   1.00 63.92  ? 16  DA  B "C2'" 1 
ATOM   338 C  "C1'" . DA  B 2 5  ? -9.913  -6.778  1.104   1.00 69.82  ? 16  DA  B "C1'" 1 
ATOM   339 N  N9    . DA  B 2 5  ? -9.854  -6.522  2.539   1.00 84.70  ? 16  DA  B N9    1 
ATOM   340 C  C8    . DA  B 2 5  ? -10.616 -7.102  3.512   1.00 86.65  ? 16  DA  B C8    1 
ATOM   341 N  N7    . DA  B 2 5  ? -10.357 -6.660  4.719   1.00 89.30  ? 16  DA  B N7    1 
ATOM   342 C  C5    . DA  B 2 5  ? -9.364  -5.718  4.521   1.00 92.97  ? 16  DA  B C5    1 
ATOM   343 C  C6    . DA  B 2 5  ? -8.655  -4.885  5.409   1.00 94.07  ? 16  DA  B C6    1 
ATOM   344 N  N6    . DA  B 2 5  ? -8.859  -4.876  6.728   1.00 99.84  ? 16  DA  B N6    1 
ATOM   345 N  N1    . DA  B 2 5  ? -7.727  -4.060  4.885   1.00 87.67  ? 16  DA  B N1    1 
ATOM   346 C  C2    . DA  B 2 5  ? -7.526  -4.071  3.563   1.00 89.47  ? 16  DA  B C2    1 
ATOM   347 N  N3    . DA  B 2 5  ? -8.128  -4.807  2.630   1.00 84.97  ? 16  DA  B N3    1 
ATOM   348 C  C4    . DA  B 2 5  ? -9.044  -5.616  3.182   1.00 87.45  ? 16  DA  B C4    1 
ATOM   349 P  P     . DC  B 2 6  ? -9.222  -8.969  -2.715  1.00 83.16  ? 17  DC  B P     1 
ATOM   350 O  OP1   . DC  B 2 6  ? -9.485  -8.415  -4.062  1.00 96.55  ? 17  DC  B OP1   1 
ATOM   351 O  OP2   . DC  B 2 6  ? -9.834  -10.254 -2.305  1.00 97.20  ? 17  DC  B OP2   1 
ATOM   352 O  "O5'" . DC  B 2 6  ? -7.638  -9.081  -2.513  1.00 78.62  ? 17  DC  B "O5'" 1 
ATOM   353 C  "C5'" . DC  B 2 6  ? -7.080  -9.005  -1.207  1.00 67.30  ? 17  DC  B "C5'" 1 
ATOM   354 C  "C4'" . DC  B 2 6  ? -6.087  -7.862  -1.106  1.00 69.05  ? 17  DC  B "C4'" 1 
ATOM   355 O  "O4'" . DC  B 2 6  ? -6.354  -7.099  0.102   1.00 66.44  ? 17  DC  B "O4'" 1 
ATOM   356 C  "C3'" . DC  B 2 6  ? -4.630  -8.291  -0.994  1.00 83.91  ? 17  DC  B "C3'" 1 
ATOM   357 O  "O3'" . DC  B 2 6  ? -3.775  -7.269  -1.514  1.00 87.28  ? 17  DC  B "O3'" 1 
ATOM   358 C  "C2'" . DC  B 2 6  ? -4.471  -8.439  0.509   1.00 78.59  ? 17  DC  B "C2'" 1 
ATOM   359 C  "C1'" . DC  B 2 6  ? -5.274  -7.244  1.004   1.00 71.26  ? 17  DC  B "C1'" 1 
ATOM   360 N  N1    . DC  B 2 6  ? -5.817  -7.422  2.380   1.00 83.91  ? 17  DC  B N1    1 
ATOM   361 C  C2    . DC  B 2 6  ? -5.371  -6.592  3.411   1.00 89.97  ? 17  DC  B C2    1 
ATOM   362 O  O2    . DC  B 2 6  ? -4.537  -5.716  3.160   1.00 90.95  ? 17  DC  B O2    1 
ATOM   363 N  N3    . DC  B 2 6  ? -5.872  -6.768  4.660   1.00 86.39  ? 17  DC  B N3    1 
ATOM   364 C  C4    . DC  B 2 6  ? -6.772  -7.725  4.888   1.00 88.57  ? 17  DC  B C4    1 
ATOM   365 N  N4    . DC  B 2 6  ? -7.236  -7.862  6.133   1.00 92.73  ? 17  DC  B N4    1 
ATOM   366 C  C5    . DC  B 2 6  ? -7.235  -8.584  3.849   1.00 91.48  ? 17  DC  B C5    1 
ATOM   367 C  C6    . DC  B 2 6  ? -6.736  -8.400  2.623   1.00 88.83  ? 17  DC  B C6    1 
ATOM   368 P  P     . DT  B 2 7  ? -2.226  -7.582  -1.827  1.00 94.70  ? 18  DT  B P     1 
ATOM   369 O  OP1   . DT  B 2 7  ? -1.988  -7.298  -3.259  1.00 107.47 ? 18  DT  B OP1   1 
ATOM   370 O  OP2   . DT  B 2 7  ? -1.915  -8.924  -1.289  1.00 86.07  ? 18  DT  B OP2   1 
ATOM   371 O  "O5'" . DT  B 2 7  ? -1.427  -6.507  -0.949  1.00 95.27  ? 18  DT  B "O5'" 1 
ATOM   372 C  "C5'" . DT  B 2 7  ? -1.750  -6.333  0.425   1.00 83.39  ? 18  DT  B "C5'" 1 
ATOM   373 C  "C4'" . DT  B 2 7  ? -0.645  -5.610  1.169   1.00 95.03  ? 18  DT  B "C4'" 1 
ATOM   374 O  "O4'" . DT  B 2 7  ? -0.972  -5.574  2.578   1.00 90.79  ? 18  DT  B "O4'" 1 
ATOM   375 C  "C3'" . DT  B 2 7  ? 0.714   -6.281  1.114   1.00 92.17  ? 18  DT  B "C3'" 1 
ATOM   376 O  "O3'" . DT  B 2 7  ? 1.730   -5.329  1.429   1.00 102.25 ? 18  DT  B "O3'" 1 
ATOM   377 C  "C2'" . DT  B 2 7  ? 0.574   -7.329  2.211   1.00 88.09  ? 18  DT  B "C2'" 1 
ATOM   378 C  "C1'" . DT  B 2 7  ? -0.215  -6.558  3.269   1.00 88.94  ? 18  DT  B "C1'" 1 
ATOM   379 N  N1    . DT  B 2 7  ? -1.158  -7.406  4.060   1.00 88.12  ? 18  DT  B N1    1 
ATOM   380 C  C2    . DT  B 2 7  ? -1.307  -7.165  5.406   1.00 88.80  ? 18  DT  B C2    1 
ATOM   381 O  O2    . DT  B 2 7  ? -0.701  -6.291  5.997   1.00 89.30  ? 18  DT  B O2    1 
ATOM   382 N  N3    . DT  B 2 7  ? -2.200  -7.985  6.040   1.00 94.52  ? 18  DT  B N3    1 
ATOM   383 C  C4    . DT  B 2 7  ? -2.944  -9.005  5.476   1.00 89.52  ? 18  DT  B C4    1 
ATOM   384 O  O4    . DT  B 2 7  ? -3.721  -9.691  6.133   1.00 91.64  ? 18  DT  B O4    1 
ATOM   385 C  C5    . DT  B 2 7  ? -2.743  -9.205  4.063   1.00 81.73  ? 18  DT  B C5    1 
ATOM   386 C  C7    . DT  B 2 7  ? -3.495  -10.285 3.346   1.00 79.26  ? 18  DT  B C7    1 
ATOM   387 C  C6    . DT  B 2 7  ? -1.871  -8.404  3.428   1.00 88.68  ? 18  DT  B C6    1 
ATOM   388 P  P     . DC  B 2 8  ? 3.285   -5.723  1.326   1.00 114.01 ? 19  DC  B P     1 
ATOM   389 O  OP1   . DC  B 2 8  ? 3.990   -4.595  0.677   1.00 113.09 ? 19  DC  B OP1   1 
ATOM   390 O  OP2   . DC  B 2 8  ? 3.382   -7.079  0.742   1.00 104.78 ? 19  DC  B OP2   1 
ATOM   391 O  "O5'" . DC  B 2 8  ? 3.765   -5.803  2.850   1.00 99.00  ? 19  DC  B "O5'" 1 
ATOM   392 C  "C5'" . DC  B 2 8  ? 3.658   -4.659  3.695   1.00 104.09 ? 19  DC  B "C5'" 1 
ATOM   393 C  "C4'" . DC  B 2 8  ? 4.038   -5.002  5.127   1.00 103.29 ? 19  DC  B "C4'" 1 
ATOM   394 O  "O4'" . DC  B 2 8  ? 3.005   -5.835  5.719   1.00 98.74  ? 19  DC  B "O4'" 1 
ATOM   395 C  "C3'" . DC  B 2 8  ? 5.346   -5.778  5.282   1.00 103.53 ? 19  DC  B "C3'" 1 
ATOM   396 O  "O3'" . DC  B 2 8  ? 6.049   -5.331  6.438   1.00 105.78 ? 19  DC  B "O3'" 1 
ATOM   397 C  "C2'" . DC  B 2 8  ? 4.870   -7.218  5.440   1.00 103.62 ? 19  DC  B "C2'" 1 
ATOM   398 C  "C1'" . DC  B 2 8  ? 3.581   -7.021  6.222   1.00 98.47  ? 19  DC  B "C1'" 1 
ATOM   399 N  N1    . DC  B 2 8  ? 2.601   -8.132  6.052   1.00 92.12  ? 19  DC  B N1    1 
ATOM   400 C  C2    . DC  B 2 8  ? 1.859   -8.572  7.151   1.00 99.04  ? 19  DC  B C2    1 
ATOM   401 O  O2    . DC  B 2 8  ? 2.031   -8.030  8.249   1.00 95.88  ? 19  DC  B O2    1 
ATOM   402 N  N3    . DC  B 2 8  ? 0.970   -9.582  6.982   1.00 101.42 ? 19  DC  B N3    1 
ATOM   403 C  C4    . DC  B 2 8  ? 0.813   -10.140 5.781   1.00 100.23 ? 19  DC  B C4    1 
ATOM   404 N  N4    . DC  B 2 8  ? -0.075  -11.133 5.662   1.00 100.15 ? 19  DC  B N4    1 
ATOM   405 C  C5    . DC  B 2 8  ? 1.561   -9.705  4.647   1.00 89.80  ? 19  DC  B C5    1 
ATOM   406 C  C6    . DC  B 2 8  ? 2.435   -8.708  4.827   1.00 86.78  ? 19  DC  B C6    1 
ATOM   407 P  P     . DA  B 2 9  ? 7.613   -4.975  6.342   1.00 122.23 ? 20  DA  B P     1 
ATOM   408 O  OP1   . DA  B 2 9  ? 7.739   -3.502  6.407   1.00 115.24 ? 20  DA  B OP1   1 
ATOM   409 O  OP2   . DA  B 2 9  ? 8.172   -5.722  5.193   1.00 111.52 ? 20  DA  B OP2   1 
ATOM   410 O  "O5'" . DA  B 2 9  ? 8.237   -5.595  7.680   1.00 126.73 ? 20  DA  B "O5'" 1 
ATOM   411 C  "C5'" . DA  B 2 9  ? 8.526   -4.747  8.785   1.00 126.64 ? 20  DA  B "C5'" 1 
ATOM   412 C  "C4'" . DA  B 2 9  ? 7.638   -5.077  9.974   1.00 125.69 ? 20  DA  B "C4'" 1 
ATOM   413 O  "O4'" . DA  B 2 9  ? 6.534   -5.915  9.541   1.00 117.13 ? 20  DA  B "O4'" 1 
ATOM   414 C  "C3'" . DA  B 2 9  ? 8.324   -5.846  11.099  1.00 122.51 ? 20  DA  B "C3'" 1 
ATOM   415 O  "O3'" . DA  B 2 9  ? 7.762   -5.479  12.353  1.00 117.63 ? 20  DA  B "O3'" 1 
ATOM   416 C  "C2'" . DA  B 2 9  ? 8.007   -7.295  10.751  1.00 113.48 ? 20  DA  B "C2'" 1 
ATOM   417 C  "C1'" . DA  B 2 9  ? 6.596   -7.169  10.191  1.00 110.45 ? 20  DA  B "C1'" 1 
ATOM   418 N  N9    . DA  B 2 9  ? 6.264   -8.205  9.219   1.00 109.52 ? 20  DA  B N9    1 
ATOM   419 C  C8    . DA  B 2 9  ? 6.886   -8.449  8.026   1.00 102.22 ? 20  DA  B C8    1 
ATOM   420 N  N7    . DA  B 2 9  ? 6.368   -9.450  7.354   1.00 101.76 ? 20  DA  B N7    1 
ATOM   421 C  C5    . DA  B 2 9  ? 5.332   -9.889  8.161   1.00 106.14 ? 20  DA  B C5    1 
ATOM   422 C  C6    . DA  B 2 9  ? 4.388   -10.926 8.018   1.00 94.96  ? 20  DA  B C6    1 
ATOM   423 N  N6    . DA  B 2 9  ? 4.342   -11.738 6.958   1.00 85.82  ? 20  DA  B N6    1 
ATOM   424 N  N1    . DA  B 2 9  ? 3.492   -11.095 9.008   1.00 88.65  ? 20  DA  B N1    1 
ATOM   425 C  C2    . DA  B 2 9  ? 3.541   -10.282 10.069  1.00 94.73  ? 20  DA  B C2    1 
ATOM   426 N  N3    . DA  B 2 9  ? 4.376   -9.277  10.316  1.00 99.42  ? 20  DA  B N3    1 
ATOM   427 C  C4    . DA  B 2 9  ? 5.255   -9.132  9.315   1.00 109.14 ? 20  DA  B C4    1 
ATOM   428 P  P     . DT  C 3 1  ? 5.784   10.146  12.928  1.00 101.44 ? 0   DT  C P     1 
ATOM   429 O  OP1   . DT  C 3 1  ? 5.208   11.511  12.994  1.00 69.91  ? 0   DT  C OP1   1 
ATOM   430 O  OP2   . DT  C 3 1  ? 5.635   9.231   14.084  1.00 111.37 ? 0   DT  C OP2   1 
ATOM   431 O  "O5'" . DT  C 3 1  ? 5.261   9.372   11.624  1.00 80.17  ? 0   DT  C "O5'" 1 
ATOM   432 C  "C5'" . DT  C 3 1  ? 4.700   10.096  10.537  1.00 76.05  ? 0   DT  C "C5'" 1 
ATOM   433 C  "C4'" . DT  C 3 1  ? 3.256   10.454  10.820  1.00 85.00  ? 0   DT  C "C4'" 1 
ATOM   434 O  "O4'" . DT  C 3 1  ? 2.948   11.743  10.226  1.00 92.38  ? 0   DT  C "O4'" 1 
ATOM   435 C  "C3'" . DT  C 3 1  ? 2.234   9.473   10.256  1.00 89.26  ? 0   DT  C "C3'" 1 
ATOM   436 O  "O3'" . DT  C 3 1  ? 1.156   9.322   11.165  1.00 96.15  ? 0   DT  C "O3'" 1 
ATOM   437 C  "C2'" . DT  C 3 1  ? 1.790   10.156  8.968   1.00 78.59  ? 0   DT  C "C2'" 1 
ATOM   438 C  "C1'" . DT  C 3 1  ? 1.827   11.616  9.381   1.00 81.73  ? 0   DT  C "C1'" 1 
ATOM   439 N  N1    . DT  C 3 1  ? 1.990   12.557  8.239   1.00 89.48  ? 0   DT  C N1    1 
ATOM   440 C  C2    . DT  C 3 1  ? 0.874   13.117  7.665   1.00 96.53  ? 0   DT  C C2    1 
ATOM   441 O  O2    . DT  C 3 1  ? -0.261  12.880  8.040   1.00 95.78  ? 0   DT  C O2    1 
ATOM   442 N  N3    . DT  C 3 1  ? 1.133   13.973  6.627   1.00 93.22  ? 0   DT  C N3    1 
ATOM   443 C  C4    . DT  C 3 1  ? 2.371   14.316  6.117   1.00 86.42  ? 0   DT  C C4    1 
ATOM   444 O  O4    . DT  C 3 1  ? 2.504   15.097  5.179   1.00 89.19  ? 0   DT  C O4    1 
ATOM   445 C  C5    . DT  C 3 1  ? 3.497   13.693  6.767   1.00 82.70  ? 0   DT  C C5    1 
ATOM   446 C  C7    . DT  C 3 1  ? 4.890   13.989  6.302   1.00 86.07  ? 0   DT  C C7    1 
ATOM   447 C  C6    . DT  C 3 1  ? 3.256   12.855  7.784   1.00 87.34  ? 0   DT  C C6    1 
ATOM   448 P  P     . DC  C 3 2  ? 0.019   8.222   10.884  1.00 109.69 ? 1   DC  C P     1 
ATOM   449 O  OP1   . DC  C 3 2  ? -0.698  7.973   12.154  1.00 111.77 ? 1   DC  C OP1   1 
ATOM   450 O  OP2   . DC  C 3 2  ? 0.651   7.093   10.167  1.00 79.05  ? 1   DC  C OP2   1 
ATOM   451 O  "O5'" . DC  C 3 2  ? -0.964  8.943   9.849   1.00 91.60  ? 1   DC  C "O5'" 1 
ATOM   452 C  "C5'" . DC  C 3 2  ? -1.779  8.159   8.998   1.00 89.44  ? 1   DC  C "C5'" 1 
ATOM   453 C  "C4'" . DC  C 3 2  ? -2.505  9.024   7.987   1.00 91.24  ? 1   DC  C "C4'" 1 
ATOM   454 O  "O4'" . DC  C 3 2  ? -1.586  10.002  7.431   1.00 94.14  ? 1   DC  C "O4'" 1 
ATOM   455 C  "C3'" . DC  C 3 2  ? -3.080  8.251   6.796   1.00 76.58  ? 1   DC  C "C3'" 1 
ATOM   456 O  "O3'" . DC  C 3 2  ? -4.450  8.580   6.595   1.00 69.86  ? 1   DC  C "O3'" 1 
ATOM   457 C  "C2'" . DC  C 3 2  ? -2.210  8.695   5.621   1.00 80.47  ? 1   DC  C "C2'" 1 
ATOM   458 C  "C1'" . DC  C 3 2  ? -1.799  10.090  6.046   1.00 87.32  ? 1   DC  C "C1'" 1 
ATOM   459 N  N1    . DC  C 3 2  ? -0.545  10.572  5.398   1.00 80.66  ? 1   DC  C N1    1 
ATOM   460 C  C2    . DC  C 3 2  ? -0.613  11.523  4.376   1.00 81.01  ? 1   DC  C C2    1 
ATOM   461 O  O2    . DC  C 3 2  ? -1.718  11.947  4.020   1.00 83.92  ? 1   DC  C O2    1 
ATOM   462 N  N3    . DC  C 3 2  ? 0.538   11.954  3.801   1.00 90.62  ? 1   DC  C N3    1 
ATOM   463 C  C4    . DC  C 3 2  ? 1.710   11.473  4.214   1.00 83.47  ? 1   DC  C C4    1 
ATOM   464 N  N4    . DC  C 3 2  ? 2.818   11.927  3.618   1.00 88.71  ? 1   DC  C N4    1 
ATOM   465 C  C5    . DC  C 3 2  ? 1.800   10.504  5.254   1.00 83.01  ? 1   DC  C C5    1 
ATOM   466 C  C6    . DC  C 3 2  ? 0.659   10.085  5.810   1.00 86.38  ? 1   DC  C C6    1 
ATOM   467 P  P     . DT  C 3 3  ? -5.491  7.429   6.177   1.00 78.22  ? 2   DT  C P     1 
ATOM   468 O  OP1   . DT  C 3 3  ? -6.758  8.055   5.739   1.00 55.07  ? 2   DT  C OP1   1 
ATOM   469 O  OP2   . DT  C 3 3  ? -5.498  6.444   7.281   1.00 92.67  ? 2   DT  C OP2   1 
ATOM   470 O  "O5'" . DT  C 3 3  ? -4.805  6.734   4.910   1.00 64.87  ? 2   DT  C "O5'" 1 
ATOM   471 C  "C5'" . DT  C 3 3  ? -5.513  6.640   3.678   1.00 73.48  ? 2   DT  C "C5'" 1 
ATOM   472 C  "C4'" . DT  C 3 3  ? -5.331  7.901   2.853   1.00 60.74  ? 2   DT  C "C4'" 1 
ATOM   473 O  "O4'" . DT  C 3 3  ? -3.974  8.352   2.968   1.00 69.30  ? 2   DT  C "O4'" 1 
ATOM   474 C  "C3'" . DT  C 3 3  ? -5.583  7.730   1.353   1.00 57.52  ? 2   DT  C "C3'" 1 
ATOM   475 O  "O3'" . DT  C 3 3  ? -6.832  8.310   0.997   1.00 62.50  ? 2   DT  C "O3'" 1 
ATOM   476 C  "C2'" . DT  C 3 3  ? -4.405  8.448   0.671   1.00 68.60  ? 2   DT  C "C2'" 1 
ATOM   477 C  "C1'" . DT  C 3 3  ? -3.659  9.102   1.829   1.00 82.19  ? 2   DT  C "C1'" 1 
ATOM   478 N  N1    . DT  C 3 3  ? -2.175  9.114   1.671   1.00 81.91  ? 2   DT  C N1    1 
ATOM   479 C  C2    . DT  C 3 3  ? -1.601  9.953   0.747   1.00 73.43  ? 2   DT  C C2    1 
ATOM   480 O  O2    . DT  C 3 3  ? -2.245  10.692  0.026   1.00 65.16  ? 2   DT  C O2    1 
ATOM   481 N  N3    . DT  C 3 3  ? -0.235  9.895   0.693   1.00 77.75  ? 2   DT  C N3    1 
ATOM   482 C  C4    . DT  C 3 3  ? 0.599   9.101   1.460   1.00 85.55  ? 2   DT  C C4    1 
ATOM   483 O  O4    . DT  C 3 3  ? 1.819   9.118   1.337   1.00 87.44  ? 2   DT  C O4    1 
ATOM   484 C  C5    . DT  C 3 3  ? -0.068  8.248   2.409   1.00 79.06  ? 2   DT  C C5    1 
ATOM   485 C  C7    . DT  C 3 3  ? 0.731   7.343   3.293   1.00 67.23  ? 2   DT  C C7    1 
ATOM   486 C  C6    . DT  C 3 3  ? -1.406  8.293   2.466   1.00 72.22  ? 2   DT  C C6    1 
ATOM   487 P  P     . DA  C 3 4  ? -7.986  7.387   0.366   1.00 81.96  ? 3   DA  C P     1 
ATOM   488 O  OP1   . DA  C 3 4  ? -8.076  7.695   -1.080  1.00 70.40  ? 3   DA  C OP1   1 
ATOM   489 O  OP2   . DA  C 3 4  ? -9.186  7.520   1.224   1.00 83.94  ? 3   DA  C OP2   1 
ATOM   490 O  "O5'" . DA  C 3 4  ? -7.406  5.904   0.523   1.00 66.49  ? 3   DA  C "O5'" 1 
ATOM   491 C  "C5'" . DA  C 3 4  ? -7.305  5.049   -0.612  1.00 75.85  ? 3   DA  C "C5'" 1 
ATOM   492 C  "C4'" . DA  C 3 4  ? -8.345  3.946   -0.548  1.00 80.69  ? 3   DA  C "C4'" 1 
ATOM   493 O  "O4'" . DA  C 3 4  ? -8.255  3.292   0.726   1.00 74.42  ? 3   DA  C "O4'" 1 
ATOM   494 C  "C3'" . DA  C 3 4  ? -9.782  4.430   -0.648  1.00 69.30  ? 3   DA  C "C3'" 1 
ATOM   495 O  "O3'" . DA  C 3 4  ? -10.210 4.370   -1.999  1.00 46.77  ? 3   DA  C "O3'" 1 
ATOM   496 C  "C2'" . DA  C 3 4  ? -10.572 3.452   0.233   1.00 64.60  ? 3   DA  C "C2'" 1 
ATOM   497 C  "C1'" . DA  C 3 4  ? -9.500  2.722   1.044   1.00 63.25  ? 3   DA  C "C1'" 1 
ATOM   498 N  N9    . DA  C 3 4  ? -9.688  2.819   2.484   1.00 63.10  ? 3   DA  C N9    1 
ATOM   499 C  C8    . DA  C 3 4  ? -8.966  3.580   3.357   1.00 64.75  ? 3   DA  C C8    1 
ATOM   500 N  N7    . DA  C 3 4  ? -9.351  3.462   4.604   1.00 76.07  ? 3   DA  C N7    1 
ATOM   501 C  C5    . DA  C 3 4  ? -10.399 2.558   4.542   1.00 77.88  ? 3   DA  C C5    1 
ATOM   502 C  C6    . DA  C 3 4  ? -11.237 2.007   5.531   1.00 72.20  ? 3   DA  C C6    1 
ATOM   503 N  N6    . DA  C 3 4  ? -11.140 2.309   6.828   1.00 59.39  ? 3   DA  C N6    1 
ATOM   504 N  N1    . DA  C 3 4  ? -12.182 1.133   5.131   1.00 81.06  ? 3   DA  C N1    1 
ATOM   505 C  C2    . DA  C 3 4  ? -12.275 0.833   3.831   1.00 77.92  ? 3   DA  C C2    1 
ATOM   506 N  N3    . DA  C 3 4  ? -11.546 1.284   2.813   1.00 74.60  ? 3   DA  C N3    1 
ATOM   507 C  C4    . DA  C 3 4  ? -10.616 2.150   3.242   1.00 74.68  ? 3   DA  C C4    1 
ATOM   508 P  P     . DC  C 3 5  ? -11.324 5.391   -2.537  1.00 45.29  ? 4   DC  C P     1 
ATOM   509 O  OP1   . DC  C 3 5  ? -11.251 5.406   -4.015  1.00 86.18  ? 4   DC  C OP1   1 
ATOM   510 O  OP2   . DC  C 3 5  ? -11.179 6.650   -1.775  1.00 76.06  ? 4   DC  C OP2   1 
ATOM   511 O  "O5'" . DC  C 3 5  ? -12.702 4.724   -2.091  1.00 73.78  ? 4   DC  C "O5'" 1 
ATOM   512 C  "C5'" . DC  C 3 5  ? -12.958 3.361   -2.377  1.00 68.43  ? 4   DC  C "C5'" 1 
ATOM   513 C  "C4'" . DC  C 3 5  ? -14.138 2.871   -1.565  1.00 62.31  ? 4   DC  C "C4'" 1 
ATOM   514 O  "O4'" . DC  C 3 5  ? -13.746 2.735   -0.187  1.00 44.87  ? 4   DC  C "O4'" 1 
ATOM   515 C  "C3'" . DC  C 3 5  ? -15.338 3.816   -1.571  1.00 58.63  ? 4   DC  C "C3'" 1 
ATOM   516 O  "O3'" . DC  C 3 5  ? -16.407 3.238   -2.298  1.00 61.54  ? 4   DC  C "O3'" 1 
ATOM   517 C  "C2'" . DC  C 3 5  ? -15.697 4.016   -0.090  1.00 57.63  ? 4   DC  C "C2'" 1 
ATOM   518 C  "C1'" . DC  C 3 5  ? -14.860 2.963   0.628   1.00 63.81  ? 4   DC  C "C1'" 1 
ATOM   519 N  N1    . DC  C 3 5  ? -14.370 3.413   1.959   1.00 73.67  ? 4   DC  C N1    1 
ATOM   520 C  C2    . DC  C 3 5  ? -14.960 2.914   3.126   1.00 75.73  ? 4   DC  C C2    1 
ATOM   521 O  O2    . DC  C 3 5  ? -15.886 2.100   3.035   1.00 75.52  ? 4   DC  C O2    1 
ATOM   522 N  N3    . DC  C 3 5  ? -14.496 3.340   4.327   1.00 80.01  ? 4   DC  C N3    1 
ATOM   523 C  C4    . DC  C 3 5  ? -13.494 4.221   4.381   1.00 70.86  ? 4   DC  C C4    1 
ATOM   524 N  N4    . DC  C 3 5  ? -13.069 4.612   5.587   1.00 69.21  ? 4   DC  C N4    1 
ATOM   525 C  C5    . DC  C 3 5  ? -12.883 4.736   3.204   1.00 82.45  ? 4   DC  C C5    1 
ATOM   526 C  C6    . DC  C 3 5  ? -13.349 4.311   2.027   1.00 78.83  ? 4   DC  C C6    1 
ATOM   527 P  P     . DG  C 3 6  ? -17.660 4.142   -2.734  1.00 88.46  ? 5   DG  C P     1 
ATOM   528 O  OP1   . DG  C 3 6  ? -18.212 3.588   -3.991  1.00 77.57  ? 5   DG  C OP1   1 
ATOM   529 O  OP2   . DG  C 3 6  ? -17.237 5.557   -2.676  1.00 55.58  ? 5   DG  C OP2   1 
ATOM   530 O  "O5'" . DG  C 3 6  ? -18.711 3.920   -1.553  1.00 87.88  ? 5   DG  C "O5'" 1 
ATOM   531 C  "C5'" . DG  C 3 6  ? -18.896 2.628   -1.009  1.00 63.21  ? 5   DG  C "C5'" 1 
ATOM   532 C  "C4'" . DG  C 3 6  ? -19.732 2.696   0.252   1.00 60.07  ? 5   DG  C "C4'" 1 
ATOM   533 O  "O4'" . DG  C 3 6  ? -18.879 2.648   1.415   1.00 53.82  ? 5   DG  C "O4'" 1 
ATOM   534 C  "C3'" . DG  C 3 6  ? -20.516 3.976   0.428   1.00 66.58  ? 5   DG  C "C3'" 1 
ATOM   535 O  "O3'" . DG  C 3 6  ? -21.722 3.915   -0.323  1.00 72.39  ? 5   DG  C "O3'" 1 
ATOM   536 C  "C2'" . DG  C 3 6  ? -20.789 3.968   1.932   1.00 68.88  ? 5   DG  C "C2'" 1 
ATOM   537 C  "C1'" . DG  C 3 6  ? -19.556 3.253   2.503   1.00 62.45  ? 5   DG  C "C1'" 1 
ATOM   538 N  N9    . DG  C 3 6  ? -18.640 4.155   3.187   1.00 73.17  ? 5   DG  C N9    1 
ATOM   539 C  C8    . DG  C 3 6  ? -17.620 4.877   2.622   1.00 76.77  ? 5   DG  C C8    1 
ATOM   540 N  N7    . DG  C 3 6  ? -16.966 5.611   3.477   1.00 81.14  ? 5   DG  C N7    1 
ATOM   541 C  C5    . DG  C 3 6  ? -17.597 5.368   4.688   1.00 77.63  ? 5   DG  C C5    1 
ATOM   542 C  C6    . DG  C 3 6  ? -17.324 5.888   5.971   1.00 79.29  ? 5   DG  C C6    1 
ATOM   543 O  O6    . DG  C 3 6  ? -16.442 6.691   6.300   1.00 81.38  ? 5   DG  C O6    1 
ATOM   544 N  N1    . DG  C 3 6  ? -18.200 5.381   6.930   1.00 92.48  ? 5   DG  C N1    1 
ATOM   545 C  C2    . DG  C 3 6  ? -19.213 4.486   6.675   1.00 91.37  ? 5   DG  C C2    1 
ATOM   546 N  N2    . DG  C 3 6  ? -19.956 4.113   7.729   1.00 78.60  ? 5   DG  C N2    1 
ATOM   547 N  N3    . DG  C 3 6  ? -19.480 3.990   5.472   1.00 90.33  ? 5   DG  C N3    1 
ATOM   548 C  C4    . DG  C 3 6  ? -18.633 4.475   4.529   1.00 84.87  ? 5   DG  C C4    1 
ATOM   549 O  "O5'" . DT  D 4 1  ? 3.632   -22.842 1.682   1.00 93.34  ? 2   DT  D "O5'" 1 
ATOM   550 C  "C5'" . DT  D 4 1  ? 2.799   -22.077 2.547   1.00 89.60  ? 2   DT  D "C5'" 1 
ATOM   551 C  "C4'" . DT  D 4 1  ? 3.063   -22.433 3.998   1.00 103.31 ? 2   DT  D "C4'" 1 
ATOM   552 O  "O4'" . DT  D 4 1  ? 4.283   -21.808 4.427   1.00 99.81  ? 2   DT  D "O4'" 1 
ATOM   553 C  "C3'" . DT  D 4 1  ? 2.018   -21.930 4.979   1.00 103.90 ? 2   DT  D "C3'" 1 
ATOM   554 O  "O3'" . DT  D 4 1  ? 0.989   -22.896 5.131   1.00 102.98 ? 2   DT  D "O3'" 1 
ATOM   555 C  "C2'" . DT  D 4 1  ? 2.806   -21.747 6.283   1.00 104.73 ? 2   DT  D "C2'" 1 
ATOM   556 C  "C1'" . DT  D 4 1  ? 4.271   -21.714 5.832   1.00 101.54 ? 2   DT  D "C1'" 1 
ATOM   557 N  N1    . DT  D 4 1  ? 5.041   -20.483 6.242   1.00 104.26 ? 2   DT  D N1    1 
ATOM   558 C  C2    . DT  D 4 1  ? 5.142   -20.146 7.576   1.00 109.55 ? 2   DT  D C2    1 
ATOM   559 O  O2    . DT  D 4 1  ? 4.619   -20.782 8.474   1.00 110.11 ? 2   DT  D O2    1 
ATOM   560 N  N3    . DT  D 4 1  ? 5.890   -19.025 7.827   1.00 108.08 ? 2   DT  D N3    1 
ATOM   561 C  C4    . DT  D 4 1  ? 6.535   -18.225 6.902   1.00 103.05 ? 2   DT  D C4    1 
ATOM   562 O  O4    . DT  D 4 1  ? 7.181   -17.234 7.226   1.00 100.41 ? 2   DT  D O4    1 
ATOM   563 C  C5    . DT  D 4 1  ? 6.396   -18.636 5.528   1.00 106.22 ? 2   DT  D C5    1 
ATOM   564 C  C7    . DT  D 4 1  ? 7.051   -17.845 4.436   1.00 103.82 ? 2   DT  D C7    1 
ATOM   565 C  C6    . DT  D 4 1  ? 5.669   -19.732 5.268   1.00 107.72 ? 2   DT  D C6    1 
ATOM   566 P  P     . DC  D 4 2  ? -0.531  -22.510 4.778   1.00 127.68 ? 3   DC  D P     1 
ATOM   567 O  OP1   . DC  D 4 2  ? -1.393  -23.626 5.226   1.00 125.12 ? 3   DC  D OP1   1 
ATOM   568 O  OP2   . DC  D 4 2  ? -0.552  -22.064 3.368   1.00 116.15 ? 3   DC  D OP2   1 
ATOM   569 O  "O5'" . DC  D 4 2  ? -0.836  -21.252 5.717   1.00 119.46 ? 3   DC  D "O5'" 1 
ATOM   570 C  "C5'" . DC  D 4 2  ? -1.549  -21.429 6.934   1.00 100.53 ? 3   DC  D "C5'" 1 
ATOM   571 C  "C4'" . DC  D 4 2  ? -0.722  -20.970 8.123   1.00 95.88  ? 3   DC  D "C4'" 1 
ATOM   572 O  "O4'" . DC  D 4 2  ? 0.441   -20.273 7.663   1.00 111.43 ? 3   DC  D "O4'" 1 
ATOM   573 C  "C3'" . DC  D 4 2  ? -1.422  -19.985 9.056   1.00 103.26 ? 3   DC  D "C3'" 1 
ATOM   574 O  "O3'" . DC  D 4 2  ? -1.951  -20.673 10.178  1.00 110.21 ? 3   DC  D "O3'" 1 
ATOM   575 C  "C2'" . DC  D 4 2  ? -0.319  -18.984 9.466   1.00 94.73  ? 3   DC  D "C2'" 1 
ATOM   576 C  "C1'" . DC  D 4 2  ? 0.911   -19.499 8.731   1.00 107.87 ? 3   DC  D "C1'" 1 
ATOM   577 N  N1    . DC  D 4 2  ? 1.886   -18.421 8.248   1.00 106.49 ? 3   DC  D N1    1 
ATOM   578 C  C2    . DC  D 4 2  ? 2.198   -18.253 6.877   1.00 100.09 ? 3   DC  D C2    1 
ATOM   579 O  O2    . DC  D 4 2  ? 1.650   -18.951 6.022   1.00 102.33 ? 3   DC  D O2    1 
ATOM   580 N  N3    . DC  D 4 2  ? 3.095   -17.299 6.523   1.00 102.86 ? 3   DC  D N3    1 
ATOM   581 C  C4    . DC  D 4 2  ? 3.675   -16.547 7.452   1.00 102.55 ? 3   DC  D C4    1 
ATOM   582 N  N4    . DC  D 4 2  ? 4.553   -15.622 7.050   1.00 95.32  ? 3   DC  D N4    1 
ATOM   583 C  C5    . DC  D 4 2  ? 3.382   -16.704 8.834   1.00 101.58 ? 3   DC  D C5    1 
ATOM   584 C  C6    . DC  D 4 2  ? 2.502   -17.644 9.183   1.00 102.64 ? 3   DC  D C6    1 
ATOM   585 P  P     . DT  D 4 3  ? -3.541  -20.755 10.379  1.00 99.07  ? 4   DT  D P     1 
ATOM   586 O  OP1   . DT  D 4 3  ? -3.807  -21.001 11.813  1.00 110.22 ? 4   DT  D OP1   1 
ATOM   587 O  OP2   . DT  D 4 3  ? -4.065  -21.693 9.359   1.00 97.07  ? 4   DT  D OP2   1 
ATOM   588 O  "O5'" . DT  D 4 3  ? -4.043  -19.286 9.989   1.00 101.60 ? 4   DT  D "O5'" 1 
ATOM   589 C  "C5'" . DT  D 4 3  ? -4.806  -18.514 10.909  1.00 104.74 ? 4   DT  D "C5'" 1 
ATOM   590 C  "C4'" . DT  D 4 3  ? -3.907  -17.778 11.891  1.00 114.32 ? 4   DT  D "C4'" 1 
ATOM   591 O  "O4'" . DT  D 4 3  ? -2.614  -17.504 11.282  1.00 106.81 ? 4   DT  D "O4'" 1 
ATOM   592 C  "C3'" . DT  D 4 3  ? -4.437  -16.424 12.363  1.00 117.06 ? 4   DT  D "C3'" 1 
ATOM   593 O  "O3'" . DT  D 4 3  ? -4.063  -16.222 13.720  1.00 114.84 ? 4   DT  D "O3'" 1 
ATOM   594 C  "C2'" . DT  D 4 3  ? -3.720  -15.450 11.429  1.00 114.71 ? 4   DT  D "C2'" 1 
ATOM   595 C  "C1'" . DT  D 4 3  ? -2.360  -16.113 11.329  1.00 104.82 ? 4   DT  D "C1'" 1 
ATOM   596 N  N1    . DT  D 4 3  ? -1.555  -15.716 10.124  1.00 107.28 ? 4   DT  D N1    1 
ATOM   597 C  C2    . DT  D 4 3  ? -1.875  -16.225 8.882   1.00 107.24 ? 4   DT  D C2    1 
ATOM   598 O  O2    . DT  D 4 3  ? -2.800  -16.991 8.686   1.00 109.00 ? 4   DT  D O2    1 
ATOM   599 N  N3    . DT  D 4 3  ? -1.055  -15.809 7.865   1.00 111.81 ? 4   DT  D N3    1 
ATOM   600 C  C4    . DT  D 4 3  ? 0.024   -14.951 7.961   1.00 102.03 ? 4   DT  D C4    1 
ATOM   601 O  O4    . DT  D 4 3  ? 0.700   -14.631 6.988   1.00 92.32  ? 4   DT  D O4    1 
ATOM   602 C  C5    . DT  D 4 3  ? 0.301   -14.456 9.285   1.00 101.99 ? 4   DT  D C5    1 
ATOM   603 C  C7    . DT  D 4 3  ? 1.441   -13.518 9.508   1.00 94.21  ? 4   DT  D C7    1 
ATOM   604 C  C6    . DT  D 4 3  ? -0.489  -14.859 10.288  1.00 109.32 ? 4   DT  D C6    1 
ATOM   605 P  P     . DG  D 4 4  ? -4.598  -14.948 14.542  1.00 120.18 ? 5   DG  D P     1 
ATOM   606 O  OP1   . DG  D 4 4  ? -4.973  -15.418 15.895  1.00 131.35 ? 5   DG  D OP1   1 
ATOM   607 O  OP2   . DG  D 4 4  ? -5.588  -14.227 13.713  1.00 113.44 ? 5   DG  D OP2   1 
ATOM   608 O  "O5'" . DG  D 4 4  ? -3.306  -14.022 14.683  1.00 100.77 ? 5   DG  D "O5'" 1 
ATOM   609 C  "C5'" . DG  D 4 4  ? -3.236  -13.063 15.722  1.00 101.80 ? 5   DG  D "C5'" 1 
ATOM   610 C  "C4'" . DG  D 4 4  ? -3.060  -11.667 15.156  1.00 105.27 ? 5   DG  D "C4'" 1 
ATOM   611 O  "O4'" . DG  D 4 4  ? -2.562  -11.750 13.791  1.00 115.53 ? 5   DG  D "O4'" 1 
ATOM   612 C  "C3'" . DG  D 4 4  ? -4.341  -10.827 15.081  1.00 102.77 ? 5   DG  D "C3'" 1 
ATOM   613 O  "O3'" . DG  D 4 4  ? -4.049  -9.481  15.435  1.00 118.42 ? 5   DG  D "O3'" 1 
ATOM   614 C  "C2'" . DG  D 4 4  ? -4.716  -10.934 13.608  1.00 99.13  ? 5   DG  D "C2'" 1 
ATOM   615 C  "C1'" . DG  D 4 4  ? -3.333  -10.888 12.991  1.00 105.23 ? 5   DG  D "C1'" 1 
ATOM   616 N  N9    . DG  D 4 4  ? -3.277  -11.324 11.599  1.00 98.03  ? 5   DG  D N9    1 
ATOM   617 C  C8    . DG  D 4 4  ? -4.174  -12.127 10.939  1.00 99.11  ? 5   DG  D C8    1 
ATOM   618 N  N7    . DG  D 4 4  ? -3.864  -12.332 9.688   1.00 95.50  ? 5   DG  D N7    1 
ATOM   619 C  C5    . DG  D 4 4  ? -2.691  -11.609 9.506   1.00 101.47 ? 5   DG  D C5    1 
ATOM   620 C  C6    . DG  D 4 4  ? -1.885  -11.449 8.351   1.00 98.92  ? 5   DG  D C6    1 
ATOM   621 O  O6    . DG  D 4 4  ? -2.054  -11.932 7.223   1.00 87.52  ? 5   DG  D O6    1 
ATOM   622 N  N1    . DG  D 4 4  ? -0.784  -10.631 8.602   1.00 86.79  ? 5   DG  D N1    1 
ATOM   623 C  C2    . DG  D 4 4  ? -0.501  -10.045 9.815   1.00 95.55  ? 5   DG  D C2    1 
ATOM   624 N  N2    . DG  D 4 4  ? 0.602   -9.289  9.866   1.00 96.39  ? 5   DG  D N2    1 
ATOM   625 N  N3    . DG  D 4 4  ? -1.248  -10.187 10.899  1.00 98.16  ? 5   DG  D N3    1 
ATOM   626 C  C4    . DG  D 4 4  ? -2.321  -10.979 10.672  1.00 101.46 ? 5   DG  D C4    1 
ATOM   627 P  P     . DA  D 4 5  ? -4.571  -8.870  16.825  1.00 130.13 ? 6   DA  D P     1 
ATOM   628 O  OP1   . DA  D 4 5  ? -3.438  -8.889  17.778  1.00 119.01 ? 6   DA  D OP1   1 
ATOM   629 O  OP2   . DA  D 4 5  ? -5.836  -9.556  17.169  1.00 112.44 ? 6   DA  D OP2   1 
ATOM   630 O  "O5'" . DA  D 4 5  ? -4.915  -7.346  16.468  1.00 113.68 ? 6   DA  D "O5'" 1 
ATOM   631 C  "C5'" . DA  D 4 5  ? -4.131  -6.290  17.011  1.00 107.25 ? 6   DA  D "C5'" 1 
ATOM   632 C  "C4'" . DA  D 4 5  ? -2.969  -5.941  16.094  1.00 111.89 ? 6   DA  D "C4'" 1 
ATOM   633 O  "O4'" . DA  D 4 5  ? -2.945  -6.849  14.959  1.00 107.83 ? 6   DA  D "O4'" 1 
ATOM   634 C  "C3'" . DA  D 4 5  ? -3.016  -4.531  15.505  1.00 105.08 ? 6   DA  D "C3'" 1 
ATOM   635 O  "O3'" . DA  D 4 5  ? -1.708  -3.970  15.490  1.00 98.76  ? 6   DA  D "O3'" 1 
ATOM   636 C  "C2'" . DA  D 4 5  ? -3.536  -4.771  14.090  1.00 100.89 ? 6   DA  D "C2'" 1 
ATOM   637 C  "C1'" . DA  D 4 5  ? -2.881  -6.101  13.766  1.00 104.37 ? 6   DA  D "C1'" 1 
ATOM   638 N  N9    . DA  D 4 5  ? -3.556  -6.849  12.711  1.00 104.31 ? 6   DA  D N9    1 
ATOM   639 C  C8    . DA  D 4 5  ? -4.723  -7.552  12.815  1.00 105.18 ? 6   DA  D C8    1 
ATOM   640 N  N7    . DA  D 4 5  ? -5.090  -8.135  11.699  1.00 100.08 ? 6   DA  D N7    1 
ATOM   641 C  C5    . DA  D 4 5  ? -4.095  -7.789  10.801  1.00 99.45  ? 6   DA  D C5    1 
ATOM   642 C  C6    . DA  D 4 5  ? -3.897  -8.091  9.440   1.00 94.61  ? 6   DA  D C6    1 
ATOM   643 N  N6    . DA  D 4 5  ? -4.736  -8.844  8.723   1.00 81.40  ? 6   DA  D N6    1 
ATOM   644 N  N1    . DA  D 4 5  ? -2.799  -7.588  8.841   1.00 98.75  ? 6   DA  D N1    1 
ATOM   645 C  C2    . DA  D 4 5  ? -1.960  -6.833  9.560   1.00 95.74  ? 6   DA  D C2    1 
ATOM   646 N  N3    . DA  D 4 5  ? -2.040  -6.482  10.842  1.00 91.98  ? 6   DA  D N3    1 
ATOM   647 C  C4    . DA  D 4 5  ? -3.141  -6.997  11.409  1.00 99.12  ? 6   DA  D C4    1 
ATOM   648 P  P     . DG  D 4 6  ? -1.466  -2.465  16.004  1.00 123.29 ? 7   DG  D P     1 
ATOM   649 O  OP1   . DG  D 4 6  ? -0.244  -2.463  16.841  1.00 127.73 ? 7   DG  D OP1   1 
ATOM   650 O  OP2   . DG  D 4 6  ? -2.743  -1.970  16.561  1.00 115.73 ? 7   DG  D OP2   1 
ATOM   651 O  "O5'" . DG  D 4 6  ? -1.166  -1.642  14.666  1.00 102.33 ? 7   DG  D "O5'" 1 
ATOM   652 C  "C5'" . DG  D 4 6  ? -2.155  -1.550  13.649  1.00 94.76  ? 7   DG  D "C5'" 1 
ATOM   653 C  "C4'" . DG  D 4 6  ? -1.542  -1.797  12.283  1.00 95.08  ? 7   DG  D "C4'" 1 
ATOM   654 O  "O4'" . DG  D 4 6  ? -2.132  -2.983  11.687  1.00 96.63  ? 7   DG  D "O4'" 1 
ATOM   655 C  "C3'" . DG  D 4 6  ? -1.745  -0.666  11.278  1.00 99.50  ? 7   DG  D "C3'" 1 
ATOM   656 O  "O3'" . DG  D 4 6  ? -0.530  -0.408  10.590  1.00 107.71 ? 7   DG  D "O3'" 1 
ATOM   657 C  "C2'" . DG  D 4 6  ? -2.824  -1.209  10.340  1.00 91.57  ? 7   DG  D "C2'" 1 
ATOM   658 C  "C1'" . DG  D 4 6  ? -2.537  -2.698  10.367  1.00 88.91  ? 7   DG  D "C1'" 1 
ATOM   659 N  N9    . DG  D 4 6  ? -3.696  -3.538  10.053  1.00 99.00  ? 7   DG  D N9    1 
ATOM   660 C  C8    . DG  D 4 6  ? -4.713  -3.894  10.907  1.00 98.21  ? 7   DG  D C8    1 
ATOM   661 N  N7    . DG  D 4 6  ? -5.608  -4.666  10.357  1.00 87.20  ? 7   DG  D N7    1 
ATOM   662 C  C5    . DG  D 4 6  ? -5.157  -4.838  9.055   1.00 88.01  ? 7   DG  D C5    1 
ATOM   663 C  C6    . DG  D 4 6  ? -5.718  -5.578  7.987   1.00 91.08  ? 7   DG  D C6    1 
ATOM   664 O  O6    . DG  D 4 6  ? -6.759  -6.252  7.983   1.00 84.87  ? 7   DG  D O6    1 
ATOM   665 N  N1    . DG  D 4 6  ? -4.941  -5.488  6.834   1.00 93.95  ? 7   DG  D N1    1 
ATOM   666 C  C2    . DG  D 4 6  ? -3.771  -4.774  6.728   1.00 91.04  ? 7   DG  D C2    1 
ATOM   667 N  N2    . DG  D 4 6  ? -3.163  -4.805  5.533   1.00 85.63  ? 7   DG  D N2    1 
ATOM   668 N  N3    . DG  D 4 6  ? -3.233  -4.074  7.721   1.00 91.80  ? 7   DG  D N3    1 
ATOM   669 C  C4    . DG  D 4 6  ? -3.978  -4.152  8.851   1.00 92.25  ? 7   DG  D C4    1 
ATOM   670 P  P     . DT  D 4 7  ? -0.291  1.022   9.898   1.00 92.88  ? 8   DT  D P     1 
ATOM   671 O  OP1   . DT  D 4 7  ? 1.111   1.075   9.426   1.00 89.75  ? 8   DT  D OP1   1 
ATOM   672 O  OP2   . DT  D 4 7  ? -0.794  2.057   10.827  1.00 88.06  ? 8   DT  D OP2   1 
ATOM   673 O  "O5'" . DT  D 4 7  ? -1.274  0.997   8.640   1.00 72.51  ? 8   DT  D "O5'" 1 
ATOM   674 C  "C5'" . DT  D 4 7  ? -1.178  1.996   7.643   1.00 87.75  ? 8   DT  D "C5'" 1 
ATOM   675 C  "C4'" . DT  D 4 7  ? -0.821  1.375   6.307   1.00 84.19  ? 8   DT  D "C4'" 1 
ATOM   676 O  "O4'" . DT  D 4 7  ? -1.523  0.115   6.163   1.00 94.43  ? 8   DT  D "O4'" 1 
ATOM   677 C  "C3'" . DT  D 4 7  ? -1.228  2.195   5.095   1.00 78.30  ? 8   DT  D "C3'" 1 
ATOM   678 O  "O3'" . DT  D 4 7  ? -0.391  1.870   3.992   1.00 94.94  ? 8   DT  D "O3'" 1 
ATOM   679 C  "C2'" . DT  D 4 7  ? -2.654  1.717   4.870   1.00 68.80  ? 8   DT  D "C2'" 1 
ATOM   680 C  "C1'" . DT  D 4 7  ? -2.507  0.228   5.150   1.00 79.32  ? 8   DT  D "C1'" 1 
ATOM   681 N  N1    . DT  D 4 7  ? -3.756  -0.447  5.631   1.00 75.95  ? 8   DT  D N1    1 
ATOM   682 C  C2    . DT  D 4 7  ? -4.385  -1.357  4.814   1.00 81.10  ? 8   DT  D C2    1 
ATOM   683 O  O2    . DT  D 4 7  ? -3.992  -1.628  3.694   1.00 69.97  ? 8   DT  D O2    1 
ATOM   684 N  N3    . DT  D 4 7  ? -5.502  -1.937  5.355   1.00 90.76  ? 8   DT  D N3    1 
ATOM   685 C  C4    . DT  D 4 7  ? -6.038  -1.709  6.608   1.00 77.82  ? 8   DT  D C4    1 
ATOM   686 O  O4    . DT  D 4 7  ? -7.050  -2.281  7.007   1.00 68.78  ? 8   DT  D O4    1 
ATOM   687 C  C5    . DT  D 4 7  ? -5.328  -0.752  7.416   1.00 71.00  ? 8   DT  D C5    1 
ATOM   688 C  C7    . DT  D 4 7  ? -5.821  -0.425  8.790   1.00 72.96  ? 8   DT  D C7    1 
ATOM   689 C  C6    . DT  D 4 7  ? -4.229  -0.178  6.898   1.00 75.83  ? 8   DT  D C6    1 
ATOM   690 P  P     . DG  D 4 8  ? -0.191  2.918   2.793   1.00 90.37  ? 9   DG  D P     1 
ATOM   691 O  OP1   . DG  D 4 8  ? 0.926   2.434   1.951   1.00 81.44  ? 9   DG  D OP1   1 
ATOM   692 O  OP2   . DG  D 4 8  ? -0.144  4.267   3.398   1.00 78.35  ? 9   DG  D OP2   1 
ATOM   693 O  "O5'" . DG  D 4 8  ? -1.546  2.806   1.949   1.00 76.60  ? 9   DG  D "O5'" 1 
ATOM   694 C  "C5'" . DG  D 4 8  ? -1.949  1.552   1.418   1.00 64.05  ? 9   DG  D "C5'" 1 
ATOM   695 C  "C4'" . DG  D 4 8  ? -3.411  1.581   1.014   1.00 65.03  ? 9   DG  D "C4'" 1 
ATOM   696 O  "O4'" . DG  D 4 8  ? -4.243  1.125   2.112   1.00 91.05  ? 9   DG  D "O4'" 1 
ATOM   697 C  "C3'" . DG  D 4 8  ? -3.952  2.963   0.621   1.00 60.99  ? 9   DG  D "C3'" 1 
ATOM   698 O  "O3'" . DG  D 4 8  ? -4.661  2.860   -0.600  1.00 76.88  ? 9   DG  D "O3'" 1 
ATOM   699 C  "C2'" . DG  D 4 8  ? -4.897  3.308   1.774   1.00 61.98  ? 9   DG  D "C2'" 1 
ATOM   700 C  "C1'" . DG  D 4 8  ? -5.395  1.926   2.142   1.00 75.02  ? 9   DG  D "C1'" 1 
ATOM   701 N  N9    . DG  D 4 8  ? -6.014  1.842   3.460   1.00 67.60  ? 9   DG  D N9    1 
ATOM   702 C  C8    . DG  D 4 8  ? -5.716  2.595   4.570   1.00 63.14  ? 9   DG  D C8    1 
ATOM   703 N  N7    . DG  D 4 8  ? -6.442  2.296   5.610   1.00 77.72  ? 9   DG  D N7    1 
ATOM   704 C  C5    . DG  D 4 8  ? -7.284  1.288   5.158   1.00 81.67  ? 9   DG  D C5    1 
ATOM   705 C  C6    . DG  D 4 8  ? -8.296  0.571   5.840   1.00 79.70  ? 9   DG  D C6    1 
ATOM   706 O  O6    . DG  D 4 8  ? -8.660  0.692   7.018   1.00 68.67  ? 9   DG  D O6    1 
ATOM   707 N  N1    . DG  D 4 8  ? -8.913  -0.362  5.010   1.00 81.05  ? 9   DG  D N1    1 
ATOM   708 C  C2    . DG  D 4 8  ? -8.591  -0.577  3.691   1.00 80.68  ? 9   DG  D C2    1 
ATOM   709 N  N2    . DG  D 4 8  ? -9.297  -1.521  3.052   1.00 83.32  ? 9   DG  D N2    1 
ATOM   710 N  N3    . DG  D 4 8  ? -7.644  0.089   3.041   1.00 68.38  ? 9   DG  D N3    1 
ATOM   711 C  C4    . DG  D 4 8  ? -7.035  1.002   3.835   1.00 68.31  ? 9   DG  D C4    1 
ATOM   712 P  P     . DG  D 4 9  ? -4.031  3.438   -1.961  1.00 72.39  ? 10  DG  D P     1 
ATOM   713 O  OP1   . DG  D 4 9  ? -4.832  2.892   -3.081  1.00 60.45  ? 10  DG  D OP1   1 
ATOM   714 O  OP2   . DG  D 4 9  ? -2.570  3.208   -1.924  1.00 68.55  ? 10  DG  D OP2   1 
ATOM   715 O  "O5'" . DG  D 4 9  ? -4.272  5.014   -1.858  1.00 59.22  ? 10  DG  D "O5'" 1 
ATOM   716 C  "C5'" . DG  D 4 9  ? -3.210  5.871   -1.457  1.00 64.72  ? 10  DG  D "C5'" 1 
ATOM   717 C  "C4'" . DG  D 4 9  ? -3.135  7.086   -2.366  1.00 84.11  ? 10  DG  D "C4'" 1 
ATOM   718 O  "O4'" . DG  D 4 9  ? -2.363  8.126   -1.720  1.00 84.44  ? 10  DG  D "O4'" 1 
ATOM   719 C  "C3'" . DG  D 4 9  ? -2.471  6.837   -3.713  1.00 72.14  ? 10  DG  D "C3'" 1 
ATOM   720 O  "O3'" . DG  D 4 9  ? -3.464  6.545   -4.683  1.00 65.75  ? 10  DG  D "O3'" 1 
ATOM   721 C  "C2'" . DG  D 4 9  ? -1.786  8.165   -4.016  1.00 77.04  ? 10  DG  D "C2'" 1 
ATOM   722 C  "C1'" . DG  D 4 9  ? -1.453  8.704   -2.633  1.00 72.56  ? 10  DG  D "C1'" 1 
ATOM   723 N  N9    . DG  D 4 9  ? -0.103  8.407   -2.173  1.00 73.63  ? 10  DG  D N9    1 
ATOM   724 C  C8    . DG  D 4 9  ? 0.256   7.475   -1.232  1.00 77.77  ? 10  DG  D C8    1 
ATOM   725 N  N7    . DG  D 4 9  ? 1.535   7.442   -0.994  1.00 76.80  ? 10  DG  D N7    1 
ATOM   726 C  C5    . DG  D 4 9  ? 2.062   8.421   -1.826  1.00 87.50  ? 10  DG  D C5    1 
ATOM   727 C  C6    . DG  D 4 9  ? 3.401   8.841   -2.000  1.00 93.14  ? 10  DG  D C6    1 
ATOM   728 O  O6    . DG  D 4 9  ? 4.419   8.414   -1.438  1.00 99.74  ? 10  DG  D O6    1 
ATOM   729 N  N1    . DG  D 4 9  ? 3.502   9.861   -2.942  1.00 93.11  ? 10  DG  D N1    1 
ATOM   730 C  C2    . DG  D 4 9  ? 2.443   10.408  -3.627  1.00 95.71  ? 10  DG  D C2    1 
ATOM   731 N  N2    . DG  D 4 9  ? 2.740   11.385  -4.496  1.00 102.81 ? 10  DG  D N2    1 
ATOM   732 N  N3    . DG  D 4 9  ? 1.181   10.024  -3.470  1.00 91.35  ? 10  DG  D N3    1 
ATOM   733 C  C4    . DG  D 4 9  ? 1.066   9.029   -2.556  1.00 83.49  ? 10  DG  D C4    1 
ATOM   734 P  P     . DG  D 4 10 ? -3.176  5.481   -5.849  1.00 63.68  ? 11  DG  D P     1 
ATOM   735 O  OP1   . DG  D 4 10 ? -4.447  5.276   -6.579  1.00 74.27  ? 11  DG  D OP1   1 
ATOM   736 O  OP2   . DG  D 4 10 ? -2.462  4.336   -5.240  1.00 71.77  ? 11  DG  D OP2   1 
ATOM   737 O  "O5'" . DG  D 4 10 ? -2.160  6.237   -6.820  1.00 87.01  ? 11  DG  D "O5'" 1 
ATOM   738 C  "C5'" . DG  D 4 10 ? -2.499  7.506   -7.352  1.00 79.50  ? 11  DG  D "C5'" 1 
ATOM   739 C  "C4'" . DG  D 4 10 ? -1.270  8.169   -7.940  1.00 75.14  ? 11  DG  D "C4'" 1 
ATOM   740 O  "O4'" . DG  D 4 10 ? -0.436  8.687   -6.877  1.00 65.51  ? 11  DG  D "O4'" 1 
ATOM   741 C  "C3'" . DG  D 4 10 ? -0.380  7.236   -8.728  1.00 84.38  ? 11  DG  D "C3'" 1 
ATOM   742 O  "O3'" . DG  D 4 10 ? -0.847  7.185   -10.070 1.00 95.76  ? 11  DG  D "O3'" 1 
ATOM   743 C  "C2'" . DG  D 4 10 ? 0.988   7.905   -8.607  1.00 89.06  ? 11  DG  D "C2'" 1 
ATOM   744 C  "C1'" . DG  D 4 10 ? 0.931   8.514   -7.208  1.00 79.69  ? 11  DG  D "C1'" 1 
ATOM   745 N  N9    . DG  D 4 10 ? 1.546   7.696   -6.164  1.00 89.82  ? 11  DG  D N9    1 
ATOM   746 C  C8    . DG  D 4 10 ? 0.910   6.787   -5.356  1.00 89.63  ? 11  DG  D C8    1 
ATOM   747 N  N7    . DG  D 4 10 ? 1.696   6.215   -4.491  1.00 86.12  ? 11  DG  D N7    1 
ATOM   748 C  C5    . DG  D 4 10 ? 2.939   6.781   -4.736  1.00 90.05  ? 11  DG  D C5    1 
ATOM   749 C  C6    . DG  D 4 10 ? 4.180   6.544   -4.108  1.00 91.22  ? 11  DG  D C6    1 
ATOM   750 O  O6    . DG  D 4 10 ? 4.434   5.764   -3.181  1.00 82.96  ? 11  DG  D O6    1 
ATOM   751 N  N1    . DG  D 4 10 ? 5.193   7.328   -4.657  1.00 99.32  ? 11  DG  D N1    1 
ATOM   752 C  C2    . DG  D 4 10 ? 5.024   8.224   -5.685  1.00 88.16  ? 11  DG  D C2    1 
ATOM   753 N  N2    . DG  D 4 10 ? 6.122   8.887   -6.079  1.00 96.46  ? 11  DG  D N2    1 
ATOM   754 N  N3    . DG  D 4 10 ? 3.862   8.456   -6.287  1.00 78.42  ? 11  DG  D N3    1 
ATOM   755 C  C4    . DG  D 4 10 ? 2.864   7.700   -5.761  1.00 93.76  ? 11  DG  D C4    1 
ATOM   756 P  P     . DT  D 4 11 ? 0.131   6.814   -11.288 1.00 108.75 ? 12  DT  D P     1 
ATOM   757 O  OP1   . DT  D 4 11 ? -0.749  6.414   -12.404 1.00 97.38  ? 12  DT  D OP1   1 
ATOM   758 O  OP2   . DT  D 4 11 ? 1.169   5.863   -10.829 1.00 91.57  ? 12  DT  D OP2   1 
ATOM   759 O  "O5'" . DT  D 4 11 ? 0.806   8.212   -11.677 1.00 101.80 ? 12  DT  D "O5'" 1 
ATOM   760 C  "C5'" . DT  D 4 11 ? 1.468   8.347   -12.916 1.00 90.78  ? 12  DT  D "C5'" 1 
ATOM   761 C  "C4'" . DT  D 4 11 ? 2.868   8.891   -12.724 1.00 83.13  ? 12  DT  D "C4'" 1 
ATOM   762 O  "O4'" . DT  D 4 11 ? 3.330   8.603   -11.375 1.00 88.30  ? 12  DT  D "O4'" 1 
ATOM   763 C  "C3'" . DT  D 4 11 ? 3.919   8.302   -13.670 1.00 101.66 ? 12  DT  D "C3'" 1 
ATOM   764 O  "O3'" . DT  D 4 11 ? 4.692   9.344   -14.250 1.00 121.51 ? 12  DT  D "O3'" 1 
ATOM   765 C  "C2'" . DT  D 4 11 ? 4.767   7.420   -12.755 1.00 96.04  ? 12  DT  D "C2'" 1 
ATOM   766 C  "C1'" . DT  D 4 11 ? 4.667   8.180   -11.448 1.00 88.72  ? 12  DT  D "C1'" 1 
ATOM   767 N  N1    . DT  D 4 11 ? 4.992   7.354   -10.252 1.00 92.05  ? 12  DT  D N1    1 
ATOM   768 C  C2    . DT  D 4 11 ? 6.272   7.379   -9.762  1.00 94.20  ? 12  DT  D C2    1 
ATOM   769 O  O2    . DT  D 4 11 ? 7.159   8.051   -10.255 1.00 102.14 ? 12  DT  D O2    1 
ATOM   770 N  N3    . DT  D 4 11 ? 6.483   6.585   -8.668  1.00 98.10  ? 12  DT  D N3    1 
ATOM   771 C  C4    . DT  D 4 11 ? 5.557   5.782   -8.030  1.00 101.87 ? 12  DT  D C4    1 
ATOM   772 O  O4    . DT  D 4 11 ? 5.842   5.103   -7.051  1.00 105.04 ? 12  DT  D O4    1 
ATOM   773 C  C5    . DT  D 4 11 ? 4.230   5.801   -8.597  1.00 95.53  ? 12  DT  D C5    1 
ATOM   774 C  C7    . DT  D 4 11 ? 3.140   4.970   -7.988  1.00 89.60  ? 12  DT  D C7    1 
ATOM   775 C  C6    . DT  D 4 11 ? 4.014   6.575   -9.670  1.00 95.96  ? 12  DT  D C6    1 
ATOM   776 P  P     . DC  D 4 12 ? 5.831   8.996   -15.330 1.00 127.58 ? 13  DC  D P     1 
ATOM   777 O  OP1   . DC  D 4 12 ? 6.171   10.243  -16.050 1.00 125.71 ? 13  DC  D OP1   1 
ATOM   778 O  OP2   . DC  D 4 12 ? 5.371   7.811   -16.088 1.00 117.61 ? 13  DC  D OP2   1 
ATOM   779 O  "O5'" . DC  D 4 12 ? 7.088   8.558   -14.441 1.00 101.94 ? 13  DC  D "O5'" 1 
ATOM   780 C  "C5'" . DC  D 4 12 ? 8.030   7.621   -14.957 1.00 105.37 ? 13  DC  D "C5'" 1 
ATOM   781 C  "C4'" . DC  D 4 12 ? 9.195   7.432   -13.999 1.00 121.34 ? 13  DC  D "C4'" 1 
ATOM   782 O  "O4'" . DC  D 4 12 ? 8.710   6.911   -12.745 1.00 101.77 ? 13  DC  D "O4'" 1 
ATOM   783 C  "C3'" . DC  D 4 12 ? 10.272  6.452   -14.480 1.00 131.98 ? 13  DC  D "C3'" 1 
ATOM   784 O  "O3'" . DC  D 4 12 ? 11.492  7.145   -14.709 1.00 131.02 ? 13  DC  D "O3'" 1 
ATOM   785 C  "C2'" . DC  D 4 12 ? 10.407  5.424   -13.343 1.00 123.10 ? 13  DC  D "C2'" 1 
ATOM   786 C  "C1'" . DC  D 4 12 ? 9.707   6.105   -12.176 1.00 110.44 ? 13  DC  D "C1'" 1 
ATOM   787 N  N1    . DC  D 4 12 ? 9.052   5.156   -11.228 1.00 112.80 ? 13  DC  D N1    1 
ATOM   788 C  C2    . DC  D 4 12 ? 9.807   4.550   -10.217 1.00 114.20 ? 13  DC  D C2    1 
ATOM   789 O  O2    . DC  D 4 12 ? 11.015  4.804   -10.131 1.00 116.62 ? 13  DC  D O2    1 
ATOM   790 N  N3    . DC  D 4 12 ? 9.192   3.698   -9.361  1.00 114.52 ? 13  DC  D N3    1 
ATOM   791 C  C4    . DC  D 4 12 ? 7.887   3.452   -9.489  1.00 117.41 ? 13  DC  D C4    1 
ATOM   792 N  N4    . DC  D 4 12 ? 7.323   2.605   -8.622  1.00 116.53 ? 13  DC  D N4    1 
ATOM   793 C  C5    . DC  D 4 12 ? 7.101   4.060   -10.510 1.00 109.35 ? 13  DC  D C5    1 
ATOM   794 C  C6    . DC  D 4 12 ? 7.718   4.898   -11.347 1.00 109.25 ? 13  DC  D C6    1 
ATOM   795 P  P     . DT  D 4 13 ? 12.521  6.618   -15.824 1.00 147.63 ? 14  DT  D P     1 
ATOM   796 O  OP1   . DT  D 4 13 ? 13.416  7.741   -16.182 1.00 154.06 ? 14  DT  D OP1   1 
ATOM   797 O  OP2   . DT  D 4 13 ? 11.723  5.952   -16.876 1.00 144.23 ? 14  DT  D OP2   1 
ATOM   798 O  "O5'" . DT  D 4 13 ? 13.371  5.496   -15.064 1.00 140.03 ? 14  DT  D "O5'" 1 
ATOM   799 C  "C5'" . DT  D 4 13 ? 14.233  5.866   -13.997 1.00 136.84 ? 14  DT  D "C5'" 1 
ATOM   800 C  "C4'" . DT  D 4 13 ? 14.821  4.641   -13.311 1.00 140.07 ? 14  DT  D "C4'" 1 
ATOM   801 O  "O4'" . DT  D 4 13 ? 13.852  4.066   -12.401 1.00 133.54 ? 14  DT  D "O4'" 1 
ATOM   802 C  "C3'" . DT  D 4 13 ? 15.265  3.504   -14.243 1.00 140.20 ? 14  DT  D "C3'" 1 
ATOM   803 O  "O3'" . DT  D 4 13 ? 16.649  3.215   -14.005 1.00 150.77 ? 14  DT  D "O3'" 1 
ATOM   804 C  "C2'" . DT  D 4 13 ? 14.351  2.330   -13.853 1.00 133.55 ? 14  DT  D "C2'" 1 
ATOM   805 C  "C1'" . DT  D 4 13 ? 14.004  2.671   -12.415 1.00 133.17 ? 14  DT  D "C1'" 1 
ATOM   806 N  N1    . DT  D 4 13 ? 12.735  2.051   -11.922 1.00 134.76 ? 14  DT  D N1    1 
ATOM   807 C  C2    . DT  D 4 13 ? 12.767  1.265   -10.793 1.00 130.80 ? 14  DT  D C2    1 
ATOM   808 O  O2    . DT  D 4 13 ? 13.788  1.031   -10.171 1.00 135.81 ? 14  DT  D O2    1 
ATOM   809 N  N3    . DT  D 4 13 ? 11.553  0.755   -10.415 1.00 122.41 ? 14  DT  D N3    1 
ATOM   810 C  C4    . DT  D 4 13 ? 10.335  0.951   -11.038 1.00 124.55 ? 14  DT  D C4    1 
ATOM   811 O  O4    . DT  D 4 13 ? 9.296   0.449   -10.622 1.00 123.68 ? 14  DT  D O4    1 
ATOM   812 C  C5    . DT  D 4 13 ? 10.370  1.788   -12.213 1.00 125.58 ? 14  DT  D C5    1 
ATOM   813 C  C7    . DT  D 4 13 ? 9.109   2.070   -12.974 1.00 118.55 ? 14  DT  D C7    1 
ATOM   814 C  C6    . DT  D 4 13 ? 11.555  2.292   -12.594 1.00 125.65 ? 14  DT  D C6    1 
ATOM   815 P  P     . DG  D 4 14 ? 17.353  1.905   -14.619 1.00 155.64 ? 15  DG  D P     1 
ATOM   816 O  OP1   . DG  D 4 14 ? 18.790  2.221   -14.780 1.00 154.77 ? 15  DG  D OP1   1 
ATOM   817 O  OP2   . DG  D 4 14 ? 16.579  1.453   -15.796 1.00 146.20 ? 15  DG  D OP2   1 
ATOM   818 O  "O5'" . DG  D 4 14 ? 17.222  0.824   -13.446 1.00 139.46 ? 15  DG  D "O5'" 1 
ATOM   819 C  "C5'" . DG  D 4 14 ? 18.074  -0.315  -13.417 1.00 135.23 ? 15  DG  D "C5'" 1 
ATOM   820 C  "C4'" . DG  D 4 14 ? 17.830  -1.130  -12.160 1.00 132.13 ? 15  DG  D "C4'" 1 
ATOM   821 O  "O4'" . DG  D 4 14 ? 16.447  -0.969  -11.751 1.00 130.69 ? 15  DG  D "O4'" 1 
ATOM   822 C  "C3'" . DG  D 4 14 ? 18.016  -2.628  -12.323 1.00 131.31 ? 15  DG  D "C3'" 1 
ATOM   823 O  "O3'" . DG  D 4 14 ? 18.268  -3.223  -11.055 1.00 125.92 ? 15  DG  D "O3'" 1 
ATOM   824 C  "C2'" . DG  D 4 14 ? 16.655  -3.037  -12.859 1.00 129.43 ? 15  DG  D "C2'" 1 
ATOM   825 C  "C1'" . DG  D 4 14 ? 15.734  -2.165  -12.012 1.00 124.89 ? 15  DG  D "C1'" 1 
ATOM   826 N  N9    . DG  D 4 14 ? 14.483  -1.827  -12.680 1.00 119.72 ? 15  DG  D N9    1 
ATOM   827 C  C8    . DG  D 4 14 ? 14.332  -1.086  -13.827 1.00 121.85 ? 15  DG  D C8    1 
ATOM   828 N  N7    . DG  D 4 14 ? 13.089  -0.951  -14.197 1.00 122.38 ? 15  DG  D N7    1 
ATOM   829 C  C5    . DG  D 4 14 ? 12.370  -1.651  -13.236 1.00 127.31 ? 15  DG  D C5    1 
ATOM   830 C  C6    . DG  D 4 14 ? 10.976  -1.859  -13.109 1.00 118.53 ? 15  DG  D C6    1 
ATOM   831 O  O6    . DG  D 4 14 ? 10.067  -1.451  -13.847 1.00 118.17 ? 15  DG  D O6    1 
ATOM   832 N  N1    . DG  D 4 14 ? 10.671  -2.628  -11.988 1.00 105.38 ? 15  DG  D N1    1 
ATOM   833 C  C2    . DG  D 4 14 ? 11.595  -3.132  -11.104 1.00 110.44 ? 15  DG  D C2    1 
ATOM   834 N  N2    . DG  D 4 14 ? 11.109  -3.851  -10.082 1.00 105.51 ? 15  DG  D N2    1 
ATOM   835 N  N3    . DG  D 4 14 ? 12.903  -2.945  -11.211 1.00 123.35 ? 15  DG  D N3    1 
ATOM   836 C  C4    . DG  D 4 14 ? 13.218  -2.197  -12.297 1.00 126.42 ? 15  DG  D C4    1 
ATOM   837 P  P     . DC  D 4 15 ? 18.873  -4.709  -10.952 1.00 138.12 ? 16  DC  D P     1 
ATOM   838 O  OP1   . DC  D 4 15 ? 20.346  -4.588  -10.897 1.00 138.70 ? 16  DC  D OP1   1 
ATOM   839 O  OP2   . DC  D 4 15 ? 18.245  -5.551  -11.993 1.00 120.41 ? 16  DC  D OP2   1 
ATOM   840 O  "O5'" . DC  D 4 15 ? 18.353  -5.238  -9.535  1.00 130.06 ? 16  DC  D "O5'" 1 
ATOM   841 C  "C5'" . DC  D 4 15 ? 18.689  -6.552  -9.099  1.00 107.84 ? 16  DC  D "C5'" 1 
ATOM   842 C  "C4'" . DC  D 4 15 ? 17.480  -7.473  -9.149  1.00 110.75 ? 16  DC  D "C4'" 1 
ATOM   843 O  "O4'" . DC  D 4 15 ? 16.309  -6.722  -9.512  1.00 112.42 ? 16  DC  D "O4'" 1 
ATOM   844 C  "C3'" . DC  D 4 15 ? 17.544  -8.571  -10.193 1.00 115.25 ? 16  DC  D "C3'" 1 
ATOM   845 O  "O3'" . DC  D 4 15 ? 18.262  -9.693  -9.685  1.00 109.34 ? 16  DC  D "O3'" 1 
ATOM   846 C  "C2'" . DC  D 4 15 ? 16.063  -8.906  -10.422 1.00 106.54 ? 16  DC  D "C2'" 1 
ATOM   847 C  "C1'" . DC  D 4 15 ? 15.330  -7.627  -9.979  1.00 109.70 ? 16  DC  D "C1'" 1 
ATOM   848 N  N1    . DC  D 4 15 ? 14.541  -6.971  -11.068 1.00 113.29 ? 16  DC  D N1    1 
ATOM   849 C  C2    . DC  D 4 15 ? 13.146  -7.060  -11.058 1.00 110.91 ? 16  DC  D C2    1 
ATOM   850 O  O2    . DC  D 4 15 ? 12.589  -7.680  -10.145 1.00 108.73 ? 16  DC  D O2    1 
ATOM   851 N  N3    . DC  D 4 15 ? 12.442  -6.462  -12.051 1.00 111.13 ? 16  DC  D N3    1 
ATOM   852 C  C4    . DC  D 4 15 ? 13.078  -5.802  -13.018 1.00 110.07 ? 16  DC  D C4    1 
ATOM   853 N  N4    . DC  D 4 15 ? 12.342  -5.229  -13.974 1.00 109.56 ? 16  DC  D N4    1 
ATOM   854 C  C5    . DC  D 4 15 ? 14.500  -5.702  -13.046 1.00 114.84 ? 16  DC  D C5    1 
ATOM   855 C  C6    . DC  D 4 15 ? 15.185  -6.294  -12.061 1.00 117.65 ? 16  DC  D C6    1 
HETATM 856 AS AS    . CAC E 5 .  ? 8.273   5.031   1.432   1.00 195.55 ? 101 CAC A AS    1 
HETATM 857 AS AS    . CAC F 5 .  ? -10.868 9.088   8.503   1.00 107.82 ? 101 CAC B AS    1 
# 
loop_
_pdbx_poly_seq_scheme.asym_id 
_pdbx_poly_seq_scheme.entity_id 
_pdbx_poly_seq_scheme.seq_id 
_pdbx_poly_seq_scheme.mon_id 
_pdbx_poly_seq_scheme.ndb_seq_num 
_pdbx_poly_seq_scheme.pdb_seq_num 
_pdbx_poly_seq_scheme.auth_seq_num 
_pdbx_poly_seq_scheme.pdb_mon_id 
_pdbx_poly_seq_scheme.auth_mon_id 
_pdbx_poly_seq_scheme.pdb_strand_id 
_pdbx_poly_seq_scheme.pdb_ins_code 
_pdbx_poly_seq_scheme.hetero 
A 1 1  DG 1  1  1  DG DG A . n 
A 1 2  DA 2  2  2  DA DA A . n 
A 1 3  DG 3  3  3  DG DG A . n 
A 1 4  DC 4  4  4  DC DC A . n 
A 1 5  DA 5  5  5  DA DA A . n 
A 1 6  DG 6  6  6  DG DG A . n 
A 1 7  DA 7  7  7  DA DA A . n 
A 1 8  DC 8  8  8  DC DC A . n 
A 1 9  DC 9  9  9  DC DC A . n 
A 1 10 DA 10 10 10 DA DA A . n 
A 1 11 DG 11 11 11 DG DG A . n 
A 1 12 DA 12 12 12 DA DA A . n 
B 2 1  DC 1  12 12 DC DC B . n 
B 2 2  DG 2  13 13 DG DG B . n 
B 2 3  DT 3  14 14 DT DT B . n 
B 2 4  DC 4  15 15 DC DC B . n 
B 2 5  DA 5  16 16 DA DA B . n 
B 2 6  DC 6  17 17 DC DC B . n 
B 2 7  DT 7  18 18 DT DT B . n 
B 2 8  DC 8  19 19 DC DC B . n 
B 2 9  DA 9  20 20 DA DA B . n 
C 3 1  DT 1  0  0  DT DT C . n 
C 3 2  DC 2  1  1  DC DC C . n 
C 3 3  DT 3  2  2  DT DT C . n 
C 3 4  DA 4  3  3  DA DA C . n 
C 3 5  DC 5  4  4  DC DC C . n 
C 3 6  DG 6  5  5  DG DG C . n 
D 4 1  DT 1  2  2  DT DT D . n 
D 4 2  DC 2  3  3  DC DC D . n 
D 4 3  DT 3  4  4  DT DT D . n 
D 4 4  DG 4  5  5  DG DG D . n 
D 4 5  DA 5  6  6  DA DA D . n 
D 4 6  DG 6  7  7  DG DG D . n 
D 4 7  DT 7  8  8  DT DT D . n 
D 4 8  DG 8  9  9  DG DG D . n 
D 4 9  DG 9  10 10 DG DG D . n 
D 4 10 DG 10 11 11 DG DG D . n 
D 4 11 DT 11 12 12 DT DT D . n 
D 4 12 DC 12 13 13 DC DC D . n 
D 4 13 DT 13 14 14 DT DT D . n 
D 4 14 DG 14 15 15 DG DG D . n 
D 4 15 DC 15 16 16 DC DC D . n 
# 
loop_
_pdbx_nonpoly_scheme.asym_id 
_pdbx_nonpoly_scheme.entity_id 
_pdbx_nonpoly_scheme.mon_id 
_pdbx_nonpoly_scheme.ndb_seq_num 
_pdbx_nonpoly_scheme.pdb_seq_num 
_pdbx_nonpoly_scheme.auth_seq_num 
_pdbx_nonpoly_scheme.pdb_mon_id 
_pdbx_nonpoly_scheme.auth_mon_id 
_pdbx_nonpoly_scheme.pdb_strand_id 
_pdbx_nonpoly_scheme.pdb_ins_code 
E 5 CAC 1 101 2 CAC AS A . 
F 5 CAC 1 101 1 CAC AS B . 
# 
_pdbx_struct_assembly.id                   1 
_pdbx_struct_assembly.details              author_and_software_defined_assembly 
_pdbx_struct_assembly.method_details       PISA 
_pdbx_struct_assembly.oligomeric_details   tetrameric 
_pdbx_struct_assembly.oligomeric_count     4 
# 
_pdbx_struct_assembly_gen.assembly_id       1 
_pdbx_struct_assembly_gen.oper_expression   1 
_pdbx_struct_assembly_gen.asym_id_list      A,B,C,D,E,F 
# 
loop_
_pdbx_struct_assembly_prop.biol_id 
_pdbx_struct_assembly_prop.type 
_pdbx_struct_assembly_prop.value 
_pdbx_struct_assembly_prop.details 
1 'ABSA (A^2)' 2550 ? 
1 MORE         -9   ? 
1 'SSA (A^2)'  8130 ? 
# 
_pdbx_struct_oper_list.id                   1 
_pdbx_struct_oper_list.type                 'identity operation' 
_pdbx_struct_oper_list.name                 1_555 
_pdbx_struct_oper_list.symmetry_operation   x,y,z 
_pdbx_struct_oper_list.matrix[1][1]         1.0000000000 
_pdbx_struct_oper_list.matrix[1][2]         0.0000000000 
_pdbx_struct_oper_list.matrix[1][3]         0.0000000000 
_pdbx_struct_oper_list.vector[1]            0.0000000000 
_pdbx_struct_oper_list.matrix[2][1]         0.0000000000 
_pdbx_struct_oper_list.matrix[2][2]         1.0000000000 
_pdbx_struct_oper_list.matrix[2][3]         0.0000000000 
_pdbx_struct_oper_list.vector[2]            0.0000000000 
_pdbx_struct_oper_list.matrix[3][1]         0.0000000000 
_pdbx_struct_oper_list.matrix[3][2]         0.0000000000 
_pdbx_struct_oper_list.matrix[3][3]         1.0000000000 
_pdbx_struct_oper_list.vector[3]            0.0000000000 
# 
loop_
_pdbx_audit_revision_history.ordinal 
_pdbx_audit_revision_history.data_content_type 
_pdbx_audit_revision_history.major_revision 
_pdbx_audit_revision_history.minor_revision 
_pdbx_audit_revision_history.revision_date 
1 'Structure model' 1 0 2021-07-14 
2 'Structure model' 1 1 2022-07-06 
3 'Structure model' 1 2 2023-10-18 
# 
_pdbx_audit_revision_details.ordinal             1 
_pdbx_audit_revision_details.revision_ordinal    1 
_pdbx_audit_revision_details.data_content_type   'Structure model' 
_pdbx_audit_revision_details.provider            repository 
_pdbx_audit_revision_details.type                'Initial release' 
_pdbx_audit_revision_details.description         ? 
_pdbx_audit_revision_details.details             ? 
# 
loop_
_pdbx_audit_revision_group.ordinal 
_pdbx_audit_revision_group.revision_ordinal 
_pdbx_audit_revision_group.data_content_type 
_pdbx_audit_revision_group.group 
1 2 'Structure model' 'Database references'    
2 3 'Structure model' 'Data collection'        
3 3 'Structure model' 'Refinement description' 
# 
loop_
_pdbx_audit_revision_category.ordinal 
_pdbx_audit_revision_category.revision_ordinal 
_pdbx_audit_revision_category.data_content_type 
_pdbx_audit_revision_category.category 
1 2 'Structure model' citation                      
2 2 'Structure model' citation_author               
3 2 'Structure model' database_2                    
4 3 'Structure model' chem_comp_atom                
5 3 'Structure model' chem_comp_bond                
6 3 'Structure model' pdbx_initial_refinement_model 
# 
loop_
_pdbx_audit_revision_item.ordinal 
_pdbx_audit_revision_item.revision_ordinal 
_pdbx_audit_revision_item.data_content_type 
_pdbx_audit_revision_item.item 
1  2 'Structure model' '_citation.country'                   
2  2 'Structure model' '_citation.journal_abbrev'            
3  2 'Structure model' '_citation.journal_id_CSD'            
4  2 'Structure model' '_citation.journal_id_ISSN'           
5  2 'Structure model' '_citation.journal_volume'            
6  2 'Structure model' '_citation.page_first'                
7  2 'Structure model' '_citation.page_last'                 
8  2 'Structure model' '_citation.pdbx_database_id_DOI'      
9  2 'Structure model' '_citation.pdbx_database_id_PubMed'   
10 2 'Structure model' '_citation.title'                     
11 2 'Structure model' '_citation.year'                      
12 2 'Structure model' '_database_2.pdbx_DOI'                
13 2 'Structure model' '_database_2.pdbx_database_accession' 
# 
loop_
_software.citation_id 
_software.classification 
_software.compiler_name 
_software.compiler_version 
_software.contact_author 
_software.contact_author_email 
_software.date 
_software.description 
_software.dependencies 
_software.hardware 
_software.language 
_software.location 
_software.mods 
_software.name 
_software.os 
_software.os_version 
_software.type 
_software.version 
_software.pdbx_ordinal 
? 'data reduction'  ? ? ? ? ? ? ? ? ? ? ? HKL-2000    ? ? ? .           1 
? 'data scaling'    ? ? ? ? ? ? ? ? ? ? ? HKL-2000    ? ? ? .           2 
? refinement        ? ? ? ? ? ? ? ? ? ? ? PHENIX      ? ? ? 1.11.1_2575 3 
? 'data extraction' ? ? ? ? ? ? ? ? ? ? ? PDB_EXTRACT ? ? ? 3.25        4 
? phasing           ? ? ? ? ? ? ? ? ? ? ? PHASER      ? ? ? .           5 
# 
_pdbx_entry_details.entry_id                 7JHB 
_pdbx_entry_details.has_ligand_of_interest   N 
_pdbx_entry_details.compound_details         ? 
_pdbx_entry_details.source_details           ? 
_pdbx_entry_details.nonpolymer_details       ? 
_pdbx_entry_details.sequence_details         ? 
# 
_pdbx_validate_rmsd_angle.id                         1 
_pdbx_validate_rmsd_angle.PDB_model_num              1 
_pdbx_validate_rmsd_angle.auth_atom_id_1             "O4'" 
_pdbx_validate_rmsd_angle.auth_asym_id_1             D 
_pdbx_validate_rmsd_angle.auth_comp_id_1             DC 
_pdbx_validate_rmsd_angle.auth_seq_id_1              3 
_pdbx_validate_rmsd_angle.PDB_ins_code_1             ? 
_pdbx_validate_rmsd_angle.label_alt_id_1             ? 
_pdbx_validate_rmsd_angle.auth_atom_id_2             "C1'" 
_pdbx_validate_rmsd_angle.auth_asym_id_2             D 
_pdbx_validate_rmsd_angle.auth_comp_id_2             DC 
_pdbx_validate_rmsd_angle.auth_seq_id_2              3 
_pdbx_validate_rmsd_angle.PDB_ins_code_2             ? 
_pdbx_validate_rmsd_angle.label_alt_id_2             ? 
_pdbx_validate_rmsd_angle.auth_atom_id_3             N1 
_pdbx_validate_rmsd_angle.auth_asym_id_3             D 
_pdbx_validate_rmsd_angle.auth_comp_id_3             DC 
_pdbx_validate_rmsd_angle.auth_seq_id_3              3 
_pdbx_validate_rmsd_angle.PDB_ins_code_3             ? 
_pdbx_validate_rmsd_angle.label_alt_id_3             ? 
_pdbx_validate_rmsd_angle.angle_value                111.27 
_pdbx_validate_rmsd_angle.angle_target_value         108.30 
_pdbx_validate_rmsd_angle.angle_deviation            2.97 
_pdbx_validate_rmsd_angle.angle_standard_deviation   0.30 
_pdbx_validate_rmsd_angle.linker_flag                N 
# 
loop_
_pdbx_unobs_or_zero_occ_atoms.id 
_pdbx_unobs_or_zero_occ_atoms.PDB_model_num 
_pdbx_unobs_or_zero_occ_atoms.polymer_flag 
_pdbx_unobs_or_zero_occ_atoms.occupancy_flag 
_pdbx_unobs_or_zero_occ_atoms.auth_asym_id 
_pdbx_unobs_or_zero_occ_atoms.auth_comp_id 
_pdbx_unobs_or_zero_occ_atoms.auth_seq_id 
_pdbx_unobs_or_zero_occ_atoms.PDB_ins_code 
_pdbx_unobs_or_zero_occ_atoms.auth_atom_id 
_pdbx_unobs_or_zero_occ_atoms.label_alt_id 
_pdbx_unobs_or_zero_occ_atoms.label_asym_id 
_pdbx_unobs_or_zero_occ_atoms.label_comp_id 
_pdbx_unobs_or_zero_occ_atoms.label_seq_id 
_pdbx_unobs_or_zero_occ_atoms.label_atom_id 
1 1 N 1 A CAC 101 ? O1 ? E CAC 1 O1 
2 1 N 1 A CAC 101 ? O2 ? E CAC 1 O2 
3 1 N 1 A CAC 101 ? C1 ? E CAC 1 C1 
4 1 N 1 A CAC 101 ? C2 ? E CAC 1 C2 
5 1 N 1 B CAC 101 ? O1 ? F CAC 1 O1 
6 1 N 1 B CAC 101 ? O2 ? F CAC 1 O2 
7 1 N 1 B CAC 101 ? C1 ? F CAC 1 C1 
8 1 N 1 B CAC 101 ? C2 ? F CAC 1 C2 
# 
loop_
_chem_comp_atom.comp_id 
_chem_comp_atom.atom_id 
_chem_comp_atom.type_symbol 
_chem_comp_atom.pdbx_aromatic_flag 
_chem_comp_atom.pdbx_stereo_config 
_chem_comp_atom.pdbx_ordinal 
CAC AS     AS N N 1   
CAC O1     O  N N 2   
CAC O2     O  N N 3   
CAC C1     C  N N 4   
CAC C2     C  N N 5   
CAC H11    H  N N 6   
CAC H12    H  N N 7   
CAC H13    H  N N 8   
CAC H21    H  N N 9   
CAC H22    H  N N 10  
CAC H23    H  N N 11  
DA  OP3    O  N N 12  
DA  P      P  N N 13  
DA  OP1    O  N N 14  
DA  OP2    O  N N 15  
DA  "O5'"  O  N N 16  
DA  "C5'"  C  N N 17  
DA  "C4'"  C  N R 18  
DA  "O4'"  O  N N 19  
DA  "C3'"  C  N S 20  
DA  "O3'"  O  N N 21  
DA  "C2'"  C  N N 22  
DA  "C1'"  C  N R 23  
DA  N9     N  Y N 24  
DA  C8     C  Y N 25  
DA  N7     N  Y N 26  
DA  C5     C  Y N 27  
DA  C6     C  Y N 28  
DA  N6     N  N N 29  
DA  N1     N  Y N 30  
DA  C2     C  Y N 31  
DA  N3     N  Y N 32  
DA  C4     C  Y N 33  
DA  HOP3   H  N N 34  
DA  HOP2   H  N N 35  
DA  "H5'"  H  N N 36  
DA  "H5''" H  N N 37  
DA  "H4'"  H  N N 38  
DA  "H3'"  H  N N 39  
DA  "HO3'" H  N N 40  
DA  "H2'"  H  N N 41  
DA  "H2''" H  N N 42  
DA  "H1'"  H  N N 43  
DA  H8     H  N N 44  
DA  H61    H  N N 45  
DA  H62    H  N N 46  
DA  H2     H  N N 47  
DC  OP3    O  N N 48  
DC  P      P  N N 49  
DC  OP1    O  N N 50  
DC  OP2    O  N N 51  
DC  "O5'"  O  N N 52  
DC  "C5'"  C  N N 53  
DC  "C4'"  C  N R 54  
DC  "O4'"  O  N N 55  
DC  "C3'"  C  N S 56  
DC  "O3'"  O  N N 57  
DC  "C2'"  C  N N 58  
DC  "C1'"  C  N R 59  
DC  N1     N  N N 60  
DC  C2     C  N N 61  
DC  O2     O  N N 62  
DC  N3     N  N N 63  
DC  C4     C  N N 64  
DC  N4     N  N N 65  
DC  C5     C  N N 66  
DC  C6     C  N N 67  
DC  HOP3   H  N N 68  
DC  HOP2   H  N N 69  
DC  "H5'"  H  N N 70  
DC  "H5''" H  N N 71  
DC  "H4'"  H  N N 72  
DC  "H3'"  H  N N 73  
DC  "HO3'" H  N N 74  
DC  "H2'"  H  N N 75  
DC  "H2''" H  N N 76  
DC  "H1'"  H  N N 77  
DC  H41    H  N N 78  
DC  H42    H  N N 79  
DC  H5     H  N N 80  
DC  H6     H  N N 81  
DG  OP3    O  N N 82  
DG  P      P  N N 83  
DG  OP1    O  N N 84  
DG  OP2    O  N N 85  
DG  "O5'"  O  N N 86  
DG  "C5'"  C  N N 87  
DG  "C4'"  C  N R 88  
DG  "O4'"  O  N N 89  
DG  "C3'"  C  N S 90  
DG  "O3'"  O  N N 91  
DG  "C2'"  C  N N 92  
DG  "C1'"  C  N R 93  
DG  N9     N  Y N 94  
DG  C8     C  Y N 95  
DG  N7     N  Y N 96  
DG  C5     C  Y N 97  
DG  C6     C  N N 98  
DG  O6     O  N N 99  
DG  N1     N  N N 100 
DG  C2     C  N N 101 
DG  N2     N  N N 102 
DG  N3     N  N N 103 
DG  C4     C  Y N 104 
DG  HOP3   H  N N 105 
DG  HOP2   H  N N 106 
DG  "H5'"  H  N N 107 
DG  "H5''" H  N N 108 
DG  "H4'"  H  N N 109 
DG  "H3'"  H  N N 110 
DG  "HO3'" H  N N 111 
DG  "H2'"  H  N N 112 
DG  "H2''" H  N N 113 
DG  "H1'"  H  N N 114 
DG  H8     H  N N 115 
DG  H1     H  N N 116 
DG  H21    H  N N 117 
DG  H22    H  N N 118 
DT  OP3    O  N N 119 
DT  P      P  N N 120 
DT  OP1    O  N N 121 
DT  OP2    O  N N 122 
DT  "O5'"  O  N N 123 
DT  "C5'"  C  N N 124 
DT  "C4'"  C  N R 125 
DT  "O4'"  O  N N 126 
DT  "C3'"  C  N S 127 
DT  "O3'"  O  N N 128 
DT  "C2'"  C  N N 129 
DT  "C1'"  C  N R 130 
DT  N1     N  N N 131 
DT  C2     C  N N 132 
DT  O2     O  N N 133 
DT  N3     N  N N 134 
DT  C4     C  N N 135 
DT  O4     O  N N 136 
DT  C5     C  N N 137 
DT  C7     C  N N 138 
DT  C6     C  N N 139 
DT  HOP3   H  N N 140 
DT  HOP2   H  N N 141 
DT  "H5'"  H  N N 142 
DT  "H5''" H  N N 143 
DT  "H4'"  H  N N 144 
DT  "H3'"  H  N N 145 
DT  "HO3'" H  N N 146 
DT  "H2'"  H  N N 147 
DT  "H2''" H  N N 148 
DT  "H1'"  H  N N 149 
DT  H3     H  N N 150 
DT  H71    H  N N 151 
DT  H72    H  N N 152 
DT  H73    H  N N 153 
DT  H6     H  N N 154 
# 
loop_
_chem_comp_bond.comp_id 
_chem_comp_bond.atom_id_1 
_chem_comp_bond.atom_id_2 
_chem_comp_bond.value_order 
_chem_comp_bond.pdbx_aromatic_flag 
_chem_comp_bond.pdbx_stereo_config 
_chem_comp_bond.pdbx_ordinal 
CAC AS    O1     doub N N 1   
CAC AS    O2     sing N N 2   
CAC AS    C1     sing N N 3   
CAC AS    C2     sing N N 4   
CAC C1    H11    sing N N 5   
CAC C1    H12    sing N N 6   
CAC C1    H13    sing N N 7   
CAC C2    H21    sing N N 8   
CAC C2    H22    sing N N 9   
CAC C2    H23    sing N N 10  
DA  OP3   P      sing N N 11  
DA  OP3   HOP3   sing N N 12  
DA  P     OP1    doub N N 13  
DA  P     OP2    sing N N 14  
DA  P     "O5'"  sing N N 15  
DA  OP2   HOP2   sing N N 16  
DA  "O5'" "C5'"  sing N N 17  
DA  "C5'" "C4'"  sing N N 18  
DA  "C5'" "H5'"  sing N N 19  
DA  "C5'" "H5''" sing N N 20  
DA  "C4'" "O4'"  sing N N 21  
DA  "C4'" "C3'"  sing N N 22  
DA  "C4'" "H4'"  sing N N 23  
DA  "O4'" "C1'"  sing N N 24  
DA  "C3'" "O3'"  sing N N 25  
DA  "C3'" "C2'"  sing N N 26  
DA  "C3'" "H3'"  sing N N 27  
DA  "O3'" "HO3'" sing N N 28  
DA  "C2'" "C1'"  sing N N 29  
DA  "C2'" "H2'"  sing N N 30  
DA  "C2'" "H2''" sing N N 31  
DA  "C1'" N9     sing N N 32  
DA  "C1'" "H1'"  sing N N 33  
DA  N9    C8     sing Y N 34  
DA  N9    C4     sing Y N 35  
DA  C8    N7     doub Y N 36  
DA  C8    H8     sing N N 37  
DA  N7    C5     sing Y N 38  
DA  C5    C6     sing Y N 39  
DA  C5    C4     doub Y N 40  
DA  C6    N6     sing N N 41  
DA  C6    N1     doub Y N 42  
DA  N6    H61    sing N N 43  
DA  N6    H62    sing N N 44  
DA  N1    C2     sing Y N 45  
DA  C2    N3     doub Y N 46  
DA  C2    H2     sing N N 47  
DA  N3    C4     sing Y N 48  
DC  OP3   P      sing N N 49  
DC  OP3   HOP3   sing N N 50  
DC  P     OP1    doub N N 51  
DC  P     OP2    sing N N 52  
DC  P     "O5'"  sing N N 53  
DC  OP2   HOP2   sing N N 54  
DC  "O5'" "C5'"  sing N N 55  
DC  "C5'" "C4'"  sing N N 56  
DC  "C5'" "H5'"  sing N N 57  
DC  "C5'" "H5''" sing N N 58  
DC  "C4'" "O4'"  sing N N 59  
DC  "C4'" "C3'"  sing N N 60  
DC  "C4'" "H4'"  sing N N 61  
DC  "O4'" "C1'"  sing N N 62  
DC  "C3'" "O3'"  sing N N 63  
DC  "C3'" "C2'"  sing N N 64  
DC  "C3'" "H3'"  sing N N 65  
DC  "O3'" "HO3'" sing N N 66  
DC  "C2'" "C1'"  sing N N 67  
DC  "C2'" "H2'"  sing N N 68  
DC  "C2'" "H2''" sing N N 69  
DC  "C1'" N1     sing N N 70  
DC  "C1'" "H1'"  sing N N 71  
DC  N1    C2     sing N N 72  
DC  N1    C6     sing N N 73  
DC  C2    O2     doub N N 74  
DC  C2    N3     sing N N 75  
DC  N3    C4     doub N N 76  
DC  C4    N4     sing N N 77  
DC  C4    C5     sing N N 78  
DC  N4    H41    sing N N 79  
DC  N4    H42    sing N N 80  
DC  C5    C6     doub N N 81  
DC  C5    H5     sing N N 82  
DC  C6    H6     sing N N 83  
DG  OP3   P      sing N N 84  
DG  OP3   HOP3   sing N N 85  
DG  P     OP1    doub N N 86  
DG  P     OP2    sing N N 87  
DG  P     "O5'"  sing N N 88  
DG  OP2   HOP2   sing N N 89  
DG  "O5'" "C5'"  sing N N 90  
DG  "C5'" "C4'"  sing N N 91  
DG  "C5'" "H5'"  sing N N 92  
DG  "C5'" "H5''" sing N N 93  
DG  "C4'" "O4'"  sing N N 94  
DG  "C4'" "C3'"  sing N N 95  
DG  "C4'" "H4'"  sing N N 96  
DG  "O4'" "C1'"  sing N N 97  
DG  "C3'" "O3'"  sing N N 98  
DG  "C3'" "C2'"  sing N N 99  
DG  "C3'" "H3'"  sing N N 100 
DG  "O3'" "HO3'" sing N N 101 
DG  "C2'" "C1'"  sing N N 102 
DG  "C2'" "H2'"  sing N N 103 
DG  "C2'" "H2''" sing N N 104 
DG  "C1'" N9     sing N N 105 
DG  "C1'" "H1'"  sing N N 106 
DG  N9    C8     sing Y N 107 
DG  N9    C4     sing Y N 108 
DG  C8    N7     doub Y N 109 
DG  C8    H8     sing N N 110 
DG  N7    C5     sing Y N 111 
DG  C5    C6     sing N N 112 
DG  C5    C4     doub Y N 113 
DG  C6    O6     doub N N 114 
DG  C6    N1     sing N N 115 
DG  N1    C2     sing N N 116 
DG  N1    H1     sing N N 117 
DG  C2    N2     sing N N 118 
DG  C2    N3     doub N N 119 
DG  N2    H21    sing N N 120 
DG  N2    H22    sing N N 121 
DG  N3    C4     sing N N 122 
DT  OP3   P      sing N N 123 
DT  OP3   HOP3   sing N N 124 
DT  P     OP1    doub N N 125 
DT  P     OP2    sing N N 126 
DT  P     "O5'"  sing N N 127 
DT  OP2   HOP2   sing N N 128 
DT  "O5'" "C5'"  sing N N 129 
DT  "C5'" "C4'"  sing N N 130 
DT  "C5'" "H5'"  sing N N 131 
DT  "C5'" "H5''" sing N N 132 
DT  "C4'" "O4'"  sing N N 133 
DT  "C4'" "C3'"  sing N N 134 
DT  "C4'" "H4'"  sing N N 135 
DT  "O4'" "C1'"  sing N N 136 
DT  "C3'" "O3'"  sing N N 137 
DT  "C3'" "C2'"  sing N N 138 
DT  "C3'" "H3'"  sing N N 139 
DT  "O3'" "HO3'" sing N N 140 
DT  "C2'" "C1'"  sing N N 141 
DT  "C2'" "H2'"  sing N N 142 
DT  "C2'" "H2''" sing N N 143 
DT  "C1'" N1     sing N N 144 
DT  "C1'" "H1'"  sing N N 145 
DT  N1    C2     sing N N 146 
DT  N1    C6     sing N N 147 
DT  C2    O2     doub N N 148 
DT  C2    N3     sing N N 149 
DT  N3    C4     sing N N 150 
DT  N3    H3     sing N N 151 
DT  C4    O4     doub N N 152 
DT  C4    C5     sing N N 153 
DT  C5    C7     sing N N 154 
DT  C5    C6     doub N N 155 
DT  C7    H71    sing N N 156 
DT  C7    H72    sing N N 157 
DT  C7    H73    sing N N 158 
DT  C6    H6     sing N N 159 
# 
loop_
_ndb_struct_conf_na.entry_id 
_ndb_struct_conf_na.feature 
7JHB 'double helix'        
7JHB 'b-form double helix' 
# 
loop_
_ndb_struct_na_base_pair.model_number 
_ndb_struct_na_base_pair.i_label_asym_id 
_ndb_struct_na_base_pair.i_label_comp_id 
_ndb_struct_na_base_pair.i_label_seq_id 
_ndb_struct_na_base_pair.i_symmetry 
_ndb_struct_na_base_pair.j_label_asym_id 
_ndb_struct_na_base_pair.j_label_comp_id 
_ndb_struct_na_base_pair.j_label_seq_id 
_ndb_struct_na_base_pair.j_symmetry 
_ndb_struct_na_base_pair.shear 
_ndb_struct_na_base_pair.stretch 
_ndb_struct_na_base_pair.stagger 
_ndb_struct_na_base_pair.buckle 
_ndb_struct_na_base_pair.propeller 
_ndb_struct_na_base_pair.opening 
_ndb_struct_na_base_pair.pair_number 
_ndb_struct_na_base_pair.pair_name 
_ndb_struct_na_base_pair.i_auth_asym_id 
_ndb_struct_na_base_pair.i_auth_seq_id 
_ndb_struct_na_base_pair.i_PDB_ins_code 
_ndb_struct_na_base_pair.j_auth_asym_id 
_ndb_struct_na_base_pair.j_auth_seq_id 
_ndb_struct_na_base_pair.j_PDB_ins_code 
_ndb_struct_na_base_pair.hbond_type_28 
_ndb_struct_na_base_pair.hbond_type_12 
1 A DG 3  1_555 D DC 15 1_555 0.857  0.124  0.220  -9.372  -7.738  7.956   1  A_DG3:DC16_D A 3  ? D 16 ? 19 1 
1 A DC 4  1_555 D DG 14 1_555 -0.623 0.880  0.162  -6.745  -2.412  14.751  2  A_DC4:DG15_D A 4  ? D 15 ? ?  1 
1 A DA 5  1_555 D DT 13 1_555 1.641  0.184  0.303  -3.901  -0.119  -16.733 3  A_DA5:DT14_D A 5  ? D 14 ? 20 1 
1 A DG 6  1_555 D DC 12 1_555 0.397  0.029  0.354  -1.619  0.736   -24.639 4  A_DG6:DC13_D A 6  ? D 13 ? ?  1 
1 A DC 8  1_555 D DG 10 1_555 -0.472 -0.143 -0.292 10.200  2.239   -1.506  5  A_DC8:DG11_D A 8  ? D 11 ? 19 1 
1 A DC 9  1_555 D DG 9  1_555 -0.484 -0.344 -0.687 15.946  -9.764  -10.211 6  A_DC9:DG10_D A 9  ? D 10 ? 19 1 
1 A DA 10 1_555 C DT 3  1_555 -0.258 0.105  0.959  6.603   -13.130 -23.634 7  A_DA10:DT2_C A 10 ? C 2  ? 20 1 
1 A DG 11 1_555 C DC 2  1_555 -0.554 -0.305 0.619  1.346   -15.501 -7.608  8  A_DG11:DC1_C A 11 ? C 1  ? 19 1 
1 A DA 12 1_555 C DT 1  1_555 1.008  0.023  0.121  6.774   -7.013  -22.549 9  A_DA12:DT0_C A 12 ? C 0  ? 20 1 
1 B DC 1  1_555 C DG 6  1_555 0.839  -0.500 0.441  4.575   -10.998 -6.796  10 B_DC12:DG5_C B 12 ? C 5  ? 19 1 
1 B DG 2  1_555 C DC 5  1_555 -0.048 -0.501 -0.406 -6.314  3.045   -8.900  11 B_DG13:DC4_C B 13 ? C 4  ? 19 1 
1 B DT 3  1_555 C DA 4  1_555 -1.168 -0.134 -0.340 5.453   1.743   -11.557 12 B_DT14:DA3_C B 14 ? C 3  ? 20 1 
1 B DC 4  1_555 D DG 8  1_555 -0.024 0.185  -0.046 1.902   -8.849  9.916   13 B_DC15:DG9_D B 15 ? D 9  ? 19 1 
1 B DA 5  1_555 D DT 7  1_555 1.522  -0.062 0.110  -1.949  -16.729 -3.833  14 B_DA16:DT8_D B 16 ? D 8  ? 20 1 
1 B DC 6  1_555 D DG 6  1_555 -0.077 -0.367 -0.106 3.067   -16.017 -5.784  15 B_DC17:DG7_D B 17 ? D 7  ? 19 1 
1 B DT 7  1_555 D DA 5  1_555 -0.249 -0.094 0.238  -5.742  -15.356 -4.828  16 B_DT18:DA6_D B 18 ? D 6  ? 20 1 
1 B DC 8  1_555 D DG 4  1_555 -0.544 -0.368 0.173  -11.129 -7.125  0.462   17 B_DC19:DG5_D B 19 ? D 5  ? 19 1 
# 
loop_
_ndb_struct_na_base_pair_step.model_number 
_ndb_struct_na_base_pair_step.i_label_asym_id_1 
_ndb_struct_na_base_pair_step.i_label_comp_id_1 
_ndb_struct_na_base_pair_step.i_label_seq_id_1 
_ndb_struct_na_base_pair_step.i_symmetry_1 
_ndb_struct_na_base_pair_step.j_label_asym_id_1 
_ndb_struct_na_base_pair_step.j_label_comp_id_1 
_ndb_struct_na_base_pair_step.j_label_seq_id_1 
_ndb_struct_na_base_pair_step.j_symmetry_1 
_ndb_struct_na_base_pair_step.i_label_asym_id_2 
_ndb_struct_na_base_pair_step.i_label_comp_id_2 
_ndb_struct_na_base_pair_step.i_label_seq_id_2 
_ndb_struct_na_base_pair_step.i_symmetry_2 
_ndb_struct_na_base_pair_step.j_label_asym_id_2 
_ndb_struct_na_base_pair_step.j_label_comp_id_2 
_ndb_struct_na_base_pair_step.j_label_seq_id_2 
_ndb_struct_na_base_pair_step.j_symmetry_2 
_ndb_struct_na_base_pair_step.shift 
_ndb_struct_na_base_pair_step.slide 
_ndb_struct_na_base_pair_step.rise 
_ndb_struct_na_base_pair_step.tilt 
_ndb_struct_na_base_pair_step.roll 
_ndb_struct_na_base_pair_step.twist 
_ndb_struct_na_base_pair_step.x_displacement 
_ndb_struct_na_base_pair_step.y_displacement 
_ndb_struct_na_base_pair_step.helical_rise 
_ndb_struct_na_base_pair_step.inclination 
_ndb_struct_na_base_pair_step.tip 
_ndb_struct_na_base_pair_step.helical_twist 
_ndb_struct_na_base_pair_step.step_number 
_ndb_struct_na_base_pair_step.step_name 
_ndb_struct_na_base_pair_step.i_auth_asym_id_1 
_ndb_struct_na_base_pair_step.i_auth_seq_id_1 
_ndb_struct_na_base_pair_step.i_PDB_ins_code_1 
_ndb_struct_na_base_pair_step.j_auth_asym_id_1 
_ndb_struct_na_base_pair_step.j_auth_seq_id_1 
_ndb_struct_na_base_pair_step.j_PDB_ins_code_1 
_ndb_struct_na_base_pair_step.i_auth_asym_id_2 
_ndb_struct_na_base_pair_step.i_auth_seq_id_2 
_ndb_struct_na_base_pair_step.i_PDB_ins_code_2 
_ndb_struct_na_base_pair_step.j_auth_asym_id_2 
_ndb_struct_na_base_pair_step.j_auth_seq_id_2 
_ndb_struct_na_base_pair_step.j_PDB_ins_code_2 
1 A DG 3  1_555 D DC 15 1_555 A DC 4  1_555 D DG 14 1_555 1.069  -0.175 3.181 1.095   -0.037 32.416 -0.307 -1.725 3.215 -0.066 
-1.961 32.434 1  AA_DG3DC4:DG15DC16_DD A 3  ? D 16 ? A 4  ? D 15 ? 
1 A DC 4  1_555 D DG 14 1_555 A DA 5  1_555 D DT 13 1_555 -1.711 0.454  3.546 -2.522  2.029  44.717 0.393  1.992  3.649 2.663  
3.310  44.828 2  AA_DC4DA5:DT14DG15_DD A 4  ? D 15 ? A 5  ? D 14 ? 
1 A DA 5  1_555 D DT 13 1_555 A DG 6  1_555 D DC 12 1_555 -0.030 -0.908 3.211 -2.476  2.271  26.917 -2.494 -0.544 3.115 4.855  
5.293  27.122 3  AA_DA5DG6:DC13DT14_DD A 5  ? D 14 ? A 6  ? D 13 ? 
1 A DG 6  1_555 D DC 12 1_555 A DC 8  1_555 D DG 10 1_555 1.288  -2.178 6.206 1.462   5.337  63.689 -2.491 -1.098 6.051 5.047  
-1.383 63.904 4  AA_DG6DC8:DG11DC13_DD A 6  ? D 13 ? A 8  ? D 11 ? 
1 A DC 8  1_555 D DG 10 1_555 A DC 9  1_555 D DG 9  1_555 -1.074 -0.477 3.036 -0.160  3.513  38.126 -1.135 1.619  2.987 5.364  
0.244  38.282 5  AA_DC8DC9:DG10DG11_DD A 8  ? D 11 ? A 9  ? D 10 ? 
1 A DC 9  1_555 D DG 9  1_555 A DA 10 1_555 C DT 3  1_555 -1.063 -2.244 3.701 -12.587 3.653  19.951 -6.836 -2.257 3.320 9.351  
32.221 23.834 6  AA_DC9DA10:DT2DG10_CD A 9  ? D 10 ? A 10 ? C 2  ? 
1 A DA 10 1_555 C DT 3  1_555 A DG 11 1_555 C DC 2  1_555 0.201  -0.752 3.464 0.800   0.033  34.966 -1.257 -0.207 3.467 0.054  
-1.331 34.975 7  AA_DA10DG11:DC1DT2_CC A 10 ? C 2  ? A 11 ? C 1  ? 
1 A DG 11 1_555 C DC 2  1_555 A DA 12 1_555 C DT 1  1_555 -0.913 -0.495 3.223 4.012   5.474  44.393 -1.127 1.547  3.055 7.194  
-5.274 44.883 8  AA_DG11DA12:DT0DC1_CC A 11 ? C 1  ? A 12 ? C 0  ? 
1 B DC 1  1_555 C DG 6  1_555 B DG 2  1_555 C DC 5  1_555 -0.150 -1.210 3.417 5.323   7.310  32.189 -3.319 1.145  3.015 12.871 
-9.372 33.402 9  BB_DC12DG13:DC4DG5_CC B 12 ? C 5  ? B 13 ? C 4  ? 
1 B DG 2  1_555 C DC 5  1_555 B DT 3  1_555 C DA 4  1_555 -0.362 -1.192 3.099 -0.727  2.570  30.169 -2.766 0.557  2.998 4.925  
1.393  30.284 10 BB_DG13DT14:DA3DC4_CC B 13 ? C 4  ? B 14 ? C 3  ? 
1 B DT 3  1_555 C DA 4  1_555 B DC 4  1_555 D DG 8  1_555 0.352  -1.147 3.338 -1.024  5.309  28.610 -3.431 -0.921 3.065 10.624 
2.050  29.106 11 BB_DT14DC15:DG9DA3_DC B 14 ? C 3  ? B 15 ? D 9  ? 
1 B DC 4  1_555 D DG 8  1_555 B DA 5  1_555 D DT 7  1_555 -1.476 0.855  3.514 -2.826  3.253  39.500 0.842  1.811  3.663 4.795  
4.167  39.725 12 BB_DC15DA16:DT8DG9_DD B 15 ? D 9  ? B 16 ? D 8  ? 
1 B DA 5  1_555 D DT 7  1_555 B DC 6  1_555 D DG 6  1_555 0.704  -0.542 3.087 -0.093  0.182  31.747 -1.022 -1.304 3.082 0.333  
0.171  31.748 13 BB_DA16DC17:DG7DT8_DD B 16 ? D 8  ? B 17 ? D 7  ? 
1 B DC 6  1_555 D DG 6  1_555 B DT 7  1_555 D DA 5  1_555 -0.440 -0.883 3.593 -1.141  0.191  36.381 -1.443 0.531  3.600 0.305  
1.827  36.399 14 BB_DC17DT18:DA6DG7_DD B 17 ? D 7  ? B 18 ? D 6  ? 
1 B DT 7  1_555 D DA 5  1_555 B DC 8  1_555 D DG 4  1_555 0.488  1.009  3.516 0.634   -0.244 37.510 1.604  -0.670 3.517 -0.380 
-0.985 37.516 15 BB_DT18DC19:DG5DA6_DD B 18 ? D 6  ? B 19 ? D 5  ? 
# 
loop_
_pdbx_audit_support.funding_organization 
_pdbx_audit_support.country 
_pdbx_audit_support.grant_number 
_pdbx_audit_support.ordinal 
'National Science Foundation (NSF, United States)'                                         'United States' 1360635     1 
'National Institutes of Health/National Institute of General Medical Sciences (NIH/NIGMS)' 'United States' R01GM104960 2 
'National Science Foundation (NSF, United States)'                                         'United States' NSF2004250  3 
# 
_pdbx_entity_nonpoly.entity_id   5 
_pdbx_entity_nonpoly.name        'CACODYLATE ION' 
_pdbx_entity_nonpoly.comp_id     CAC 
# 
_pdbx_initial_refinement_model.id               1 
_pdbx_initial_refinement_model.entity_id_list   ? 
_pdbx_initial_refinement_model.type             'experimental model' 
_pdbx_initial_refinement_model.source_name      PDB 
_pdbx_initial_refinement_model.accession_code   6XNA 
_pdbx_initial_refinement_model.details          ? 
# 
_pdbx_struct_assembly_auth_evidence.id                     1 
_pdbx_struct_assembly_auth_evidence.assembly_id            1 
_pdbx_struct_assembly_auth_evidence.experimental_support   none 
_pdbx_struct_assembly_auth_evidence.details                ? 
# 
